data_2G69
# 
_entry.id   2G69 
# 
_audit_conform.dict_name       mmcif_pdbx.dic 
_audit_conform.dict_version    5.387 
_audit_conform.dict_location   http://mmcif.pdb.org/dictionaries/ascii/mmcif_pdbx.dic 
# 
loop_
_database_2.database_id 
_database_2.database_code 
_database_2.pdbx_database_accession 
_database_2.pdbx_DOI 
PDB   2G69         pdb_00002g69 10.2210/pdb2g69/pdb 
RCSB  RCSB036740   ?            ?                   
WWPDB D_1000036740 ?            ?                   
# 
loop_
_pdbx_audit_revision_history.ordinal 
_pdbx_audit_revision_history.data_content_type 
_pdbx_audit_revision_history.major_revision 
_pdbx_audit_revision_history.minor_revision 
_pdbx_audit_revision_history.revision_date 
1 'Structure model' 1 0 2006-05-09 
2 'Structure model' 1 1 2008-05-01 
3 'Structure model' 1 2 2011-07-13 
4 'Structure model' 1 3 2017-10-18 
5 'Structure model' 1 4 2021-10-20 
6 'Structure model' 1 5 2024-02-14 
# 
_pdbx_audit_revision_details.ordinal             1 
_pdbx_audit_revision_details.revision_ordinal    1 
_pdbx_audit_revision_details.data_content_type   'Structure model' 
_pdbx_audit_revision_details.provider            repository 
_pdbx_audit_revision_details.type                'Initial release' 
_pdbx_audit_revision_details.description         ? 
_pdbx_audit_revision_details.details             ? 
# 
loop_
_pdbx_audit_revision_group.ordinal 
_pdbx_audit_revision_group.revision_ordinal 
_pdbx_audit_revision_group.data_content_type 
_pdbx_audit_revision_group.group 
1 2 'Structure model' 'Version format compliance' 
2 3 'Structure model' 'Derived calculations'      
3 3 'Structure model' 'Version format compliance' 
4 4 'Structure model' 'Refinement description'    
5 5 'Structure model' 'Database references'       
6 6 'Structure model' 'Data collection'           
# 
loop_
_pdbx_audit_revision_category.ordinal 
_pdbx_audit_revision_category.revision_ordinal 
_pdbx_audit_revision_category.data_content_type 
_pdbx_audit_revision_category.category 
1 4 'Structure model' software           
2 5 'Structure model' database_2         
3 5 'Structure model' struct_ref_seq_dif 
4 6 'Structure model' chem_comp_atom     
5 6 'Structure model' chem_comp_bond     
# 
loop_
_pdbx_audit_revision_item.ordinal 
_pdbx_audit_revision_item.revision_ordinal 
_pdbx_audit_revision_item.data_content_type 
_pdbx_audit_revision_item.item 
1 4 'Structure model' '_software.classification'            
2 4 'Structure model' '_software.name'                      
3 5 'Structure model' '_database_2.pdbx_DOI'                
4 5 'Structure model' '_database_2.pdbx_database_accession' 
5 5 'Structure model' '_struct_ref_seq_dif.details'         
# 
_pdbx_database_status.status_code                     REL 
_pdbx_database_status.entry_id                        2G69 
_pdbx_database_status.recvd_initial_deposition_date   2006-02-24 
_pdbx_database_status.deposit_site                    RCSB 
_pdbx_database_status.process_site                    RCSB 
_pdbx_database_status.status_code_sf                  REL 
_pdbx_database_status.status_code_mr                  ? 
_pdbx_database_status.SG_entry                        ? 
_pdbx_database_status.pdb_format_compatible           Y 
_pdbx_database_status.status_code_cs                  ? 
_pdbx_database_status.methods_development_category    ? 
_pdbx_database_status.status_code_nmr_data            ? 
# 
loop_
_audit_author.name 
_audit_author.pdbx_ordinal 
'Kovalevsky, A.Y.' 1 
'Liu, F.'          2 
# 
_citation.id                        primary 
_citation.title                     
'Mechanism of Drug Resistance Revealed by the Crystal Structure of the Unliganded HIV-1 Protease with F53L Mutation.' 
_citation.journal_abbrev            J.Mol.Biol. 
_citation.journal_volume            358 
_citation.page_first                1191 
_citation.page_last                 1199 
_citation.year                      2006 
_citation.journal_id_ASTM           JMOBAK 
_citation.country                   UK 
_citation.journal_id_ISSN           0022-2836 
_citation.journal_id_CSD            0070 
_citation.book_publisher            ? 
_citation.pdbx_database_id_PubMed   16569415 
_citation.pdbx_database_id_DOI      10.1016/j.jmb.2006.02.076 
# 
loop_
_citation_author.citation_id 
_citation_author.name 
_citation_author.ordinal 
_citation_author.identifier_ORCID 
primary 'Liu, F.'          1 ? 
primary 'Kovalevsky, A.Y.' 2 ? 
primary 'Louis, J.M.'      3 ? 
primary 'Boross, P.I.'     4 ? 
primary 'Wang, Y.F.'       5 ? 
primary 'Harrison, R.W.'   6 ? 
primary 'Weber, I.T.'      7 ? 
# 
loop_
_entity.id 
_entity.type 
_entity.src_method 
_entity.pdbx_description 
_entity.formula_weight 
_entity.pdbx_number_of_molecules 
_entity.pdbx_ec 
_entity.pdbx_mutation 
_entity.pdbx_fragment 
_entity.details 
1 polymer man protease 10706.660 1  3.4.23.16 'Q7K, L33I, F53L, L63I, C67A, C95A' 'HIV-1 protease monomer' ? 
2 water   nat water    18.015    91 ?         ?                                   ?                        ? 
# 
_entity_poly.entity_id                      1 
_entity_poly.type                           'polypeptide(L)' 
_entity_poly.nstd_linkage                   no 
_entity_poly.nstd_monomer                   no 
_entity_poly.pdbx_seq_one_letter_code       
;PQITLWKRPLVTIKIGGQLKEALLDTGADDTVIEEMSLPGRWKPKMIGGIGGLIKVRQYDQIIIEIAGHKAIGTVLVGPT
PVNIIGRNLLTQIGATLNF
;
_entity_poly.pdbx_seq_one_letter_code_can   
;PQITLWKRPLVTIKIGGQLKEALLDTGADDTVIEEMSLPGRWKPKMIGGIGGLIKVRQYDQIIIEIAGHKAIGTVLVGPT
PVNIIGRNLLTQIGATLNF
;
_entity_poly.pdbx_strand_id                 A 
_entity_poly.pdbx_target_identifier         ? 
# 
_pdbx_entity_nonpoly.entity_id   2 
_pdbx_entity_nonpoly.name        water 
_pdbx_entity_nonpoly.comp_id     HOH 
# 
loop_
_entity_poly_seq.entity_id 
_entity_poly_seq.num 
_entity_poly_seq.mon_id 
_entity_poly_seq.hetero 
1 1  PRO n 
1 2  GLN n 
1 3  ILE n 
1 4  THR n 
1 5  LEU n 
1 6  TRP n 
1 7  LYS n 
1 8  ARG n 
1 9  PRO n 
1 10 LEU n 
1 11 VAL n 
1 12 THR n 
1 13 ILE n 
1 14 LYS n 
1 15 ILE n 
1 16 GLY n 
1 17 GLY n 
1 18 GLN n 
1 19 LEU n 
1 20 LYS n 
1 21 GLU n 
1 22 ALA n 
1 23 LEU n 
1 24 LEU n 
1 25 ASP n 
1 26 THR n 
1 27 GLY n 
1 28 ALA n 
1 29 ASP n 
1 30 ASP n 
1 31 THR n 
1 32 VAL n 
1 33 ILE n 
1 34 GLU n 
1 35 GLU n 
1 36 MET n 
1 37 SER n 
1 38 LEU n 
1 39 PRO n 
1 40 GLY n 
1 41 ARG n 
1 42 TRP n 
1 43 LYS n 
1 44 PRO n 
1 45 LYS n 
1 46 MET n 
1 47 ILE n 
1 48 GLY n 
1 49 GLY n 
1 50 ILE n 
1 51 GLY n 
1 52 GLY n 
1 53 LEU n 
1 54 ILE n 
1 55 LYS n 
1 56 VAL n 
1 57 ARG n 
1 58 GLN n 
1 59 TYR n 
1 60 ASP n 
1 61 GLN n 
1 62 ILE n 
1 63 ILE n 
1 64 ILE n 
1 65 GLU n 
1 66 ILE n 
1 67 ALA n 
1 68 GLY n 
1 69 HIS n 
1 70 LYS n 
1 71 ALA n 
1 72 ILE n 
1 73 GLY n 
1 74 THR n 
1 75 VAL n 
1 76 LEU n 
1 77 VAL n 
1 78 GLY n 
1 79 PRO n 
1 80 THR n 
1 81 PRO n 
1 82 VAL n 
1 83 ASN n 
1 84 ILE n 
1 85 ILE n 
1 86 GLY n 
1 87 ARG n 
1 88 ASN n 
1 89 LEU n 
1 90 LEU n 
1 91 THR n 
1 92 GLN n 
1 93 ILE n 
1 94 GLY n 
1 95 ALA n 
1 96 THR n 
1 97 LEU n 
1 98 ASN n 
1 99 PHE n 
# 
_entity_src_gen.entity_id                          1 
_entity_src_gen.pdbx_src_id                        1 
_entity_src_gen.pdbx_alt_source_flag               sample 
_entity_src_gen.pdbx_seq_type                      ? 
_entity_src_gen.pdbx_beg_seq_num                   ? 
_entity_src_gen.pdbx_end_seq_num                   ? 
_entity_src_gen.gene_src_common_name               ? 
_entity_src_gen.gene_src_genus                     Lentivirus 
_entity_src_gen.pdbx_gene_src_gene                 ? 
_entity_src_gen.gene_src_species                   ? 
_entity_src_gen.gene_src_strain                    ? 
_entity_src_gen.gene_src_tissue                    ? 
_entity_src_gen.gene_src_tissue_fraction           ? 
_entity_src_gen.gene_src_details                   ? 
_entity_src_gen.pdbx_gene_src_fragment             ? 
_entity_src_gen.pdbx_gene_src_scientific_name      'Human immunodeficiency virus 1' 
_entity_src_gen.pdbx_gene_src_ncbi_taxonomy_id     11676 
_entity_src_gen.pdbx_gene_src_variant              ? 
_entity_src_gen.pdbx_gene_src_cell_line            ? 
_entity_src_gen.pdbx_gene_src_atcc                 ? 
_entity_src_gen.pdbx_gene_src_organ                ? 
_entity_src_gen.pdbx_gene_src_organelle            ? 
_entity_src_gen.pdbx_gene_src_cell                 ? 
_entity_src_gen.pdbx_gene_src_cellular_location    ? 
_entity_src_gen.host_org_common_name               ? 
_entity_src_gen.pdbx_host_org_scientific_name      'Escherichia coli' 
_entity_src_gen.pdbx_host_org_ncbi_taxonomy_id     562 
_entity_src_gen.host_org_genus                     Escherichia 
_entity_src_gen.pdbx_host_org_gene                 ? 
_entity_src_gen.pdbx_host_org_organ                ? 
_entity_src_gen.host_org_species                   ? 
_entity_src_gen.pdbx_host_org_tissue               ? 
_entity_src_gen.pdbx_host_org_tissue_fraction      ? 
_entity_src_gen.pdbx_host_org_strain               ? 
_entity_src_gen.pdbx_host_org_variant              ? 
_entity_src_gen.pdbx_host_org_cell_line            ? 
_entity_src_gen.pdbx_host_org_atcc                 ? 
_entity_src_gen.pdbx_host_org_culture_collection   ? 
_entity_src_gen.pdbx_host_org_cell                 ? 
_entity_src_gen.pdbx_host_org_organelle            ? 
_entity_src_gen.pdbx_host_org_cellular_location    ? 
_entity_src_gen.pdbx_host_org_vector_type          ? 
_entity_src_gen.pdbx_host_org_vector               ? 
_entity_src_gen.host_org_details                   ? 
_entity_src_gen.expression_system_id               ? 
_entity_src_gen.plasmid_name                       ? 
_entity_src_gen.plasmid_details                    ? 
_entity_src_gen.pdbx_description                   ? 
# 
loop_
_chem_comp.id 
_chem_comp.type 
_chem_comp.mon_nstd_flag 
_chem_comp.name 
_chem_comp.pdbx_synonyms 
_chem_comp.formula 
_chem_comp.formula_weight 
ALA 'L-peptide linking' y ALANINE         ? 'C3 H7 N O2'     89.093  
ARG 'L-peptide linking' y ARGININE        ? 'C6 H15 N4 O2 1' 175.209 
ASN 'L-peptide linking' y ASPARAGINE      ? 'C4 H8 N2 O3'    132.118 
ASP 'L-peptide linking' y 'ASPARTIC ACID' ? 'C4 H7 N O4'     133.103 
CYS 'L-peptide linking' y CYSTEINE        ? 'C3 H7 N O2 S'   121.158 
GLN 'L-peptide linking' y GLUTAMINE       ? 'C5 H10 N2 O3'   146.144 
GLU 'L-peptide linking' y 'GLUTAMIC ACID' ? 'C5 H9 N O4'     147.129 
GLY 'peptide linking'   y GLYCINE         ? 'C2 H5 N O2'     75.067  
HIS 'L-peptide linking' y HISTIDINE       ? 'C6 H10 N3 O2 1' 156.162 
HOH non-polymer         . WATER           ? 'H2 O'           18.015  
ILE 'L-peptide linking' y ISOLEUCINE      ? 'C6 H13 N O2'    131.173 
LEU 'L-peptide linking' y LEUCINE         ? 'C6 H13 N O2'    131.173 
LYS 'L-peptide linking' y LYSINE          ? 'C6 H15 N2 O2 1' 147.195 
MET 'L-peptide linking' y METHIONINE      ? 'C5 H11 N O2 S'  149.211 
PHE 'L-peptide linking' y PHENYLALANINE   ? 'C9 H11 N O2'    165.189 
PRO 'L-peptide linking' y PROLINE         ? 'C5 H9 N O2'     115.130 
SER 'L-peptide linking' y SERINE          ? 'C3 H7 N O3'     105.093 
THR 'L-peptide linking' y THREONINE       ? 'C4 H9 N O3'     119.119 
TRP 'L-peptide linking' y TRYPTOPHAN      ? 'C11 H12 N2 O2'  204.225 
TYR 'L-peptide linking' y TYROSINE        ? 'C9 H11 N O3'    181.189 
VAL 'L-peptide linking' y VALINE          ? 'C5 H11 N O2'    117.146 
# 
loop_
_pdbx_poly_seq_scheme.asym_id 
_pdbx_poly_seq_scheme.entity_id 
_pdbx_poly_seq_scheme.seq_id 
_pdbx_poly_seq_scheme.mon_id 
_pdbx_poly_seq_scheme.ndb_seq_num 
_pdbx_poly_seq_scheme.pdb_seq_num 
_pdbx_poly_seq_scheme.auth_seq_num 
_pdbx_poly_seq_scheme.pdb_mon_id 
_pdbx_poly_seq_scheme.auth_mon_id 
_pdbx_poly_seq_scheme.pdb_strand_id 
_pdbx_poly_seq_scheme.pdb_ins_code 
_pdbx_poly_seq_scheme.hetero 
A 1 1  PRO 1  1  1  PRO PRO A . n 
A 1 2  GLN 2  2  2  GLN GLN A . n 
A 1 3  ILE 3  3  3  ILE ILE A . n 
A 1 4  THR 4  4  4  THR THR A . n 
A 1 5  LEU 5  5  5  LEU LEU A . n 
A 1 6  TRP 6  6  6  TRP TRP A . n 
A 1 7  LYS 7  7  7  LYS LYS A . n 
A 1 8  ARG 8  8  8  ARG ARG A . n 
A 1 9  PRO 9  9  9  PRO PRO A . n 
A 1 10 LEU 10 10 10 LEU LEU A . n 
A 1 11 VAL 11 11 11 VAL VAL A . n 
A 1 12 THR 12 12 12 THR THR A . n 
A 1 13 ILE 13 13 13 ILE ILE A . n 
A 1 14 LYS 14 14 14 LYS LYS A . n 
A 1 15 ILE 15 15 15 ILE ILE A . n 
A 1 16 GLY 16 16 16 GLY GLY A . n 
A 1 17 GLY 17 17 17 GLY GLY A . n 
A 1 18 GLN 18 18 18 GLN GLN A . n 
A 1 19 LEU 19 19 19 LEU LEU A . n 
A 1 20 LYS 20 20 20 LYS LYS A . n 
A 1 21 GLU 21 21 21 GLU GLU A . n 
A 1 22 ALA 22 22 22 ALA ALA A . n 
A 1 23 LEU 23 23 23 LEU LEU A . n 
A 1 24 LEU 24 24 24 LEU LEU A . n 
A 1 25 ASP 25 25 25 ASP ASP A . n 
A 1 26 THR 26 26 26 THR THR A . n 
A 1 27 GLY 27 27 27 GLY GLY A . n 
A 1 28 ALA 28 28 28 ALA ALA A . n 
A 1 29 ASP 29 29 29 ASP ASP A . n 
A 1 30 ASP 30 30 30 ASP ASP A . n 
A 1 31 THR 31 31 31 THR THR A . n 
A 1 32 VAL 32 32 32 VAL VAL A . n 
A 1 33 ILE 33 33 33 ILE ILE A . n 
A 1 34 GLU 34 34 34 GLU GLU A . n 
A 1 35 GLU 35 35 35 GLU GLU A . n 
A 1 36 MET 36 36 36 MET MET A . n 
A 1 37 SER 37 37 37 SER SER A . n 
A 1 38 LEU 38 38 38 LEU LEU A . n 
A 1 39 PRO 39 39 39 PRO PRO A . n 
A 1 40 GLY 40 40 40 GLY GLY A . n 
A 1 41 ARG 41 41 41 ARG ARG A . n 
A 1 42 TRP 42 42 42 TRP TRP A . n 
A 1 43 LYS 43 43 43 LYS LYS A . n 
A 1 44 PRO 44 44 44 PRO PRO A . n 
A 1 45 LYS 45 45 45 LYS LYS A . n 
A 1 46 MET 46 46 46 MET MET A . n 
A 1 47 ILE 47 47 47 ILE ILE A . n 
A 1 48 GLY 48 48 48 GLY GLY A . n 
A 1 49 GLY 49 49 49 GLY GLY A . n 
A 1 50 ILE 50 50 50 ILE ILE A . n 
A 1 51 GLY 51 51 51 GLY GLY A . n 
A 1 52 GLY 52 52 52 GLY GLY A . n 
A 1 53 LEU 53 53 53 LEU LEU A . n 
A 1 54 ILE 54 54 54 ILE ILE A . n 
A 1 55 LYS 55 55 55 LYS LYS A . n 
A 1 56 VAL 56 56 56 VAL VAL A . n 
A 1 57 ARG 57 57 57 ARG ARG A . n 
A 1 58 GLN 58 58 58 GLN GLN A . n 
A 1 59 TYR 59 59 59 TYR TYR A . n 
A 1 60 ASP 60 60 60 ASP ASP A . n 
A 1 61 GLN 61 61 61 GLN GLN A . n 
A 1 62 ILE 62 62 62 ILE ILE A . n 
A 1 63 ILE 63 63 63 ILE ILE A . n 
A 1 64 ILE 64 64 64 ILE ILE A . n 
A 1 65 GLU 65 65 65 GLU GLU A . n 
A 1 66 ILE 66 66 66 ILE ILE A . n 
A 1 67 ALA 67 67 67 ALA ALA A . n 
A 1 68 GLY 68 68 68 GLY GLY A . n 
A 1 69 HIS 69 69 69 HIS HIS A . n 
A 1 70 LYS 70 70 70 LYS LYS A . n 
A 1 71 ALA 71 71 71 ALA ALA A . n 
A 1 72 ILE 72 72 72 ILE ILE A . n 
A 1 73 GLY 73 73 73 GLY GLY A . n 
A 1 74 THR 74 74 74 THR THR A . n 
A 1 75 VAL 75 75 75 VAL VAL A . n 
A 1 76 LEU 76 76 76 LEU LEU A . n 
A 1 77 VAL 77 77 77 VAL VAL A . n 
A 1 78 GLY 78 78 78 GLY GLY A . n 
A 1 79 PRO 79 79 79 PRO PRO A . n 
A 1 80 THR 80 80 80 THR THR A . n 
A 1 81 PRO 81 81 81 PRO PRO A . n 
A 1 82 VAL 82 82 82 VAL VAL A . n 
A 1 83 ASN 83 83 83 ASN ASN A . n 
A 1 84 ILE 84 84 84 ILE ILE A . n 
A 1 85 ILE 85 85 85 ILE ILE A . n 
A 1 86 GLY 86 86 86 GLY GLY A . n 
A 1 87 ARG 87 87 87 ARG ARG A . n 
A 1 88 ASN 88 88 88 ASN ASN A . n 
A 1 89 LEU 89 89 89 LEU LEU A . n 
A 1 90 LEU 90 90 90 LEU LEU A . n 
A 1 91 THR 91 91 91 THR THR A . n 
A 1 92 GLN 92 92 92 GLN GLN A . n 
A 1 93 ILE 93 93 93 ILE ILE A . n 
A 1 94 GLY 94 94 94 GLY GLY A . n 
A 1 95 ALA 95 95 95 ALA ALA A . n 
A 1 96 THR 96 96 96 THR THR A . n 
A 1 97 LEU 97 97 97 LEU LEU A . n 
A 1 98 ASN 98 98 98 ASN ASN A . n 
A 1 99 PHE 99 99 99 PHE PHE A . n 
# 
loop_
_pdbx_nonpoly_scheme.asym_id 
_pdbx_nonpoly_scheme.entity_id 
_pdbx_nonpoly_scheme.mon_id 
_pdbx_nonpoly_scheme.ndb_seq_num 
_pdbx_nonpoly_scheme.pdb_seq_num 
_pdbx_nonpoly_scheme.auth_seq_num 
_pdbx_nonpoly_scheme.pdb_mon_id 
_pdbx_nonpoly_scheme.auth_mon_id 
_pdbx_nonpoly_scheme.pdb_strand_id 
_pdbx_nonpoly_scheme.pdb_ins_code 
B 2 HOH 1  1001 1001 HOH HOH A . 
B 2 HOH 2  1002 1002 HOH HOH A . 
B 2 HOH 3  1003 1003 HOH HOH A . 
B 2 HOH 4  1004 1004 HOH HOH A . 
B 2 HOH 5  1005 1005 HOH HOH A . 
B 2 HOH 6  1006 1006 HOH HOH A . 
B 2 HOH 7  1007 1007 HOH HOH A . 
B 2 HOH 8  1008 1008 HOH HOH A . 
B 2 HOH 9  1009 1009 HOH HOH A . 
B 2 HOH 10 1010 1010 HOH HOH A . 
B 2 HOH 11 1011 1011 HOH HOH A . 
B 2 HOH 12 1012 1012 HOH HOH A . 
B 2 HOH 13 1013 1013 HOH HOH A . 
B 2 HOH 14 1014 1014 HOH HOH A . 
B 2 HOH 15 1015 1015 HOH HOH A . 
B 2 HOH 16 1016 1016 HOH HOH A . 
B 2 HOH 17 1017 1017 HOH HOH A . 
B 2 HOH 18 1018 1018 HOH HOH A . 
B 2 HOH 19 1019 1019 HOH HOH A . 
B 2 HOH 20 1020 1020 HOH HOH A . 
B 2 HOH 21 1021 1021 HOH HOH A . 
B 2 HOH 22 1022 1022 HOH HOH A . 
B 2 HOH 23 1023 1023 HOH HOH A . 
B 2 HOH 24 1024 1024 HOH HOH A . 
B 2 HOH 25 1025 1025 HOH HOH A . 
B 2 HOH 26 1026 1026 HOH HOH A . 
B 2 HOH 27 1027 1027 HOH HOH A . 
B 2 HOH 28 1028 1028 HOH HOH A . 
B 2 HOH 29 1029 1029 HOH HOH A . 
B 2 HOH 30 1030 1030 HOH HOH A . 
B 2 HOH 31 1031 1031 HOH HOH A . 
B 2 HOH 32 1032 1032 HOH HOH A . 
B 2 HOH 33 1033 1033 HOH HOH A . 
B 2 HOH 34 1035 1035 HOH HOH A . 
B 2 HOH 35 1036 1036 HOH HOH A . 
B 2 HOH 36 1037 1037 HOH HOH A . 
B 2 HOH 37 1038 1038 HOH HOH A . 
B 2 HOH 38 1039 1039 HOH HOH A . 
B 2 HOH 39 1040 1040 HOH HOH A . 
B 2 HOH 40 1041 1041 HOH HOH A . 
B 2 HOH 41 1042 1042 HOH HOH A . 
B 2 HOH 42 1043 1043 HOH HOH A . 
B 2 HOH 43 1044 1044 HOH HOH A . 
B 2 HOH 44 1045 1045 HOH HOH A . 
B 2 HOH 45 1046 1046 HOH HOH A . 
B 2 HOH 46 1047 1047 HOH HOH A . 
B 2 HOH 47 1048 1048 HOH HOH A . 
B 2 HOH 48 1049 1049 HOH HOH A . 
B 2 HOH 49 1050 1050 HOH HOH A . 
B 2 HOH 50 1052 1052 HOH HOH A . 
B 2 HOH 51 1053 1053 HOH HOH A . 
B 2 HOH 52 1054 1054 HOH HOH A . 
B 2 HOH 53 1055 1055 HOH HOH A . 
B 2 HOH 54 1056 1056 HOH HOH A . 
B 2 HOH 55 1057 1057 HOH HOH A . 
B 2 HOH 56 1059 1059 HOH HOH A . 
B 2 HOH 57 1060 1060 HOH HOH A . 
B 2 HOH 58 1061 1061 HOH HOH A . 
B 2 HOH 59 1062 1062 HOH HOH A . 
B 2 HOH 60 1063 1063 HOH HOH A . 
B 2 HOH 61 1064 1064 HOH HOH A . 
B 2 HOH 62 1065 1065 HOH HOH A . 
B 2 HOH 63 1066 1066 HOH HOH A . 
B 2 HOH 64 1067 1067 HOH HOH A . 
B 2 HOH 65 1068 1068 HOH HOH A . 
B 2 HOH 66 1069 1069 HOH HOH A . 
B 2 HOH 67 1070 1070 HOH HOH A . 
B 2 HOH 68 1072 1072 HOH HOH A . 
B 2 HOH 69 1073 1073 HOH HOH A . 
B 2 HOH 70 1074 1074 HOH HOH A . 
B 2 HOH 71 1076 1076 HOH HOH A . 
B 2 HOH 72 1077 1077 HOH HOH A . 
B 2 HOH 73 1078 1078 HOH HOH A . 
B 2 HOH 74 1079 1079 HOH HOH A . 
B 2 HOH 75 1080 1080 HOH HOH A . 
B 2 HOH 76 1081 1081 HOH HOH A . 
B 2 HOH 77 1082 1082 HOH HOH A . 
B 2 HOH 78 1083 1083 HOH HOH A . 
B 2 HOH 79 1084 1084 HOH HOH A . 
B 2 HOH 80 1085 1085 HOH HOH A . 
B 2 HOH 81 1086 1086 HOH HOH A . 
B 2 HOH 82 1087 1087 HOH HOH A . 
B 2 HOH 83 1088 1088 HOH HOH A . 
B 2 HOH 84 1089 1089 HOH HOH A . 
B 2 HOH 85 1090 1090 HOH HOH A . 
B 2 HOH 86 1091 1091 HOH HOH A . 
B 2 HOH 87 1092 1092 HOH HOH A . 
B 2 HOH 88 1093 1093 HOH HOH A . 
B 2 HOH 89 1094 1094 HOH HOH A . 
B 2 HOH 90 1095 1095 HOH HOH A . 
B 2 HOH 91 1097 1097 HOH HOH A . 
# 
loop_
_software.name 
_software.classification 
_software.version 
_software.citation_id 
_software.pdbx_ordinal 
SHELX     'model building'  . ? 1 
SHELXL-97 refinement        . ? 2 
MAR345    'data collection' . ? 3 
SCALEPACK 'data scaling'    . ? 4 
CCP4      phasing           . ? 5 
# 
_cell.entry_id           2G69 
_cell.length_a           60.946 
_cell.length_b           60.946 
_cell.length_c           55.551 
_cell.angle_alpha        90.00 
_cell.angle_beta         90.00 
_cell.angle_gamma        90.00 
_cell.Z_PDB              8 
_cell.pdbx_unique_axis   ? 
_cell.length_a_esd       ? 
_cell.length_b_esd       ? 
_cell.length_c_esd       ? 
_cell.angle_alpha_esd    ? 
_cell.angle_beta_esd     ? 
_cell.angle_gamma_esd    ? 
# 
_symmetry.entry_id                         2G69 
_symmetry.space_group_name_H-M             'P 41 21 2' 
_symmetry.pdbx_full_space_group_name_H-M   ? 
_symmetry.cell_setting                     ? 
_symmetry.Int_Tables_number                92 
_symmetry.space_group_name_Hall            ? 
# 
_exptl.entry_id          2G69 
_exptl.method            'X-RAY DIFFRACTION' 
_exptl.crystals_number   1 
# 
_exptl_crystal.id                    1 
_exptl_crystal.density_meas          ? 
_exptl_crystal.density_Matthews      2.41 
_exptl_crystal.density_percent_sol   48.91 
_exptl_crystal.description           ? 
_exptl_crystal.F_000                 ? 
_exptl_crystal.preparation           ? 
# 
_exptl_crystal_grow.crystal_id      1 
_exptl_crystal_grow.method          'VAPOR DIFFUSION, HANGING DROP' 
_exptl_crystal_grow.temp            293 
_exptl_crystal_grow.temp_details    ? 
_exptl_crystal_grow.pH              6.0 
_exptl_crystal_grow.pdbx_details    
;The reservoir contained 0.2 M sodium citrate, phosphate buffer (pH = 6.0-6.4), 10% DMSO, and 20-30% saturated ammonium sulfate as a precipitant., VAPOR DIFFUSION, HANGING DROP, temperature 293K
;
_exptl_crystal_grow.pdbx_pH_range   . 
# 
_diffrn.id                     1 
_diffrn.ambient_temp           100 
_diffrn.ambient_temp_details   ? 
_diffrn.crystal_id             1 
# 
_diffrn_detector.diffrn_id              1 
_diffrn_detector.detector               CCD 
_diffrn_detector.type                   MARRESEARCH 
_diffrn_detector.pdbx_collection_date   2003-12-12 
_diffrn_detector.details                ? 
# 
_diffrn_radiation.diffrn_id                        1 
_diffrn_radiation.wavelength_id                    1 
_diffrn_radiation.pdbx_monochromatic_or_laue_m_l   M 
_diffrn_radiation.monochromator                    silicon 
_diffrn_radiation.pdbx_diffrn_protocol             'SINGLE WAVELENGTH' 
_diffrn_radiation.pdbx_scattering_type             x-ray 
# 
_diffrn_radiation_wavelength.id           1 
_diffrn_radiation_wavelength.wavelength   1.0 
_diffrn_radiation_wavelength.wt           1.0 
# 
_diffrn_source.diffrn_id                   1 
_diffrn_source.source                      SYNCHROTRON 
_diffrn_source.type                        'APS BEAMLINE 22-ID' 
_diffrn_source.pdbx_synchrotron_site       APS 
_diffrn_source.pdbx_synchrotron_beamline   22-ID 
_diffrn_source.pdbx_wavelength             ? 
_diffrn_source.pdbx_wavelength_list        1.0 
# 
_reflns.entry_id                     2G69 
_reflns.observed_criterion_sigma_I   2 
_reflns.observed_criterion_sigma_F   4 
_reflns.d_resolution_low             10 
_reflns.d_resolution_high            1.35 
_reflns.number_obs                   19437 
_reflns.number_all                   22779 
_reflns.percent_possible_obs         85.3 
_reflns.pdbx_Rmerge_I_obs            ? 
_reflns.pdbx_Rsym_value              ? 
_reflns.pdbx_netI_over_sigmaI        ? 
_reflns.B_iso_Wilson_estimate        ? 
_reflns.pdbx_redundancy              ? 
_reflns.R_free_details               ? 
_reflns.limit_h_max                  ? 
_reflns.limit_h_min                  ? 
_reflns.limit_k_max                  ? 
_reflns.limit_k_min                  ? 
_reflns.limit_l_max                  ? 
_reflns.limit_l_min                  ? 
_reflns.observed_criterion_F_max     ? 
_reflns.observed_criterion_F_min     ? 
_reflns.pdbx_chi_squared             ? 
_reflns.pdbx_scaling_rejects         ? 
_reflns.pdbx_ordinal                 1 
_reflns.pdbx_diffrn_id               1 
# 
_reflns_shell.d_res_high             1.35 
_reflns_shell.d_res_low              1.40 
_reflns_shell.percent_possible_all   97.3 
_reflns_shell.Rmerge_I_obs           ? 
_reflns_shell.pdbx_Rsym_value        ? 
_reflns_shell.meanI_over_sigI_obs    ? 
_reflns_shell.pdbx_redundancy        ? 
_reflns_shell.percent_possible_obs   ? 
_reflns_shell.number_unique_all      ? 
_reflns_shell.number_measured_all    ? 
_reflns_shell.number_measured_obs    ? 
_reflns_shell.number_unique_obs      ? 
_reflns_shell.pdbx_chi_squared       ? 
_reflns_shell.pdbx_ordinal           1 
_reflns_shell.pdbx_diffrn_id         1 
# 
_refine.entry_id                                 2G69 
_refine.ls_number_reflns_obs                     19437 
_refine.ls_number_reflns_all                     22779 
_refine.pdbx_ls_sigma_I                          ? 
_refine.pdbx_ls_sigma_F                          0.0 
_refine.pdbx_data_cutoff_high_absF               ? 
_refine.pdbx_data_cutoff_low_absF                ? 
_refine.pdbx_data_cutoff_high_rms_absF           ? 
_refine.ls_d_res_low                             10.00 
_refine.ls_d_res_high                            1.35 
_refine.ls_percent_reflns_obs                    ? 
_refine.ls_R_factor_obs                          0.1597 
_refine.ls_R_factor_all                          ? 
_refine.ls_R_factor_R_work                       0.1552 
_refine.ls_R_factor_R_free                       0.234 
_refine.ls_R_factor_R_free_error                 ? 
_refine.ls_R_factor_R_free_error_details         ? 
_refine.ls_percent_reflns_R_free                 5.0 
_refine.ls_number_reflns_R_free                  1138 
_refine.ls_number_parameters                     7676 
_refine.ls_number_restraints                     8854 
_refine.occupancy_min                            ? 
_refine.occupancy_max                            ? 
_refine.correlation_coeff_Fo_to_Fc               ? 
_refine.correlation_coeff_Fo_to_Fc_free          ? 
_refine.B_iso_mean                               ? 
_refine.aniso_B[1][1]                            ? 
_refine.aniso_B[2][2]                            ? 
_refine.aniso_B[3][3]                            ? 
_refine.aniso_B[1][2]                            ? 
_refine.aniso_B[1][3]                            ? 
_refine.aniso_B[2][3]                            ? 
_refine.solvent_model_details                    ? 
_refine.solvent_model_param_ksol                 ? 
_refine.solvent_model_param_bsol                 ? 
_refine.pdbx_solvent_vdw_probe_radii             ? 
_refine.pdbx_solvent_ion_probe_radii             ? 
_refine.pdbx_solvent_shrinkage_radii             ? 
_refine.pdbx_ls_cross_valid_method               'FREE R' 
_refine.details                                  'ANISOTROPIC REFINEMENT REDUCED FREE R (NO CUTOFF)' 
_refine.pdbx_starting_model                      ? 
_refine.pdbx_method_to_determine_struct          'MOLECULAR REPLACEMENT' 
_refine.pdbx_isotropic_thermal_model             ? 
_refine.pdbx_stereochemistry_target_values       'Engh & Huber' 
_refine.pdbx_stereochem_target_val_spec_case     ? 
_refine.pdbx_R_Free_selection_details            RANDOM 
_refine.pdbx_overall_ESU_R                       ? 
_refine.pdbx_overall_ESU_R_Free                  ? 
_refine.overall_SU_ML                            ? 
_refine.overall_SU_B                             ? 
_refine.ls_redundancy_reflns_obs                 ? 
_refine.B_iso_min                                ? 
_refine.B_iso_max                                ? 
_refine.overall_SU_R_Cruickshank_DPI             ? 
_refine.overall_SU_R_free                        ? 
_refine.ls_wR_factor_R_free                      ? 
_refine.ls_wR_factor_R_work                      ? 
_refine.overall_FOM_free_R_set                   ? 
_refine.overall_FOM_work_R_set                   ? 
_refine.pdbx_refine_id                           'X-RAY DIFFRACTION' 
_refine.pdbx_diffrn_id                           1 
_refine.pdbx_TLS_residual_ADP_flag               ? 
_refine.pdbx_overall_phase_error                 ? 
_refine.pdbx_overall_SU_R_free_Cruickshank_DPI   ? 
_refine.pdbx_overall_SU_R_Blow_DPI               ? 
_refine.pdbx_overall_SU_R_free_Blow_DPI          ? 
# 
_refine_analyze.entry_id                        2G69 
_refine_analyze.Luzzati_coordinate_error_obs    ? 
_refine_analyze.Luzzati_sigma_a_obs             ? 
_refine_analyze.Luzzati_d_res_low_obs           ? 
_refine_analyze.Luzzati_coordinate_error_free   ? 
_refine_analyze.Luzzati_sigma_a_free            ? 
_refine_analyze.Luzzati_d_res_low_free          ? 
_refine_analyze.number_disordered_residues      2 
_refine_analyze.occupancy_sum_hydrogen          811.00 
_refine_analyze.occupancy_sum_non_hydrogen      830.50 
_refine_analyze.pdbx_Luzzati_d_res_high_obs     ? 
_refine_analyze.pdbx_refine_id                  'X-RAY DIFFRACTION' 
# 
_refine_hist.pdbx_refine_id                   'X-RAY DIFFRACTION' 
_refine_hist.cycle_id                         LAST 
_refine_hist.pdbx_number_atoms_protein        753 
_refine_hist.pdbx_number_atoms_nucleic_acid   0 
_refine_hist.pdbx_number_atoms_ligand         0 
_refine_hist.number_atoms_solvent             91 
_refine_hist.number_atoms_total               844 
_refine_hist.d_res_high                       1.35 
_refine_hist.d_res_low                        10.00 
# 
loop_
_refine_ls_restr.type 
_refine_ls_restr.dev_ideal 
_refine_ls_restr.dev_ideal_target 
_refine_ls_restr.weight 
_refine_ls_restr.number 
_refine_ls_restr.pdbx_refine_id 
_refine_ls_restr.pdbx_restraint_function 
s_bond_d               0.012  ? ? ? 'X-RAY DIFFRACTION' ? 
s_angle_d              0.030  ? ? ? 'X-RAY DIFFRACTION' ? 
s_similar_dist         0.000  ? ? ? 'X-RAY DIFFRACTION' ? 
s_from_restr_planes    0.0308 ? ? ? 'X-RAY DIFFRACTION' ? 
s_zero_chiral_vol      0.057  ? ? ? 'X-RAY DIFFRACTION' ? 
s_non_zero_chiral_vol  0.065  ? ? ? 'X-RAY DIFFRACTION' ? 
s_anti_bump_dis_restr  0.072  ? ? ? 'X-RAY DIFFRACTION' ? 
s_rigid_bond_adp_cmpnt 0.004  ? ? ? 'X-RAY DIFFRACTION' ? 
s_similar_adp_cmpnt    0.069  ? ? ? 'X-RAY DIFFRACTION' ? 
s_approx_iso_adps      0.000  ? ? ? 'X-RAY DIFFRACTION' ? 
# 
_pdbx_refine.entry_id                                    2G69 
_pdbx_refine.R_factor_all_no_cutoff                      0.1636 
_pdbx_refine.R_factor_obs_no_cutoff                      0.1597 
_pdbx_refine.free_R_factor_no_cutoff                     0.234 
_pdbx_refine.free_R_val_test_set_size_perc_no_cutoff     5.0 
_pdbx_refine.free_R_val_test_set_ct_no_cutoff            1138 
_pdbx_refine.R_factor_all_4sig_cutoff                    0.1552 
_pdbx_refine.R_factor_obs_4sig_cutoff                    0.1514 
_pdbx_refine.free_R_factor_4sig_cutoff                   0.2236 
_pdbx_refine.free_R_val_test_set_size_perc_4sig_cutoff   5.0 
_pdbx_refine.free_R_val_test_set_ct_4sig_cutoff          965 
_pdbx_refine.number_reflns_obs_4sig_cutoff               19437 
_pdbx_refine.pdbx_refine_id                              'X-RAY DIFFRACTION' 
_pdbx_refine.free_R_error_no_cutoff                      ? 
# 
_struct.entry_id                  2G69 
_struct.title                     'Structure of Unliganded HIV-1 Protease F53L Mutant' 
_struct.pdbx_model_details        ? 
_struct.pdbx_CASP_flag            ? 
_struct.pdbx_model_type_details   ? 
# 
_struct_keywords.entry_id        2G69 
_struct_keywords.pdbx_keywords   HYDROLASE 
_struct_keywords.text            'aspartic protease, catalysis, unliganded, flap mutant, non-active site mutant, HYDROLASE' 
# 
loop_
_struct_asym.id 
_struct_asym.pdbx_blank_PDB_chainid_flag 
_struct_asym.pdbx_modified 
_struct_asym.entity_id 
_struct_asym.details 
A N N 1 ? 
B N N 2 ? 
# 
_struct_ref.id                         1 
_struct_ref.db_name                    UNP 
_struct_ref.db_code                    POL_HV1B1 
_struct_ref.pdbx_db_accession          P03368 
_struct_ref.entity_id                  1 
_struct_ref.pdbx_align_begin           1 
_struct_ref.pdbx_db_isoform            ? 
_struct_ref.pdbx_seq_one_letter_code   ? 
# 
_struct_ref_seq.align_id                      1 
_struct_ref_seq.ref_id                        1 
_struct_ref_seq.pdbx_PDB_id_code              2G69 
_struct_ref_seq.pdbx_strand_id                A 
_struct_ref_seq.seq_align_beg                 1 
_struct_ref_seq.pdbx_seq_align_beg_ins_code   ? 
_struct_ref_seq.seq_align_end                 99 
_struct_ref_seq.pdbx_seq_align_end_ins_code   ? 
_struct_ref_seq.pdbx_db_accession             P03368 
_struct_ref_seq.db_align_beg                  1 
_struct_ref_seq.pdbx_db_align_beg_ins_code    ? 
_struct_ref_seq.db_align_end                  99 
_struct_ref_seq.pdbx_db_align_end_ins_code    ? 
_struct_ref_seq.pdbx_auth_seq_align_beg       1 
_struct_ref_seq.pdbx_auth_seq_align_end       99 
# 
loop_
_struct_ref_seq_dif.align_id 
_struct_ref_seq_dif.pdbx_pdb_id_code 
_struct_ref_seq_dif.mon_id 
_struct_ref_seq_dif.pdbx_pdb_strand_id 
_struct_ref_seq_dif.seq_num 
_struct_ref_seq_dif.pdbx_pdb_ins_code 
_struct_ref_seq_dif.pdbx_seq_db_name 
_struct_ref_seq_dif.pdbx_seq_db_accession_code 
_struct_ref_seq_dif.db_mon_id 
_struct_ref_seq_dif.pdbx_seq_db_seq_num 
_struct_ref_seq_dif.details 
_struct_ref_seq_dif.pdbx_auth_seq_num 
_struct_ref_seq_dif.pdbx_ordinal 
1 2G69 LYS A 7  ? UNP P03368 GLN 506 'engineered mutation' 7  1 
1 2G69 ILE A 33 ? UNP P03368 LEU 532 'engineered mutation' 33 2 
1 2G69 LEU A 53 ? UNP P03368 PHE 552 'engineered mutation' 53 3 
1 2G69 ILE A 63 ? UNP P03368 LEU 562 'engineered mutation' 63 4 
1 2G69 ALA A 67 ? UNP P03368 CYS 566 'engineered mutation' 67 5 
1 2G69 ALA A 95 ? UNP P03368 CYS 594 'engineered mutation' 95 6 
# 
_pdbx_struct_assembly.id                   1 
_pdbx_struct_assembly.details              author_and_software_defined_assembly 
_pdbx_struct_assembly.method_details       PISA,PQS 
_pdbx_struct_assembly.oligomeric_details   dimeric 
_pdbx_struct_assembly.oligomeric_count     2 
# 
loop_
_pdbx_struct_assembly_prop.biol_id 
_pdbx_struct_assembly_prop.type 
_pdbx_struct_assembly_prop.value 
_pdbx_struct_assembly_prop.details 
1 'ABSA (A^2)' 2900  ? 
1 MORE         -13   ? 
1 'SSA (A^2)'  10040 ? 
# 
_pdbx_struct_assembly_gen.assembly_id       1 
_pdbx_struct_assembly_gen.oper_expression   1,2 
_pdbx_struct_assembly_gen.asym_id_list      A,B 
# 
loop_
_pdbx_struct_oper_list.id 
_pdbx_struct_oper_list.type 
_pdbx_struct_oper_list.name 
_pdbx_struct_oper_list.symmetry_operation 
_pdbx_struct_oper_list.matrix[1][1] 
_pdbx_struct_oper_list.matrix[1][2] 
_pdbx_struct_oper_list.matrix[1][3] 
_pdbx_struct_oper_list.vector[1] 
_pdbx_struct_oper_list.matrix[2][1] 
_pdbx_struct_oper_list.matrix[2][2] 
_pdbx_struct_oper_list.matrix[2][3] 
_pdbx_struct_oper_list.vector[2] 
_pdbx_struct_oper_list.matrix[3][1] 
_pdbx_struct_oper_list.matrix[3][2] 
_pdbx_struct_oper_list.matrix[3][3] 
_pdbx_struct_oper_list.vector[3] 
1 'identity operation'         1_555 x,y,z    1.0000000000  0.0000000000  0.0000000000  0.0000000000  0.0000000000  1.0000000000  0.0000000000 0.0000000000  0.0000000000  0.0000000000 1.0000000000  0.0000000000  
2 'crystal symmetry operation' 7_556 y,x,-z+1 -0.1110576524 -0.3744197452 -0.9205846252 15.1099373308 -0.3744197452 -0.8422955707 0.3877473739 -5.4922245637 -0.9205846252 0.3877473739 -0.0466467769 16.8243744892 
# 
_struct_biol.id                    1 
_struct_biol.details               
;The asymmetric unit contains HIV-1 protease monomer. The active dimer is 
constructed by rotation around the crystallographic 2 fold axis of the 
P4(1)2(1)2 space group.
;
_struct_biol.pdbx_parent_biol_id   ? 
# 
loop_
_struct_conf.conf_type_id 
_struct_conf.id 
_struct_conf.pdbx_PDB_helix_id 
_struct_conf.beg_label_comp_id 
_struct_conf.beg_label_asym_id 
_struct_conf.beg_label_seq_id 
_struct_conf.pdbx_beg_PDB_ins_code 
_struct_conf.end_label_comp_id 
_struct_conf.end_label_asym_id 
_struct_conf.end_label_seq_id 
_struct_conf.pdbx_end_PDB_ins_code 
_struct_conf.beg_auth_comp_id 
_struct_conf.beg_auth_asym_id 
_struct_conf.beg_auth_seq_id 
_struct_conf.end_auth_comp_id 
_struct_conf.end_auth_asym_id 
_struct_conf.end_auth_seq_id 
_struct_conf.pdbx_PDB_helix_class 
_struct_conf.details 
_struct_conf.pdbx_PDB_helix_length 
HELX_P HELX_P1 1 GLY A 86 ? THR A 91 ? GLY A 86 THR A 91 1 ? 6 
HELX_P HELX_P2 2 GLN A 92 ? GLY A 94 ? GLN A 92 GLY A 94 5 ? 3 
# 
_struct_conf_type.id          HELX_P 
_struct_conf_type.criteria    ? 
_struct_conf_type.reference   ? 
# 
_struct_sheet.id               A 
_struct_sheet.type             ? 
_struct_sheet.number_strands   8 
_struct_sheet.details          ? 
# 
loop_
_struct_sheet_order.sheet_id 
_struct_sheet_order.range_id_1 
_struct_sheet_order.range_id_2 
_struct_sheet_order.offset 
_struct_sheet_order.sense 
A 1 2 ? anti-parallel 
A 2 3 ? anti-parallel 
A 3 4 ? parallel      
A 4 5 ? anti-parallel 
A 5 6 ? parallel      
A 6 7 ? anti-parallel 
A 7 8 ? anti-parallel 
# 
loop_
_struct_sheet_range.sheet_id 
_struct_sheet_range.id 
_struct_sheet_range.beg_label_comp_id 
_struct_sheet_range.beg_label_asym_id 
_struct_sheet_range.beg_label_seq_id 
_struct_sheet_range.pdbx_beg_PDB_ins_code 
_struct_sheet_range.end_label_comp_id 
_struct_sheet_range.end_label_asym_id 
_struct_sheet_range.end_label_seq_id 
_struct_sheet_range.pdbx_end_PDB_ins_code 
_struct_sheet_range.beg_auth_comp_id 
_struct_sheet_range.beg_auth_asym_id 
_struct_sheet_range.beg_auth_seq_id 
_struct_sheet_range.end_auth_comp_id 
_struct_sheet_range.end_auth_asym_id 
_struct_sheet_range.end_auth_seq_id 
A 1 LYS A 43 ? GLY A 49 ? LYS A 43 GLY A 49 
A 2 GLY A 52 ? ILE A 66 ? GLY A 52 ILE A 66 
A 3 HIS A 69 ? VAL A 77 ? HIS A 69 VAL A 77 
A 4 VAL A 32 ? ILE A 33 ? VAL A 32 ILE A 33 
A 5 ILE A 84 ? ILE A 85 ? ILE A 84 ILE A 85 
A 6 GLN A 18 ? LEU A 24 ? GLN A 18 LEU A 24 
A 7 LEU A 10 ? ILE A 15 ? LEU A 10 ILE A 15 
A 8 GLY A 52 ? ILE A 66 ? GLY A 52 ILE A 66 
# 
loop_
_pdbx_struct_sheet_hbond.sheet_id 
_pdbx_struct_sheet_hbond.range_id_1 
_pdbx_struct_sheet_hbond.range_id_2 
_pdbx_struct_sheet_hbond.range_1_label_atom_id 
_pdbx_struct_sheet_hbond.range_1_label_comp_id 
_pdbx_struct_sheet_hbond.range_1_label_asym_id 
_pdbx_struct_sheet_hbond.range_1_label_seq_id 
_pdbx_struct_sheet_hbond.range_1_PDB_ins_code 
_pdbx_struct_sheet_hbond.range_1_auth_atom_id 
_pdbx_struct_sheet_hbond.range_1_auth_comp_id 
_pdbx_struct_sheet_hbond.range_1_auth_asym_id 
_pdbx_struct_sheet_hbond.range_1_auth_seq_id 
_pdbx_struct_sheet_hbond.range_2_label_atom_id 
_pdbx_struct_sheet_hbond.range_2_label_comp_id 
_pdbx_struct_sheet_hbond.range_2_label_asym_id 
_pdbx_struct_sheet_hbond.range_2_label_seq_id 
_pdbx_struct_sheet_hbond.range_2_PDB_ins_code 
_pdbx_struct_sheet_hbond.range_2_auth_atom_id 
_pdbx_struct_sheet_hbond.range_2_auth_comp_id 
_pdbx_struct_sheet_hbond.range_2_auth_asym_id 
_pdbx_struct_sheet_hbond.range_2_auth_seq_id 
A 1 2 N ILE A 47 ? N ILE A 47 O ILE A 54 ? O ILE A 54 
A 2 3 N ILE A 66 ? N ILE A 66 O HIS A 69 ? O HIS A 69 
A 3 4 O LEU A 76 ? O LEU A 76 N ILE A 33 ? N ILE A 33 
A 4 5 N VAL A 32 ? N VAL A 32 O ILE A 84 ? O ILE A 84 
A 5 6 O ILE A 85 ? O ILE A 85 N LEU A 23 ? N LEU A 23 
A 6 7 O LYS A 20 ? O LYS A 20 N ILE A 13 ? N ILE A 13 
A 7 8 N LYS A 14 ? N LYS A 14 O GLU A 65 ? O GLU A 65 
# 
loop_
_pdbx_validate_rmsd_angle.id 
_pdbx_validate_rmsd_angle.PDB_model_num 
_pdbx_validate_rmsd_angle.auth_atom_id_1 
_pdbx_validate_rmsd_angle.auth_asym_id_1 
_pdbx_validate_rmsd_angle.auth_comp_id_1 
_pdbx_validate_rmsd_angle.auth_seq_id_1 
_pdbx_validate_rmsd_angle.PDB_ins_code_1 
_pdbx_validate_rmsd_angle.label_alt_id_1 
_pdbx_validate_rmsd_angle.auth_atom_id_2 
_pdbx_validate_rmsd_angle.auth_asym_id_2 
_pdbx_validate_rmsd_angle.auth_comp_id_2 
_pdbx_validate_rmsd_angle.auth_seq_id_2 
_pdbx_validate_rmsd_angle.PDB_ins_code_2 
_pdbx_validate_rmsd_angle.label_alt_id_2 
_pdbx_validate_rmsd_angle.auth_atom_id_3 
_pdbx_validate_rmsd_angle.auth_asym_id_3 
_pdbx_validate_rmsd_angle.auth_comp_id_3 
_pdbx_validate_rmsd_angle.auth_seq_id_3 
_pdbx_validate_rmsd_angle.PDB_ins_code_3 
_pdbx_validate_rmsd_angle.label_alt_id_3 
_pdbx_validate_rmsd_angle.angle_value 
_pdbx_validate_rmsd_angle.angle_target_value 
_pdbx_validate_rmsd_angle.angle_deviation 
_pdbx_validate_rmsd_angle.angle_standard_deviation 
_pdbx_validate_rmsd_angle.linker_flag 
1 1 NE A ARG 8  ? B CZ A ARG 8  ? B NH1 A ARG 8  ? B 124.81 120.30 4.51  0.50 N 
2 1 NE A ARG 8  ? A CZ A ARG 8  ? A NH2 A ARG 8  ? A 123.76 120.30 3.46  0.50 N 
3 1 NE A ARG 8  ? B CZ A ARG 8  ? B NH2 A ARG 8  ? B 116.99 120.30 -3.31 0.50 N 
4 1 O  A MET 36 ? ? C  A MET 36 ? ? N   A SER 37 ? ? 132.52 122.70 9.82  1.60 Y 
5 1 CB A ASN 88 ? ? CG A ASN 88 ? ? OD1 A ASN 88 ? ? 134.01 121.60 12.41 2.00 N 
# 
_pdbx_struct_special_symmetry.id              1 
_pdbx_struct_special_symmetry.PDB_model_num   1 
_pdbx_struct_special_symmetry.auth_asym_id    A 
_pdbx_struct_special_symmetry.auth_comp_id    HOH 
_pdbx_struct_special_symmetry.auth_seq_id     1050 
_pdbx_struct_special_symmetry.PDB_ins_code    ? 
_pdbx_struct_special_symmetry.label_asym_id   B 
_pdbx_struct_special_symmetry.label_comp_id   HOH 
_pdbx_struct_special_symmetry.label_seq_id    . 
# 
loop_
_chem_comp_atom.comp_id 
_chem_comp_atom.atom_id 
_chem_comp_atom.type_symbol 
_chem_comp_atom.pdbx_aromatic_flag 
_chem_comp_atom.pdbx_stereo_config 
_chem_comp_atom.pdbx_ordinal 
ALA N    N N N 1   
ALA CA   C N S 2   
ALA C    C N N 3   
ALA O    O N N 4   
ALA CB   C N N 5   
ALA OXT  O N N 6   
ALA H    H N N 7   
ALA H2   H N N 8   
ALA HA   H N N 9   
ALA HB1  H N N 10  
ALA HB2  H N N 11  
ALA HB3  H N N 12  
ALA HXT  H N N 13  
ARG N    N N N 14  
ARG CA   C N S 15  
ARG C    C N N 16  
ARG O    O N N 17  
ARG CB   C N N 18  
ARG CG   C N N 19  
ARG CD   C N N 20  
ARG NE   N N N 21  
ARG CZ   C N N 22  
ARG NH1  N N N 23  
ARG NH2  N N N 24  
ARG OXT  O N N 25  
ARG H    H N N 26  
ARG H2   H N N 27  
ARG HA   H N N 28  
ARG HB2  H N N 29  
ARG HB3  H N N 30  
ARG HG2  H N N 31  
ARG HG3  H N N 32  
ARG HD2  H N N 33  
ARG HD3  H N N 34  
ARG HE   H N N 35  
ARG HH11 H N N 36  
ARG HH12 H N N 37  
ARG HH21 H N N 38  
ARG HH22 H N N 39  
ARG HXT  H N N 40  
ASN N    N N N 41  
ASN CA   C N S 42  
ASN C    C N N 43  
ASN O    O N N 44  
ASN CB   C N N 45  
ASN CG   C N N 46  
ASN OD1  O N N 47  
ASN ND2  N N N 48  
ASN OXT  O N N 49  
ASN H    H N N 50  
ASN H2   H N N 51  
ASN HA   H N N 52  
ASN HB2  H N N 53  
ASN HB3  H N N 54  
ASN HD21 H N N 55  
ASN HD22 H N N 56  
ASN HXT  H N N 57  
ASP N    N N N 58  
ASP CA   C N S 59  
ASP C    C N N 60  
ASP O    O N N 61  
ASP CB   C N N 62  
ASP CG   C N N 63  
ASP OD1  O N N 64  
ASP OD2  O N N 65  
ASP OXT  O N N 66  
ASP H    H N N 67  
ASP H2   H N N 68  
ASP HA   H N N 69  
ASP HB2  H N N 70  
ASP HB3  H N N 71  
ASP HD2  H N N 72  
ASP HXT  H N N 73  
CYS N    N N N 74  
CYS CA   C N R 75  
CYS C    C N N 76  
CYS O    O N N 77  
CYS CB   C N N 78  
CYS SG   S N N 79  
CYS OXT  O N N 80  
CYS H    H N N 81  
CYS H2   H N N 82  
CYS HA   H N N 83  
CYS HB2  H N N 84  
CYS HB3  H N N 85  
CYS HG   H N N 86  
CYS HXT  H N N 87  
GLN N    N N N 88  
GLN CA   C N S 89  
GLN C    C N N 90  
GLN O    O N N 91  
GLN CB   C N N 92  
GLN CG   C N N 93  
GLN CD   C N N 94  
GLN OE1  O N N 95  
GLN NE2  N N N 96  
GLN OXT  O N N 97  
GLN H    H N N 98  
GLN H2   H N N 99  
GLN HA   H N N 100 
GLN HB2  H N N 101 
GLN HB3  H N N 102 
GLN HG2  H N N 103 
GLN HG3  H N N 104 
GLN HE21 H N N 105 
GLN HE22 H N N 106 
GLN HXT  H N N 107 
GLU N    N N N 108 
GLU CA   C N S 109 
GLU C    C N N 110 
GLU O    O N N 111 
GLU CB   C N N 112 
GLU CG   C N N 113 
GLU CD   C N N 114 
GLU OE1  O N N 115 
GLU OE2  O N N 116 
GLU OXT  O N N 117 
GLU H    H N N 118 
GLU H2   H N N 119 
GLU HA   H N N 120 
GLU HB2  H N N 121 
GLU HB3  H N N 122 
GLU HG2  H N N 123 
GLU HG3  H N N 124 
GLU HE2  H N N 125 
GLU HXT  H N N 126 
GLY N    N N N 127 
GLY CA   C N N 128 
GLY C    C N N 129 
GLY O    O N N 130 
GLY OXT  O N N 131 
GLY H    H N N 132 
GLY H2   H N N 133 
GLY HA2  H N N 134 
GLY HA3  H N N 135 
GLY HXT  H N N 136 
HIS N    N N N 137 
HIS CA   C N S 138 
HIS C    C N N 139 
HIS O    O N N 140 
HIS CB   C N N 141 
HIS CG   C Y N 142 
HIS ND1  N Y N 143 
HIS CD2  C Y N 144 
HIS CE1  C Y N 145 
HIS NE2  N Y N 146 
HIS OXT  O N N 147 
HIS H    H N N 148 
HIS H2   H N N 149 
HIS HA   H N N 150 
HIS HB2  H N N 151 
HIS HB3  H N N 152 
HIS HD1  H N N 153 
HIS HD2  H N N 154 
HIS HE1  H N N 155 
HIS HE2  H N N 156 
HIS HXT  H N N 157 
HOH O    O N N 158 
HOH H1   H N N 159 
HOH H2   H N N 160 
ILE N    N N N 161 
ILE CA   C N S 162 
ILE C    C N N 163 
ILE O    O N N 164 
ILE CB   C N S 165 
ILE CG1  C N N 166 
ILE CG2  C N N 167 
ILE CD1  C N N 168 
ILE OXT  O N N 169 
ILE H    H N N 170 
ILE H2   H N N 171 
ILE HA   H N N 172 
ILE HB   H N N 173 
ILE HG12 H N N 174 
ILE HG13 H N N 175 
ILE HG21 H N N 176 
ILE HG22 H N N 177 
ILE HG23 H N N 178 
ILE HD11 H N N 179 
ILE HD12 H N N 180 
ILE HD13 H N N 181 
ILE HXT  H N N 182 
LEU N    N N N 183 
LEU CA   C N S 184 
LEU C    C N N 185 
LEU O    O N N 186 
LEU CB   C N N 187 
LEU CG   C N N 188 
LEU CD1  C N N 189 
LEU CD2  C N N 190 
LEU OXT  O N N 191 
LEU H    H N N 192 
LEU H2   H N N 193 
LEU HA   H N N 194 
LEU HB2  H N N 195 
LEU HB3  H N N 196 
LEU HG   H N N 197 
LEU HD11 H N N 198 
LEU HD12 H N N 199 
LEU HD13 H N N 200 
LEU HD21 H N N 201 
LEU HD22 H N N 202 
LEU HD23 H N N 203 
LEU HXT  H N N 204 
LYS N    N N N 205 
LYS CA   C N S 206 
LYS C    C N N 207 
LYS O    O N N 208 
LYS CB   C N N 209 
LYS CG   C N N 210 
LYS CD   C N N 211 
LYS CE   C N N 212 
LYS NZ   N N N 213 
LYS OXT  O N N 214 
LYS H    H N N 215 
LYS H2   H N N 216 
LYS HA   H N N 217 
LYS HB2  H N N 218 
LYS HB3  H N N 219 
LYS HG2  H N N 220 
LYS HG3  H N N 221 
LYS HD2  H N N 222 
LYS HD3  H N N 223 
LYS HE2  H N N 224 
LYS HE3  H N N 225 
LYS HZ1  H N N 226 
LYS HZ2  H N N 227 
LYS HZ3  H N N 228 
LYS HXT  H N N 229 
MET N    N N N 230 
MET CA   C N S 231 
MET C    C N N 232 
MET O    O N N 233 
MET CB   C N N 234 
MET CG   C N N 235 
MET SD   S N N 236 
MET CE   C N N 237 
MET OXT  O N N 238 
MET H    H N N 239 
MET H2   H N N 240 
MET HA   H N N 241 
MET HB2  H N N 242 
MET HB3  H N N 243 
MET HG2  H N N 244 
MET HG3  H N N 245 
MET HE1  H N N 246 
MET HE2  H N N 247 
MET HE3  H N N 248 
MET HXT  H N N 249 
PHE N    N N N 250 
PHE CA   C N S 251 
PHE C    C N N 252 
PHE O    O N N 253 
PHE CB   C N N 254 
PHE CG   C Y N 255 
PHE CD1  C Y N 256 
PHE CD2  C Y N 257 
PHE CE1  C Y N 258 
PHE CE2  C Y N 259 
PHE CZ   C Y N 260 
PHE OXT  O N N 261 
PHE H    H N N 262 
PHE H2   H N N 263 
PHE HA   H N N 264 
PHE HB2  H N N 265 
PHE HB3  H N N 266 
PHE HD1  H N N 267 
PHE HD2  H N N 268 
PHE HE1  H N N 269 
PHE HE2  H N N 270 
PHE HZ   H N N 271 
PHE HXT  H N N 272 
PRO N    N N N 273 
PRO CA   C N S 274 
PRO C    C N N 275 
PRO O    O N N 276 
PRO CB   C N N 277 
PRO CG   C N N 278 
PRO CD   C N N 279 
PRO OXT  O N N 280 
PRO H    H N N 281 
PRO HA   H N N 282 
PRO HB2  H N N 283 
PRO HB3  H N N 284 
PRO HG2  H N N 285 
PRO HG3  H N N 286 
PRO HD2  H N N 287 
PRO HD3  H N N 288 
PRO HXT  H N N 289 
SER N    N N N 290 
SER CA   C N S 291 
SER C    C N N 292 
SER O    O N N 293 
SER CB   C N N 294 
SER OG   O N N 295 
SER OXT  O N N 296 
SER H    H N N 297 
SER H2   H N N 298 
SER HA   H N N 299 
SER HB2  H N N 300 
SER HB3  H N N 301 
SER HG   H N N 302 
SER HXT  H N N 303 
THR N    N N N 304 
THR CA   C N S 305 
THR C    C N N 306 
THR O    O N N 307 
THR CB   C N R 308 
THR OG1  O N N 309 
THR CG2  C N N 310 
THR OXT  O N N 311 
THR H    H N N 312 
THR H2   H N N 313 
THR HA   H N N 314 
THR HB   H N N 315 
THR HG1  H N N 316 
THR HG21 H N N 317 
THR HG22 H N N 318 
THR HG23 H N N 319 
THR HXT  H N N 320 
TRP N    N N N 321 
TRP CA   C N S 322 
TRP C    C N N 323 
TRP O    O N N 324 
TRP CB   C N N 325 
TRP CG   C Y N 326 
TRP CD1  C Y N 327 
TRP CD2  C Y N 328 
TRP NE1  N Y N 329 
TRP CE2  C Y N 330 
TRP CE3  C Y N 331 
TRP CZ2  C Y N 332 
TRP CZ3  C Y N 333 
TRP CH2  C Y N 334 
TRP OXT  O N N 335 
TRP H    H N N 336 
TRP H2   H N N 337 
TRP HA   H N N 338 
TRP HB2  H N N 339 
TRP HB3  H N N 340 
TRP HD1  H N N 341 
TRP HE1  H N N 342 
TRP HE3  H N N 343 
TRP HZ2  H N N 344 
TRP HZ3  H N N 345 
TRP HH2  H N N 346 
TRP HXT  H N N 347 
TYR N    N N N 348 
TYR CA   C N S 349 
TYR C    C N N 350 
TYR O    O N N 351 
TYR CB   C N N 352 
TYR CG   C Y N 353 
TYR CD1  C Y N 354 
TYR CD2  C Y N 355 
TYR CE1  C Y N 356 
TYR CE2  C Y N 357 
TYR CZ   C Y N 358 
TYR OH   O N N 359 
TYR OXT  O N N 360 
TYR H    H N N 361 
TYR H2   H N N 362 
TYR HA   H N N 363 
TYR HB2  H N N 364 
TYR HB3  H N N 365 
TYR HD1  H N N 366 
TYR HD2  H N N 367 
TYR HE1  H N N 368 
TYR HE2  H N N 369 
TYR HH   H N N 370 
TYR HXT  H N N 371 
VAL N    N N N 372 
VAL CA   C N S 373 
VAL C    C N N 374 
VAL O    O N N 375 
VAL CB   C N N 376 
VAL CG1  C N N 377 
VAL CG2  C N N 378 
VAL OXT  O N N 379 
VAL H    H N N 380 
VAL H2   H N N 381 
VAL HA   H N N 382 
VAL HB   H N N 383 
VAL HG11 H N N 384 
VAL HG12 H N N 385 
VAL HG13 H N N 386 
VAL HG21 H N N 387 
VAL HG22 H N N 388 
VAL HG23 H N N 389 
VAL HXT  H N N 390 
# 
loop_
_chem_comp_bond.comp_id 
_chem_comp_bond.atom_id_1 
_chem_comp_bond.atom_id_2 
_chem_comp_bond.value_order 
_chem_comp_bond.pdbx_aromatic_flag 
_chem_comp_bond.pdbx_stereo_config 
_chem_comp_bond.pdbx_ordinal 
ALA N   CA   sing N N 1   
ALA N   H    sing N N 2   
ALA N   H2   sing N N 3   
ALA CA  C    sing N N 4   
ALA CA  CB   sing N N 5   
ALA CA  HA   sing N N 6   
ALA C   O    doub N N 7   
ALA C   OXT  sing N N 8   
ALA CB  HB1  sing N N 9   
ALA CB  HB2  sing N N 10  
ALA CB  HB3  sing N N 11  
ALA OXT HXT  sing N N 12  
ARG N   CA   sing N N 13  
ARG N   H    sing N N 14  
ARG N   H2   sing N N 15  
ARG CA  C    sing N N 16  
ARG CA  CB   sing N N 17  
ARG CA  HA   sing N N 18  
ARG C   O    doub N N 19  
ARG C   OXT  sing N N 20  
ARG CB  CG   sing N N 21  
ARG CB  HB2  sing N N 22  
ARG CB  HB3  sing N N 23  
ARG CG  CD   sing N N 24  
ARG CG  HG2  sing N N 25  
ARG CG  HG3  sing N N 26  
ARG CD  NE   sing N N 27  
ARG CD  HD2  sing N N 28  
ARG CD  HD3  sing N N 29  
ARG NE  CZ   sing N N 30  
ARG NE  HE   sing N N 31  
ARG CZ  NH1  sing N N 32  
ARG CZ  NH2  doub N N 33  
ARG NH1 HH11 sing N N 34  
ARG NH1 HH12 sing N N 35  
ARG NH2 HH21 sing N N 36  
ARG NH2 HH22 sing N N 37  
ARG OXT HXT  sing N N 38  
ASN N   CA   sing N N 39  
ASN N   H    sing N N 40  
ASN N   H2   sing N N 41  
ASN CA  C    sing N N 42  
ASN CA  CB   sing N N 43  
ASN CA  HA   sing N N 44  
ASN C   O    doub N N 45  
ASN C   OXT  sing N N 46  
ASN CB  CG   sing N N 47  
ASN CB  HB2  sing N N 48  
ASN CB  HB3  sing N N 49  
ASN CG  OD1  doub N N 50  
ASN CG  ND2  sing N N 51  
ASN ND2 HD21 sing N N 52  
ASN ND2 HD22 sing N N 53  
ASN OXT HXT  sing N N 54  
ASP N   CA   sing N N 55  
ASP N   H    sing N N 56  
ASP N   H2   sing N N 57  
ASP CA  C    sing N N 58  
ASP CA  CB   sing N N 59  
ASP CA  HA   sing N N 60  
ASP C   O    doub N N 61  
ASP C   OXT  sing N N 62  
ASP CB  CG   sing N N 63  
ASP CB  HB2  sing N N 64  
ASP CB  HB3  sing N N 65  
ASP CG  OD1  doub N N 66  
ASP CG  OD2  sing N N 67  
ASP OD2 HD2  sing N N 68  
ASP OXT HXT  sing N N 69  
CYS N   CA   sing N N 70  
CYS N   H    sing N N 71  
CYS N   H2   sing N N 72  
CYS CA  C    sing N N 73  
CYS CA  CB   sing N N 74  
CYS CA  HA   sing N N 75  
CYS C   O    doub N N 76  
CYS C   OXT  sing N N 77  
CYS CB  SG   sing N N 78  
CYS CB  HB2  sing N N 79  
CYS CB  HB3  sing N N 80  
CYS SG  HG   sing N N 81  
CYS OXT HXT  sing N N 82  
GLN N   CA   sing N N 83  
GLN N   H    sing N N 84  
GLN N   H2   sing N N 85  
GLN CA  C    sing N N 86  
GLN CA  CB   sing N N 87  
GLN CA  HA   sing N N 88  
GLN C   O    doub N N 89  
GLN C   OXT  sing N N 90  
GLN CB  CG   sing N N 91  
GLN CB  HB2  sing N N 92  
GLN CB  HB3  sing N N 93  
GLN CG  CD   sing N N 94  
GLN CG  HG2  sing N N 95  
GLN CG  HG3  sing N N 96  
GLN CD  OE1  doub N N 97  
GLN CD  NE2  sing N N 98  
GLN NE2 HE21 sing N N 99  
GLN NE2 HE22 sing N N 100 
GLN OXT HXT  sing N N 101 
GLU N   CA   sing N N 102 
GLU N   H    sing N N 103 
GLU N   H2   sing N N 104 
GLU CA  C    sing N N 105 
GLU CA  CB   sing N N 106 
GLU CA  HA   sing N N 107 
GLU C   O    doub N N 108 
GLU C   OXT  sing N N 109 
GLU CB  CG   sing N N 110 
GLU CB  HB2  sing N N 111 
GLU CB  HB3  sing N N 112 
GLU CG  CD   sing N N 113 
GLU CG  HG2  sing N N 114 
GLU CG  HG3  sing N N 115 
GLU CD  OE1  doub N N 116 
GLU CD  OE2  sing N N 117 
GLU OE2 HE2  sing N N 118 
GLU OXT HXT  sing N N 119 
GLY N   CA   sing N N 120 
GLY N   H    sing N N 121 
GLY N   H2   sing N N 122 
GLY CA  C    sing N N 123 
GLY CA  HA2  sing N N 124 
GLY CA  HA3  sing N N 125 
GLY C   O    doub N N 126 
GLY C   OXT  sing N N 127 
GLY OXT HXT  sing N N 128 
HIS N   CA   sing N N 129 
HIS N   H    sing N N 130 
HIS N   H2   sing N N 131 
HIS CA  C    sing N N 132 
HIS CA  CB   sing N N 133 
HIS CA  HA   sing N N 134 
HIS C   O    doub N N 135 
HIS C   OXT  sing N N 136 
HIS CB  CG   sing N N 137 
HIS CB  HB2  sing N N 138 
HIS CB  HB3  sing N N 139 
HIS CG  ND1  sing Y N 140 
HIS CG  CD2  doub Y N 141 
HIS ND1 CE1  doub Y N 142 
HIS ND1 HD1  sing N N 143 
HIS CD2 NE2  sing Y N 144 
HIS CD2 HD2  sing N N 145 
HIS CE1 NE2  sing Y N 146 
HIS CE1 HE1  sing N N 147 
HIS NE2 HE2  sing N N 148 
HIS OXT HXT  sing N N 149 
HOH O   H1   sing N N 150 
HOH O   H2   sing N N 151 
ILE N   CA   sing N N 152 
ILE N   H    sing N N 153 
ILE N   H2   sing N N 154 
ILE CA  C    sing N N 155 
ILE CA  CB   sing N N 156 
ILE CA  HA   sing N N 157 
ILE C   O    doub N N 158 
ILE C   OXT  sing N N 159 
ILE CB  CG1  sing N N 160 
ILE CB  CG2  sing N N 161 
ILE CB  HB   sing N N 162 
ILE CG1 CD1  sing N N 163 
ILE CG1 HG12 sing N N 164 
ILE CG1 HG13 sing N N 165 
ILE CG2 HG21 sing N N 166 
ILE CG2 HG22 sing N N 167 
ILE CG2 HG23 sing N N 168 
ILE CD1 HD11 sing N N 169 
ILE CD1 HD12 sing N N 170 
ILE CD1 HD13 sing N N 171 
ILE OXT HXT  sing N N 172 
LEU N   CA   sing N N 173 
LEU N   H    sing N N 174 
LEU N   H2   sing N N 175 
LEU CA  C    sing N N 176 
LEU CA  CB   sing N N 177 
LEU CA  HA   sing N N 178 
LEU C   O    doub N N 179 
LEU C   OXT  sing N N 180 
LEU CB  CG   sing N N 181 
LEU CB  HB2  sing N N 182 
LEU CB  HB3  sing N N 183 
LEU CG  CD1  sing N N 184 
LEU CG  CD2  sing N N 185 
LEU CG  HG   sing N N 186 
LEU CD1 HD11 sing N N 187 
LEU CD1 HD12 sing N N 188 
LEU CD1 HD13 sing N N 189 
LEU CD2 HD21 sing N N 190 
LEU CD2 HD22 sing N N 191 
LEU CD2 HD23 sing N N 192 
LEU OXT HXT  sing N N 193 
LYS N   CA   sing N N 194 
LYS N   H    sing N N 195 
LYS N   H2   sing N N 196 
LYS CA  C    sing N N 197 
LYS CA  CB   sing N N 198 
LYS CA  HA   sing N N 199 
LYS C   O    doub N N 200 
LYS C   OXT  sing N N 201 
LYS CB  CG   sing N N 202 
LYS CB  HB2  sing N N 203 
LYS CB  HB3  sing N N 204 
LYS CG  CD   sing N N 205 
LYS CG  HG2  sing N N 206 
LYS CG  HG3  sing N N 207 
LYS CD  CE   sing N N 208 
LYS CD  HD2  sing N N 209 
LYS CD  HD3  sing N N 210 
LYS CE  NZ   sing N N 211 
LYS CE  HE2  sing N N 212 
LYS CE  HE3  sing N N 213 
LYS NZ  HZ1  sing N N 214 
LYS NZ  HZ2  sing N N 215 
LYS NZ  HZ3  sing N N 216 
LYS OXT HXT  sing N N 217 
MET N   CA   sing N N 218 
MET N   H    sing N N 219 
MET N   H2   sing N N 220 
MET CA  C    sing N N 221 
MET CA  CB   sing N N 222 
MET CA  HA   sing N N 223 
MET C   O    doub N N 224 
MET C   OXT  sing N N 225 
MET CB  CG   sing N N 226 
MET CB  HB2  sing N N 227 
MET CB  HB3  sing N N 228 
MET CG  SD   sing N N 229 
MET CG  HG2  sing N N 230 
MET CG  HG3  sing N N 231 
MET SD  CE   sing N N 232 
MET CE  HE1  sing N N 233 
MET CE  HE2  sing N N 234 
MET CE  HE3  sing N N 235 
MET OXT HXT  sing N N 236 
PHE N   CA   sing N N 237 
PHE N   H    sing N N 238 
PHE N   H2   sing N N 239 
PHE CA  C    sing N N 240 
PHE CA  CB   sing N N 241 
PHE CA  HA   sing N N 242 
PHE C   O    doub N N 243 
PHE C   OXT  sing N N 244 
PHE CB  CG   sing N N 245 
PHE CB  HB2  sing N N 246 
PHE CB  HB3  sing N N 247 
PHE CG  CD1  doub Y N 248 
PHE CG  CD2  sing Y N 249 
PHE CD1 CE1  sing Y N 250 
PHE CD1 HD1  sing N N 251 
PHE CD2 CE2  doub Y N 252 
PHE CD2 HD2  sing N N 253 
PHE CE1 CZ   doub Y N 254 
PHE CE1 HE1  sing N N 255 
PHE CE2 CZ   sing Y N 256 
PHE CE2 HE2  sing N N 257 
PHE CZ  HZ   sing N N 258 
PHE OXT HXT  sing N N 259 
PRO N   CA   sing N N 260 
PRO N   CD   sing N N 261 
PRO N   H    sing N N 262 
PRO CA  C    sing N N 263 
PRO CA  CB   sing N N 264 
PRO CA  HA   sing N N 265 
PRO C   O    doub N N 266 
PRO C   OXT  sing N N 267 
PRO CB  CG   sing N N 268 
PRO CB  HB2  sing N N 269 
PRO CB  HB3  sing N N 270 
PRO CG  CD   sing N N 271 
PRO CG  HG2  sing N N 272 
PRO CG  HG3  sing N N 273 
PRO CD  HD2  sing N N 274 
PRO CD  HD3  sing N N 275 
PRO OXT HXT  sing N N 276 
SER N   CA   sing N N 277 
SER N   H    sing N N 278 
SER N   H2   sing N N 279 
SER CA  C    sing N N 280 
SER CA  CB   sing N N 281 
SER CA  HA   sing N N 282 
SER C   O    doub N N 283 
SER C   OXT  sing N N 284 
SER CB  OG   sing N N 285 
SER CB  HB2  sing N N 286 
SER CB  HB3  sing N N 287 
SER OG  HG   sing N N 288 
SER OXT HXT  sing N N 289 
THR N   CA   sing N N 290 
THR N   H    sing N N 291 
THR N   H2   sing N N 292 
THR CA  C    sing N N 293 
THR CA  CB   sing N N 294 
THR CA  HA   sing N N 295 
THR C   O    doub N N 296 
THR C   OXT  sing N N 297 
THR CB  OG1  sing N N 298 
THR CB  CG2  sing N N 299 
THR CB  HB   sing N N 300 
THR OG1 HG1  sing N N 301 
THR CG2 HG21 sing N N 302 
THR CG2 HG22 sing N N 303 
THR CG2 HG23 sing N N 304 
THR OXT HXT  sing N N 305 
TRP N   CA   sing N N 306 
TRP N   H    sing N N 307 
TRP N   H2   sing N N 308 
TRP CA  C    sing N N 309 
TRP CA  CB   sing N N 310 
TRP CA  HA   sing N N 311 
TRP C   O    doub N N 312 
TRP C   OXT  sing N N 313 
TRP CB  CG   sing N N 314 
TRP CB  HB2  sing N N 315 
TRP CB  HB3  sing N N 316 
TRP CG  CD1  doub Y N 317 
TRP CG  CD2  sing Y N 318 
TRP CD1 NE1  sing Y N 319 
TRP CD1 HD1  sing N N 320 
TRP CD2 CE2  doub Y N 321 
TRP CD2 CE3  sing Y N 322 
TRP NE1 CE2  sing Y N 323 
TRP NE1 HE1  sing N N 324 
TRP CE2 CZ2  sing Y N 325 
TRP CE3 CZ3  doub Y N 326 
TRP CE3 HE3  sing N N 327 
TRP CZ2 CH2  doub Y N 328 
TRP CZ2 HZ2  sing N N 329 
TRP CZ3 CH2  sing Y N 330 
TRP CZ3 HZ3  sing N N 331 
TRP CH2 HH2  sing N N 332 
TRP OXT HXT  sing N N 333 
TYR N   CA   sing N N 334 
TYR N   H    sing N N 335 
TYR N   H2   sing N N 336 
TYR CA  C    sing N N 337 
TYR CA  CB   sing N N 338 
TYR CA  HA   sing N N 339 
TYR C   O    doub N N 340 
TYR C   OXT  sing N N 341 
TYR CB  CG   sing N N 342 
TYR CB  HB2  sing N N 343 
TYR CB  HB3  sing N N 344 
TYR CG  CD1  doub Y N 345 
TYR CG  CD2  sing Y N 346 
TYR CD1 CE1  sing Y N 347 
TYR CD1 HD1  sing N N 348 
TYR CD2 CE2  doub Y N 349 
TYR CD2 HD2  sing N N 350 
TYR CE1 CZ   doub Y N 351 
TYR CE1 HE1  sing N N 352 
TYR CE2 CZ   sing Y N 353 
TYR CE2 HE2  sing N N 354 
TYR CZ  OH   sing N N 355 
TYR OH  HH   sing N N 356 
TYR OXT HXT  sing N N 357 
VAL N   CA   sing N N 358 
VAL N   H    sing N N 359 
VAL N   H2   sing N N 360 
VAL CA  C    sing N N 361 
VAL CA  CB   sing N N 362 
VAL CA  HA   sing N N 363 
VAL C   O    doub N N 364 
VAL C   OXT  sing N N 365 
VAL CB  CG1  sing N N 366 
VAL CB  CG2  sing N N 367 
VAL CB  HB   sing N N 368 
VAL CG1 HG11 sing N N 369 
VAL CG1 HG12 sing N N 370 
VAL CG1 HG13 sing N N 371 
VAL CG2 HG21 sing N N 372 
VAL CG2 HG22 sing N N 373 
VAL CG2 HG23 sing N N 374 
VAL OXT HXT  sing N N 375 
# 
_atom_sites.entry_id                    2G69 
_atom_sites.fract_transf_matrix[1][1]   -0.00435919 
_atom_sites.fract_transf_matrix[1][2]   0.01429015 
_atom_sites.fract_transf_matrix[1][3]   0.00678319 
_atom_sites.fract_transf_matrix[2][1]   -0.01111089 
_atom_sites.fract_transf_matrix[2][2]   -0.00777420 
_atom_sites.fract_transf_matrix[2][3]   0.00923755 
_atom_sites.fract_transf_matrix[3][1]   0.01235225 
_atom_sites.fract_transf_matrix[3][2]   -0.00234682 
_atom_sites.fract_transf_matrix[3][3]   0.01288217 
_atom_sites.fract_transf_vector[1]      0.314114 
_atom_sites.fract_transf_vector[2]      0.283885 
_atom_sites.fract_transf_vector[3]      0.291854 
# 
loop_
_atom_type.symbol 
C 
N 
O 
S 
# 
loop_
_atom_site.group_PDB 
_atom_site.id 
_atom_site.type_symbol 
_atom_site.label_atom_id 
_atom_site.label_alt_id 
_atom_site.label_comp_id 
_atom_site.label_asym_id 
_atom_site.label_entity_id 
_atom_site.label_seq_id 
_atom_site.pdbx_PDB_ins_code 
_atom_site.Cartn_x 
_atom_site.Cartn_y 
_atom_site.Cartn_z 
_atom_site.occupancy 
_atom_site.B_iso_or_equiv 
_atom_site.pdbx_formal_charge 
_atom_site.auth_seq_id 
_atom_site.auth_comp_id 
_atom_site.auth_asym_id 
_atom_site.auth_atom_id 
_atom_site.pdbx_PDB_model_num 
ATOM   1   N N   . PRO A 1 1  ? -9.645  -0.490  13.651  1.00 50.62 ? 1    PRO A N   1 
ATOM   2   C CA  . PRO A 1 1  ? -9.549  -1.658  14.516  1.00 45.93 ? 1    PRO A CA  1 
ATOM   3   C C   . PRO A 1 1  ? -8.347  -1.571  15.456  1.00 37.54 ? 1    PRO A C   1 
ATOM   4   O O   . PRO A 1 1  ? -7.598  -0.598  15.430  1.00 41.37 ? 1    PRO A O   1 
ATOM   5   C CB  . PRO A 1 1  ? -9.336  -2.813  13.531  1.00 53.67 ? 1    PRO A CB  1 
ATOM   6   C CG  . PRO A 1 1  ? -9.514  -2.274  12.152  1.00 54.51 ? 1    PRO A CG  1 
ATOM   7   C CD  . PRO A 1 1  ? -9.658  -0.794  12.218  1.00 53.14 ? 1    PRO A CD  1 
ATOM   8   N N   . GLN A 1 2  ? -8.149  -2.548  16.312  1.00 36.65 ? 2    GLN A N   1 
ATOM   9   C CA  . GLN A 1 2  ? -6.925  -2.715  17.081  1.00 33.61 ? 2    GLN A CA  1 
ATOM   10  C C   . GLN A 1 2  ? -6.322  -4.061  16.711  1.00 34.91 ? 2    GLN A C   1 
ATOM   11  O O   . GLN A 1 2  ? -6.892  -5.111  17.008  1.00 44.71 ? 2    GLN A O   1 
ATOM   12  C CB  . GLN A 1 2  ? -7.214  -2.648  18.593  1.00 36.06 ? 2    GLN A CB  1 
ATOM   13  C CG  . GLN A 1 2  ? -5.910  -2.666  19.379  1.00 43.35 ? 2    GLN A CG  1 
ATOM   14  C CD  . GLN A 1 2  ? -6.053  -2.474  20.873  1.00 41.85 ? 2    GLN A CD  1 
ATOM   15  O OE1 . GLN A 1 2  ? -5.478  -1.540  21.457  1.00 53.36 ? 2    GLN A OE1 1 
ATOM   16  N NE2 . GLN A 1 2  ? -6.816  -3.337  21.517  1.00 54.24 ? 2    GLN A NE2 1 
ATOM   17  N N   . ILE A 1 3  ? -5.192  -4.014  16.048  1.00 26.86 ? 3    ILE A N   1 
ATOM   18  C CA  . ILE A 1 3  ? -4.531  -5.199  15.525  1.00 26.50 ? 3    ILE A CA  1 
ATOM   19  C C   . ILE A 1 3  ? -3.316  -5.575  16.347  1.00 25.69 ? 3    ILE A C   1 
ATOM   20  O O   . ILE A 1 3  ? -2.355  -4.832  16.511  1.00 25.83 ? 3    ILE A O   1 
ATOM   21  C CB  . ILE A 1 3  ? -4.160  -4.921  14.042  1.00 27.06 ? 3    ILE A CB  1 
ATOM   22  C CG1 . ILE A 1 3  ? -5.385  -4.502  13.212  1.00 30.49 ? 3    ILE A CG1 1 
ATOM   23  C CG2 . ILE A 1 3  ? -3.399  -6.066  13.415  1.00 27.24 ? 3    ILE A CG2 1 
ATOM   24  C CD1 . ILE A 1 3  ? -4.934  -3.985  11.867  1.00 31.40 ? 3    ILE A CD1 1 
ATOM   25  N N   . THR A 1 4  ? -3.349  -6.772  16.922  1.00 27.29 ? 4    THR A N   1 
ATOM   26  C CA  . THR A 1 4  ? -2.174  -7.363  17.563  1.00 25.32 ? 4    THR A CA  1 
ATOM   27  C C   . THR A 1 4  ? -1.281  -8.030  16.529  1.00 24.36 ? 4    THR A C   1 
ATOM   28  O O   . THR A 1 4  ? -1.690  -8.267  15.400  1.00 28.50 ? 4    THR A O   1 
ATOM   29  C CB  . THR A 1 4  ? -2.606  -8.402  18.615  1.00 29.19 ? 4    THR A CB  1 
ATOM   30  O OG1 . THR A 1 4  ? -3.243  -9.458  17.865  1.00 39.55 ? 4    THR A OG1 1 
ATOM   31  C CG2 . THR A 1 4  ? -3.550  -7.668  19.539  1.00 29.92 ? 4    THR A CG2 1 
ATOM   32  N N   . LEU A 1 5  ? -0.084  -8.397  16.904  1.00 22.66 ? 5    LEU A N   1 
ATOM   33  C CA  . LEU A 1 5  ? 0.969   -8.713  15.935  1.00 20.64 ? 5    LEU A CA  1 
ATOM   34  C C   . LEU A 1 5  ? 1.453   -10.142 16.057  1.00 20.38 ? 5    LEU A C   1 
ATOM   35  O O   . LEU A 1 5  ? 2.543   -10.452 15.576  1.00 20.98 ? 5    LEU A O   1 
ATOM   36  C CB  . LEU A 1 5  ? 2.065   -7.660  16.129  1.00 20.28 ? 5    LEU A CB  1 
ATOM   37  C CG  . LEU A 1 5  ? 1.653   -6.213  15.866  1.00 21.23 ? 5    LEU A CG  1 
ATOM   38  C CD1 . LEU A 1 5  ? 2.737   -5.263  16.313  1.00 21.57 ? 5    LEU A CD1 1 
ATOM   39  C CD2 . LEU A 1 5  ? 1.315   -6.039  14.374  1.00 22.00 ? 5    LEU A CD2 1 
ATOM   40  N N   . TRP A 1 6  ? 0.621   -11.038 16.608  1.00 21.51 ? 6    TRP A N   1 
ATOM   41  C CA  . TRP A 1 6  ? 0.988   -12.447 16.636  1.00 22.80 ? 6    TRP A CA  1 
ATOM   42  C C   . TRP A 1 6  ? 1.097   -13.061 15.267  1.00 24.63 ? 6    TRP A C   1 
ATOM   43  O O   . TRP A 1 6  ? 1.913   -13.961 14.992  1.00 27.26 ? 6    TRP A O   1 
ATOM   44  C CB  . TRP A 1 6  ? -0.006  -13.223 17.531  1.00 23.32 ? 6    TRP A CB  1 
ATOM   45  C CG  . TRP A 1 6  ? 0.081   -12.794 18.957  1.00 23.58 ? 6    TRP A CG  1 
ATOM   46  C CD1 . TRP A 1 6  ? -0.899  -12.079 19.612  1.00 27.16 ? 6    TRP A CD1 1 
ATOM   47  C CD2 . TRP A 1 6  ? 1.120   -12.993 19.886  1.00 23.97 ? 6    TRP A CD2 1 
ATOM   48  N NE1 . TRP A 1 6  ? -0.552  -11.821 20.906  1.00 27.47 ? 6    TRP A NE1 1 
ATOM   49  C CE2 . TRP A 1 6  ? 0.702   -12.383 21.101  1.00 26.20 ? 6    TRP A CE2 1 
ATOM   50  C CE3 . TRP A 1 6  ? 2.355   -13.629 19.852  1.00 25.39 ? 6    TRP A CE3 1 
ATOM   51  C CZ2 . TRP A 1 6  ? 1.493   -12.394 22.245  1.00 28.47 ? 6    TRP A CZ2 1 
ATOM   52  C CZ3 . TRP A 1 6  ? 3.152   -13.647 21.000  1.00 28.26 ? 6    TRP A CZ3 1 
ATOM   53  C CH2 . TRP A 1 6  ? 2.711   -13.032 22.182  1.00 28.16 ? 6    TRP A CH2 1 
ATOM   54  N N   . LYS A 1 7  ? 0.274   -12.581 14.360  1.00 23.22 ? 7    LYS A N   1 
ATOM   55  C CA  . LYS A 1 7  ? 0.377   -12.917 12.950  1.00 23.89 ? 7    LYS A CA  1 
ATOM   56  C C   . LYS A 1 7  ? 0.648   -11.632 12.159  1.00 20.94 ? 7    LYS A C   1 
ATOM   57  O O   . LYS A 1 7  ? 0.554   -10.507 12.713  1.00 20.64 ? 7    LYS A O   1 
ATOM   58  C CB  . LYS A 1 7  ? -0.850  -13.547 12.354  1.00 29.48 ? 7    LYS A CB  1 
ATOM   59  C CG  . LYS A 1 7  ? -2.119  -12.786 12.584  1.00 39.00 ? 7    LYS A CG  1 
ATOM   60  C CD  . LYS A 1 7  ? -3.335  -13.714 12.589  1.00 44.37 ? 7    LYS A CD  1 
ATOM   61  C CE  . LYS A 1 7  ? -3.092  -14.967 13.412  1.00 51.61 ? 7    LYS A CE  1 
ATOM   62  N NZ  . LYS A 1 7  ? -4.317  -15.570 14.025  1.00 57.74 ? 7    LYS A NZ  1 
ATOM   63  N N   . ARG A 1 8  ? 0.979   -11.814 10.897  1.00 21.43 ? 8    ARG A N   1 
ATOM   64  C CA  . ARG A 1 8  ? 1.230   -10.648 10.049  1.00 20.71 ? 8    ARG A CA  1 
ATOM   65  C C   . ARG A 1 8  ? -0.047  -9.811  10.000  1.00 19.99 ? 8    ARG A C   1 
ATOM   66  O O   . ARG A 1 8  ? -1.165  -10.322 9.914   1.00 22.40 ? 8    ARG A O   1 
ATOM   67  C CB  . ARG A 1 8  ? 1.620   -11.046 8.622   1.00 21.49 ? 8    ARG A CB  1 
ATOM   68  C CG  . ARG A 1 8  ? 2.970   -11.727 8.537   1.00 23.94 ? 8    ARG A CG  1 
ATOM   69  C CD  A ARG A 1 8  ? 3.510   -12.148 7.197   0.60 26.46 ? 8    ARG A CD  1 
ATOM   70  C CD  B ARG A 1 8  ? 3.487   -11.762 7.099   0.40 25.24 ? 8    ARG A CD  1 
ATOM   71  N NE  A ARG A 1 8  ? 4.880   -12.641 7.212   0.60 30.29 ? 8    ARG A NE  1 
ATOM   72  N NE  B ARG A 1 8  ? 2.710   -12.653 6.253   0.40 26.29 ? 8    ARG A NE  1 
ATOM   73  C CZ  A ARG A 1 8  ? 5.496   -13.340 6.264   0.60 34.59 ? 8    ARG A CZ  1 
ATOM   74  C CZ  B ARG A 1 8  ? 2.402   -12.559 4.972   0.40 23.57 ? 8    ARG A CZ  1 
ATOM   75  N NH1 A ARG A 1 8  ? 4.880   -13.690 5.138   0.60 46.14 ? 8    ARG A NH1 1 
ATOM   76  N NH1 B ARG A 1 8  ? 2.765   -11.565 4.179   0.40 32.86 ? 8    ARG A NH1 1 
ATOM   77  N NH2 A ARG A 1 8  ? 6.757   -13.749 6.351   0.60 37.46 ? 8    ARG A NH2 1 
ATOM   78  N NH2 B ARG A 1 8  ? 1.668   -13.539 4.455   0.40 27.68 ? 8    ARG A NH2 1 
ATOM   79  N N   . PRO A 1 9  ? 0.080   -8.488  10.066  1.00 18.99 ? 9    PRO A N   1 
ATOM   80  C CA  . PRO A 1 9  ? -1.104  -7.593  10.098  1.00 19.22 ? 9    PRO A CA  1 
ATOM   81  C C   . PRO A 1 9  ? -1.636  -7.313  8.701   1.00 19.56 ? 9    PRO A C   1 
ATOM   82  O O   . PRO A 1 9  ? -1.454  -6.273  8.063   1.00 18.92 ? 9    PRO A O   1 
ATOM   83  C CB  . PRO A 1 9  ? -0.565  -6.298  10.740  1.00 19.34 ? 9    PRO A CB  1 
ATOM   84  C CG  . PRO A 1 9  ? 0.883   -6.326  10.383  1.00 18.71 ? 9    PRO A CG  1 
ATOM   85  C CD  . PRO A 1 9  ? 1.301   -7.766  10.456  1.00 17.93 ? 9    PRO A CD  1 
ATOM   86  N N   . LEU A 1 10 ? -2.314  -8.355  8.210   1.00 20.18 ? 10   LEU A N   1 
ATOM   87  C CA  . LEU A 1 10 ? -2.904  -8.357  6.883   1.00 20.17 ? 10   LEU A CA  1 
ATOM   88  C C   . LEU A 1 10 ? -4.358  -7.915  6.960   1.00 21.21 ? 10   LEU A C   1 
ATOM   89  O O   . LEU A 1 10 ? -5.109  -8.391  7.802   1.00 26.53 ? 10   LEU A O   1 
ATOM   90  C CB  . LEU A 1 10 ? -2.841  -9.754  6.250   1.00 23.00 ? 10   LEU A CB  1 
ATOM   91  C CG  . LEU A 1 10 ? -1.447  -10.328 6.004   1.00 25.21 ? 10   LEU A CG  1 
ATOM   92  C CD1 . LEU A 1 10 ? -1.567  -11.794 5.598   1.00 30.33 ? 10   LEU A CD1 1 
ATOM   93  C CD2 . LEU A 1 10 ? -0.728  -9.567  4.934   1.00 31.21 ? 10   LEU A CD2 1 
ATOM   94  N N   . VAL A 1 11 ? -4.749  -6.998  6.093   1.00 21.31 ? 11   VAL A N   1 
ATOM   95  C CA  . VAL A 1 11 ? -6.119  -6.487  6.052   1.00 22.89 ? 11   VAL A CA  1 
ATOM   96  C C   . VAL A 1 11 ? -6.582  -6.466  4.609   1.00 22.09 ? 11   VAL A C   1 
ATOM   97  O O   . VAL A 1 11 ? -5.798  -6.551  3.674   1.00 23.33 ? 11   VAL A O   1 
ATOM   98  C CB  . VAL A 1 11 ? -6.255  -5.068  6.637   1.00 24.08 ? 11   VAL A CB  1 
ATOM   99  C CG1 . VAL A 1 11 ? -5.808  -4.961  8.087   1.00 27.41 ? 11   VAL A CG1 1 
ATOM   100 C CG2 . VAL A 1 11 ? -5.466  -4.103  5.775   1.00 27.41 ? 11   VAL A CG2 1 
ATOM   101 N N   . THR A 1 12 ? -7.851  -6.330  4.376   1.00 22.88 ? 12   THR A N   1 
ATOM   102 C CA  . THR A 1 12 ? -8.435  -6.104  3.080   1.00 23.87 ? 12   THR A CA  1 
ATOM   103 C C   . THR A 1 12 ? -8.412  -4.616  2.723   1.00 23.23 ? 12   THR A C   1 
ATOM   104 O O   . THR A 1 12 ? -8.790  -3.740  3.520   1.00 26.42 ? 12   THR A O   1 
ATOM   105 C CB  . THR A 1 12 ? -9.894  -6.617  3.033   1.00 28.49 ? 12   THR A CB  1 
ATOM   106 O OG1 . THR A 1 12 ? -9.882  -8.000  3.392   1.00 29.83 ? 12   THR A OG1 1 
ATOM   107 C CG2 . THR A 1 12 ? -10.443 -6.476  1.642   1.00 29.14 ? 12   THR A CG2 1 
ATOM   108 N N   . ILE A 1 13 ? -7.913  -4.353  1.543   1.00 22.74 ? 13   ILE A N   1 
ATOM   109 C CA  . ILE A 1 13 ? -7.947  -3.033  0.924   1.00 21.77 ? 13   ILE A CA  1 
ATOM   110 C C   . ILE A 1 13 ? -8.810  -3.076  -0.343  1.00 25.66 ? 13   ILE A C   1 
ATOM   111 O O   . ILE A 1 13 ? -9.034  -4.128  -0.950  1.00 25.21 ? 13   ILE A O   1 
ATOM   112 C CB  . ILE A 1 13 ? -6.529  -2.544  0.580   1.00 21.57 ? 13   ILE A CB  1 
ATOM   113 C CG1 . ILE A 1 13 ? -5.872  -3.380  -0.539  1.00 22.58 ? 13   ILE A CG1 1 
ATOM   114 C CG2 . ILE A 1 13 ? -5.667  -2.467  1.810   1.00 23.87 ? 13   ILE A CG2 1 
ATOM   115 C CD1 . ILE A 1 13 ? -4.689  -2.762  -1.200  1.00 23.74 ? 13   ILE A CD1 1 
ATOM   116 N N   . LYS A 1 14 ? -9.266  -1.888  -0.727  1.00 25.95 ? 14   LYS A N   1 
ATOM   117 C CA  . LYS A 1 14 ? -10.031 -1.710  -1.933  1.00 24.31 ? 14   LYS A CA  1 
ATOM   118 C C   . LYS A 1 14 ? -9.310  -0.626  -2.739  1.00 22.76 ? 14   LYS A C   1 
ATOM   119 O O   . LYS A 1 14 ? -9.125  0.497   -2.267  1.00 26.34 ? 14   LYS A O   1 
ATOM   120 C CB  . LYS A 1 14 ? -11.512 -1.371  -1.685  1.00 29.99 ? 14   LYS A CB  1 
ATOM   121 C CG  . LYS A 1 14 ? -12.294 -1.177  -2.960  1.00 35.45 ? 14   LYS A CG  1 
ATOM   122 C CD  . LYS A 1 14 ? -13.786 -1.320  -2.788  1.00 40.17 ? 14   LYS A CD  1 
ATOM   123 C CE  . LYS A 1 14 ? -14.442 -1.787  -4.083  1.00 45.83 ? 14   LYS A CE  1 
ATOM   124 N NZ  . LYS A 1 14 ? -14.098 -3.208  -4.381  1.00 58.47 ? 14   LYS A NZ  1 
ATOM   125 N N   . ILE A 1 15 ? -8.901  -0.972  -3.946  1.00 26.02 ? 15   ILE A N   1 
ATOM   126 C CA  . ILE A 1 15 ? -8.174  -0.041  -4.837  1.00 25.46 ? 15   ILE A CA  1 
ATOM   127 C C   . ILE A 1 15 ? -8.563  -0.388  -6.265  1.00 29.62 ? 15   ILE A C   1 
ATOM   128 O O   . ILE A 1 15 ? -8.619  -1.553  -6.673  1.00 29.74 ? 15   ILE A O   1 
ATOM   129 C CB  . ILE A 1 15 ? -6.651  -0.152  -4.639  1.00 26.06 ? 15   ILE A CB  1 
ATOM   130 C CG1 . ILE A 1 15 ? -5.846  0.765   -5.560  1.00 27.60 ? 15   ILE A CG1 1 
ATOM   131 C CG2 . ILE A 1 15 ? -6.182  -1.585  -4.785  1.00 25.81 ? 15   ILE A CG2 1 
ATOM   132 C CD1 . ILE A 1 15 ? -4.398  0.946   -5.254  1.00 23.88 ? 15   ILE A CD1 1 
ATOM   133 N N   . GLY A 1 16 ? -8.851  0.625   -7.045  1.00 33.12 ? 16   GLY A N   1 
ATOM   134 C CA  . GLY A 1 16 ? -9.284  0.450   -8.419  1.00 36.09 ? 16   GLY A CA  1 
ATOM   135 C C   . GLY A 1 16 ? -10.476 -0.481  -8.537  1.00 35.42 ? 16   GLY A C   1 
ATOM   136 O O   . GLY A 1 16 ? -10.601 -1.218  -9.516  1.00 41.96 ? 16   GLY A O   1 
ATOM   137 N N   . GLY A 1 17 ? -11.336 -0.467  -7.501  1.00 34.94 ? 17   GLY A N   1 
ATOM   138 C CA  . GLY A 1 17 ? -12.584 -1.203  -7.445  1.00 39.79 ? 17   GLY A CA  1 
ATOM   139 C C   . GLY A 1 17 ? -12.383 -2.671  -7.127  1.00 35.62 ? 17   GLY A C   1 
ATOM   140 O O   . GLY A 1 17 ? -13.317 -3.469  -7.217  1.00 42.83 ? 17   GLY A O   1 
ATOM   141 N N   . GLN A 1 18 ? -11.172 -3.054  -6.740  1.00 32.76 ? 18   GLN A N   1 
ATOM   142 C CA  . GLN A 1 18 ? -10.750 -4.420  -6.513  1.00 33.24 ? 18   GLN A CA  1 
ATOM   143 C C   . GLN A 1 18 ? -10.400 -4.652  -5.041  1.00 29.17 ? 18   GLN A C   1 
ATOM   144 O O   . GLN A 1 18 ? -9.743  -3.759  -4.470  1.00 29.39 ? 18   GLN A O   1 
ATOM   145 C CB  . GLN A 1 18 ? -9.529  -4.778  -7.386  1.00 34.40 ? 18   GLN A CB  1 
ATOM   146 C CG  . GLN A 1 18 ? -9.770  -4.595  -8.889  1.00 41.00 ? 18   GLN A CG  1 
ATOM   147 C CD  . GLN A 1 18 ? -8.630  -5.108  -9.747  1.00 42.16 ? 18   GLN A CD  1 
ATOM   148 O OE1 . GLN A 1 18 ? -7.859  -4.373  -10.361 1.00 57.24 ? 18   GLN A OE1 1 
ATOM   149 N NE2 . GLN A 1 18 ? -8.504  -6.438  -9.797  1.00 55.07 ? 18   GLN A NE2 1 
ATOM   150 N N   . LEU A 1 19 ? -10.789 -5.775  -4.465  1.00 26.81 ? 19   LEU A N   1 
ATOM   151 C CA  . LEU A 1 19 ? -10.338 -6.138  -3.114  1.00 25.98 ? 19   LEU A CA  1 
ATOM   152 C C   . LEU A 1 19 ? -9.031  -6.913  -3.173  1.00 26.21 ? 19   LEU A C   1 
ATOM   153 O O   . LEU A 1 19 ? -8.852  -7.864  -3.949  1.00 29.73 ? 19   LEU A O   1 
ATOM   154 C CB  . LEU A 1 19 ? -11.373 -6.992  -2.401  1.00 27.44 ? 19   LEU A CB  1 
ATOM   155 C CG  . LEU A 1 19 ? -12.765 -6.400  -2.195  1.00 29.01 ? 19   LEU A CG  1 
ATOM   156 C CD1 . LEU A 1 19 ? -13.602 -7.336  -1.357  1.00 32.84 ? 19   LEU A CD1 1 
ATOM   157 C CD2 . LEU A 1 19 ? -12.658 -5.051  -1.528  1.00 32.45 ? 19   LEU A CD2 1 
ATOM   158 N N   . LYS A 1 20 ? -8.086  -6.537  -2.340  1.00 24.51 ? 20   LYS A N   1 
ATOM   159 C CA  . LYS A 1 20 ? -6.788  -7.180  -2.222  1.00 24.72 ? 20   LYS A CA  1 
ATOM   160 C C   . LYS A 1 20 ? -6.410  -7.319  -0.749  1.00 23.73 ? 20   LYS A C   1 
ATOM   161 O O   . LYS A 1 20 ? -6.991  -6.620  0.087   1.00 26.15 ? 20   LYS A O   1 
ATOM   162 C CB  . LYS A 1 20 ? -5.670  -6.402  -2.926  1.00 25.73 ? 20   LYS A CB  1 
ATOM   163 C CG  . LYS A 1 20 ? -5.915  -6.239  -4.416  1.00 28.38 ? 20   LYS A CG  1 
ATOM   164 C CD  . LYS A 1 20 ? -4.795  -5.556  -5.132  1.00 30.56 ? 20   LYS A CD  1 
ATOM   165 C CE  . LYS A 1 20 ? -4.908  -5.605  -6.635  1.00 37.18 ? 20   LYS A CE  1 
ATOM   166 N NZ  . LYS A 1 20 ? -5.184  -6.957  -7.238  1.00 53.69 ? 20   LYS A NZ  1 
ATOM   167 N N   . GLU A 1 21 ? -5.479  -8.226  -0.445  1.00 23.66 ? 21   GLU A N   1 
ATOM   168 C CA  . GLU A 1 21 ? -4.950  -8.343  0.890   1.00 23.92 ? 21   GLU A CA  1 
ATOM   169 C C   . GLU A 1 21 ? -3.636  -7.548  0.959   1.00 20.56 ? 21   GLU A C   1 
ATOM   170 O O   . GLU A 1 21 ? -2.813  -7.621  0.038   1.00 20.56 ? 21   GLU A O   1 
ATOM   171 C CB  . GLU A 1 21 ? -4.688  -9.803  1.233   1.00 27.17 ? 21   GLU A CB  1 
ATOM   172 C CG  . GLU A 1 21 ? -4.062  -10.103 2.560   1.00 34.07 ? 21   GLU A CG  1 
ATOM   173 C CD  . GLU A 1 21 ? -3.876  -11.587 2.801   1.00 43.04 ? 21   GLU A CD  1 
ATOM   174 O OE1 . GLU A 1 21 ? -2.907  -12.166 2.256   1.00 46.63 ? 21   GLU A OE1 1 
ATOM   175 O OE2 . GLU A 1 21 ? -4.696  -12.184 3.530   1.00 53.96 ? 21   GLU A OE2 1 
ATOM   176 N N   . ALA A 1 22 ? -3.430  -6.798  2.007   1.00 19.65 ? 22   ALA A N   1 
ATOM   177 C CA  . ALA A 1 22 ? -2.211  -6.010  2.146   1.00 17.67 ? 22   ALA A CA  1 
ATOM   178 C C   . ALA A 1 22 ? -1.715  -5.999  3.580   1.00 16.21 ? 22   ALA A C   1 
ATOM   179 O O   . ALA A 1 22 ? -2.481  -6.156  4.541   1.00 19.61 ? 22   ALA A O   1 
ATOM   180 C CB  . ALA A 1 22 ? -2.429  -4.593  1.639   1.00 18.41 ? 22   ALA A CB  1 
ATOM   181 N N   . LEU A 1 23 ? -0.411  -5.810  3.718   1.00 16.26 ? 23   LEU A N   1 
ATOM   182 C CA  . LEU A 1 23 ? 0.308   -5.809  4.976   1.00 15.37 ? 23   LEU A CA  1 
ATOM   183 C C   . LEU A 1 23 ? 0.443   -4.405  5.491   1.00 15.65 ? 23   LEU A C   1 
ATOM   184 O O   . LEU A 1 23 ? 0.953   -3.530  4.777   1.00 16.82 ? 23   LEU A O   1 
ATOM   185 C CB  . LEU A 1 23 ? 1.688   -6.428  4.744   1.00 16.88 ? 23   LEU A CB  1 
ATOM   186 C CG  . LEU A 1 23 ? 2.605   -6.529  5.926   1.00 18.61 ? 23   LEU A CG  1 
ATOM   187 C CD1 . LEU A 1 23 ? 2.066   -7.581  6.858   1.00 23.87 ? 23   LEU A CD1 1 
ATOM   188 C CD2 . LEU A 1 23 ? 4.048   -6.866  5.479   1.00 21.71 ? 23   LEU A CD2 1 
ATOM   189 N N   . LEU A 1 24 ? 0.027   -4.118  6.706   1.00 16.30 ? 24   LEU A N   1 
ATOM   190 C CA  . LEU A 1 24 ? 0.238   -2.809  7.305   1.00 16.30 ? 24   LEU A CA  1 
ATOM   191 C C   . LEU A 1 24 ? 1.631   -2.747  7.879   1.00 16.91 ? 24   LEU A C   1 
ATOM   192 O O   . LEU A 1 24 ? 1.934   -3.477  8.831   1.00 18.77 ? 24   LEU A O   1 
ATOM   193 C CB  . LEU A 1 24 ? -0.814  -2.558  8.396   1.00 18.84 ? 24   LEU A CB  1 
ATOM   194 C CG  . LEU A 1 24 ? -2.278  -2.658  7.924   1.00 20.63 ? 24   LEU A CG  1 
ATOM   195 C CD1 . LEU A 1 24 ? -3.240  -2.283  9.063   1.00 27.71 ? 24   LEU A CD1 1 
ATOM   196 C CD2 . LEU A 1 24 ? -2.574  -1.760  6.736   1.00 24.49 ? 24   LEU A CD2 1 
ATOM   197 N N   . ASP A 1 25 ? 2.489   -1.916  7.290   1.00 17.28 ? 25   ASP A N   1 
ATOM   198 C CA  . ASP A 1 25 ? 3.951   -1.950  7.557   1.00 16.12 ? 25   ASP A CA  1 
ATOM   199 C C   . ASP A 1 25 ? 4.463   -0.617  8.011   1.00 16.28 ? 25   ASP A C   1 
ATOM   200 O O   . ASP A 1 25 ? 4.748   0.305   7.219   1.00 17.22 ? 25   ASP A O   1 
ATOM   201 C CB  . ASP A 1 25 ? 4.622   -2.380  6.253   1.00 18.37 ? 25   ASP A CB  1 
ATOM   202 C CG  . ASP A 1 25 ? 6.081   -2.714  6.390   1.00 23.85 ? 25   ASP A CG  1 
ATOM   203 O OD1 . ASP A 1 25 ? 6.619   -2.401  7.499   1.00 27.83 ? 25   ASP A OD1 1 
ATOM   204 O OD2 . ASP A 1 25 ? 6.688   -3.271  5.431   1.00 30.62 ? 25   ASP A OD2 1 
ATOM   205 N N   . THR A 1 26 ? 4.677   -0.375  9.289   1.00 16.32 ? 26   THR A N   1 
ATOM   206 C CA  . THR A 1 26 ? 5.162   0.825   9.867   1.00 15.81 ? 26   THR A CA  1 
ATOM   207 C C   . THR A 1 26 ? 6.619   1.037   9.499   1.00 16.66 ? 26   THR A C   1 
ATOM   208 O O   . THR A 1 26 ? 7.063   2.156   9.657   1.00 17.76 ? 26   THR A O   1 
ATOM   209 C CB  . THR A 1 26 ? 5.017   0.819   11.408  1.00 16.22 ? 26   THR A CB  1 
ATOM   210 O OG1 . THR A 1 26 ? 5.736   -0.233  11.988  1.00 16.93 ? 26   THR A OG1 1 
ATOM   211 C CG2 . THR A 1 26 ? 3.517   0.668   11.790  1.00 18.29 ? 26   THR A CG2 1 
ATOM   212 N N   . GLY A 1 27 ? 7.341   0.041   9.066   1.00 16.57 ? 27   GLY A N   1 
ATOM   213 C CA  . GLY A 1 27 ? 8.721   0.204   8.646   1.00 18.01 ? 27   GLY A CA  1 
ATOM   214 C C   . GLY A 1 27 ? 8.851   0.584   7.187   1.00 18.58 ? 27   GLY A C   1 
ATOM   215 O O   . GLY A 1 27 ? 9.957   0.798   6.687   1.00 23.39 ? 27   GLY A O   1 
ATOM   216 N N   . ALA A 1 28 ? 7.798   0.740   6.433   1.00 17.12 ? 28   ALA A N   1 
ATOM   217 C CA  . ALA A 1 28 ? 7.796   1.154   5.063   1.00 16.48 ? 28   ALA A CA  1 
ATOM   218 C C   . ALA A 1 28 ? 7.407   2.622   4.957   1.00 16.78 ? 28   ALA A C   1 
ATOM   219 O O   . ALA A 1 28 ? 6.380   3.024   5.492   1.00 17.09 ? 28   ALA A O   1 
ATOM   220 C CB  . ALA A 1 28 ? 6.808   0.329   4.243   1.00 18.23 ? 28   ALA A CB  1 
ATOM   221 N N   . ASP A 1 29 ? 8.148   3.437   4.246   1.00 18.14 ? 29   ASP A N   1 
ATOM   222 C CA  . ASP A 1 29 ? 7.799   4.837   4.043   1.00 18.68 ? 29   ASP A CA  1 
ATOM   223 C C   . ASP A 1 29 ? 6.633   4.962   3.065   1.00 19.26 ? 29   ASP A C   1 
ATOM   224 O O   . ASP A 1 29 ? 5.787   5.855   3.233   1.00 20.33 ? 29   ASP A O   1 
ATOM   225 C CB  . ASP A 1 29 ? 8.990   5.633   3.477   1.00 20.58 ? 29   ASP A CB  1 
ATOM   226 C CG  . ASP A 1 29 ? 10.227  5.627   4.371   1.00 24.80 ? 29   ASP A CG  1 
ATOM   227 O OD1 . ASP A 1 29 ? 10.137  5.439   5.618   1.00 23.19 ? 29   ASP A OD1 1 
ATOM   228 O OD2 . ASP A 1 29 ? 11.331  5.803   3.764   1.00 31.59 ? 29   ASP A OD2 1 
ATOM   229 N N   . ASP A 1 30 ? 6.606   4.086   2.065   1.00 18.53 ? 30   ASP A N   1 
ATOM   230 C CA  . ASP A 1 30 ? 5.721   4.220   0.928   1.00 18.88 ? 30   ASP A CA  1 
ATOM   231 C C   . ASP A 1 30 ? 4.868   2.955   0.755   1.00 16.72 ? 30   ASP A C   1 
ATOM   232 O O   . ASP A 1 30 ? 5.101   1.966   1.440   1.00 20.09 ? 30   ASP A O   1 
ATOM   233 C CB  . ASP A 1 30 ? 6.554   4.484   -0.304  1.00 23.30 ? 30   ASP A CB  1 
ATOM   234 C CG  . ASP A 1 30 ? 7.492   5.679   -0.197  1.00 30.54 ? 30   ASP A CG  1 
ATOM   235 O OD1 . ASP A 1 30 ? 7.038   6.791   0.136   1.00 36.88 ? 30   ASP A OD1 1 
ATOM   236 O OD2 . ASP A 1 30 ? 8.707   5.499   -0.457  1.00 44.72 ? 30   ASP A OD2 1 
ATOM   237 N N   . THR A 1 31 ? 3.902   3.030   -0.108  1.00 16.65 ? 31   THR A N   1 
ATOM   238 C CA  . THR A 1 31 ? 2.950   1.923   -0.371  1.00 16.54 ? 31   THR A CA  1 
ATOM   239 C C   . THR A 1 31 ? 3.190   1.306   -1.723  1.00 16.91 ? 31   THR A C   1 
ATOM   240 O O   . THR A 1 31 ? 3.309   2.072   -2.688  1.00 17.71 ? 31   THR A O   1 
ATOM   241 C CB  . THR A 1 31 ? 1.522   2.505   -0.263  1.00 17.39 ? 31   THR A CB  1 
ATOM   242 O OG1 . THR A 1 31 ? 1.230   2.777   1.115   1.00 18.30 ? 31   THR A OG1 1 
ATOM   243 C CG2 . THR A 1 31 ? 0.466   1.526   -0.746  1.00 19.67 ? 31   THR A CG2 1 
ATOM   244 N N   . VAL A 1 32 ? 3.300   -0.007  -1.792  1.00 15.96 ? 32   VAL A N   1 
ATOM   245 C CA  . VAL A 1 32 ? 3.596   -0.741  -3.014  1.00 16.95 ? 32   VAL A CA  1 
ATOM   246 C C   . VAL A 1 32 ? 2.535   -1.818  -3.210  1.00 16.18 ? 32   VAL A C   1 
ATOM   247 O O   . VAL A 1 32 ? 2.317   -2.617  -2.300  1.00 18.24 ? 32   VAL A O   1 
ATOM   248 C CB  . VAL A 1 32 ? 5.041   -1.319  -3.005  1.00 21.89 ? 32   VAL A CB  1 
ATOM   249 C CG1 . VAL A 1 32 ? 5.349   -1.761  -4.449  1.00 22.87 ? 32   VAL A CG1 1 
ATOM   250 C CG2 . VAL A 1 32 ? 6.078   -0.373  -2.441  1.00 25.77 ? 32   VAL A CG2 1 
ATOM   251 N N   . ILE A 1 33 ? 1.849   -1.834  -4.342  1.00 17.70 ? 33   ILE A N   1 
ATOM   252 C CA  . ILE A 1 33 ? 0.783   -2.745  -4.646  1.00 19.66 ? 33   ILE A CA  1 
ATOM   253 C C   . ILE A 1 33 ? 1.106   -3.482  -5.943  1.00 19.17 ? 33   ILE A C   1 
ATOM   254 O O   . ILE A 1 33 ? 1.724   -2.882  -6.823  1.00 20.67 ? 33   ILE A O   1 
ATOM   255 C CB  . ILE A 1 33 ? -0.565  -1.968  -4.811  1.00 23.17 ? 33   ILE A CB  1 
ATOM   256 C CG1 . ILE A 1 33 ? -0.938  -1.136  -3.611  1.00 25.61 ? 33   ILE A CG1 1 
ATOM   257 C CG2 . ILE A 1 33 ? -1.695  -2.886  -5.227  1.00 26.00 ? 33   ILE A CG2 1 
ATOM   258 C CD1 . ILE A 1 33 ? -1.163  -1.890  -2.343  1.00 28.09 ? 33   ILE A CD1 1 
ATOM   259 N N   . GLU A 1 34 ? 0.715   -4.748  -6.015  1.00 20.14 ? 34   GLU A N   1 
ATOM   260 C CA  . GLU A 1 34 ? 0.935   -5.585  -7.188  1.00 22.97 ? 34   GLU A CA  1 
ATOM   261 C C   . GLU A 1 34 ? 0.354   -4.966  -8.441  1.00 24.80 ? 34   GLU A C   1 
ATOM   262 O O   . GLU A 1 34 ? -0.538  -4.102  -8.426  1.00 22.90 ? 34   GLU A O   1 
ATOM   263 C CB  . GLU A 1 34 ? 0.323   -6.978  -6.950  1.00 26.82 ? 34   GLU A CB  1 
ATOM   264 C CG  . GLU A 1 34 ? -1.174  -6.877  -6.699  1.00 31.86 ? 34   GLU A CG  1 
ATOM   265 C CD  . GLU A 1 34 ? -1.821  -8.166  -6.245  1.00 41.52 ? 34   GLU A CD  1 
ATOM   266 O OE1 . GLU A 1 34 ? -1.400  -8.857  -5.320  1.00 59.11 ? 34   GLU A OE1 1 
ATOM   267 O OE2 . GLU A 1 34 ? -2.810  -8.501  -6.926  1.00 61.25 ? 34   GLU A OE2 1 
ATOM   268 N N   . GLU A 1 35 ? 0.912   -5.424  -9.596  1.00 25.78 ? 35   GLU A N   1 
ATOM   269 C CA  . GLU A 1 35 ? 0.418   -4.924  -10.872 1.00 28.02 ? 35   GLU A CA  1 
ATOM   270 C C   . GLU A 1 35 ? -1.084  -5.123  -10.988 1.00 30.58 ? 35   GLU A C   1 
ATOM   271 O O   . GLU A 1 35 ? -1.697  -6.136  -10.639 1.00 32.55 ? 35   GLU A O   1 
ATOM   272 C CB  . GLU A 1 35 ? 1.141   -5.632  -12.016 1.00 31.42 ? 35   GLU A CB  1 
ATOM   273 C CG  . GLU A 1 35 ? 2.613   -5.366  -12.111 1.00 41.77 ? 35   GLU A CG  1 
ATOM   274 C CD  . GLU A 1 35 ? 3.458   -6.328  -12.914 1.00 46.39 ? 35   GLU A CD  1 
ATOM   275 O OE1 . GLU A 1 35 ? 3.634   -7.518  -12.538 1.00 61.53 ? 35   GLU A OE1 1 
ATOM   276 O OE2 . GLU A 1 35 ? 3.978   -5.878  -13.967 1.00 57.73 ? 35   GLU A OE2 1 
ATOM   277 N N   . MET A 1 36 ? -1.735  -4.084  -11.498 1.00 31.64 ? 36   MET A N   1 
ATOM   278 C CA  . MET A 1 36 ? -3.189  -4.089  -11.637 1.00 36.46 ? 36   MET A CA  1 
ATOM   279 C C   . MET A 1 36 ? -3.612  -3.013  -12.627 1.00 42.60 ? 36   MET A C   1 
ATOM   280 O O   . MET A 1 36 ? -2.741  -2.191  -12.879 1.00 42.62 ? 36   MET A O   1 
ATOM   281 C CB  . MET A 1 36 ? -3.901  -3.762  -10.325 1.00 37.35 ? 36   MET A CB  1 
ATOM   282 C CG  . MET A 1 36 ? -3.451  -2.417  -9.733  1.00 37.09 ? 36   MET A CG  1 
ATOM   283 S SD  . MET A 1 36 ? -4.313  -2.100  -8.175  1.00 34.29 ? 36   MET A SD  1 
ATOM   284 C CE  . MET A 1 36 ? -5.995  -1.958  -8.722  1.00 39.13 ? 36   MET A CE  1 
ATOM   285 N N   . SER A 1 37 ? -4.858  -3.144  -13.036 1.00 47.16 ? 37   SER A N   1 
ATOM   286 C CA  . SER A 1 37 ? -5.649  -2.190  -13.810 1.00 54.31 ? 37   SER A CA  1 
ATOM   287 C C   . SER A 1 37 ? -5.930  -0.948  -12.958 1.00 50.36 ? 37   SER A C   1 
ATOM   288 O O   . SER A 1 37 ? -6.618  -1.042  -11.932 1.00 50.32 ? 37   SER A O   1 
ATOM   289 C CB  . SER A 1 37 ? -6.894  -2.888  -14.335 1.00 56.51 ? 37   SER A CB  1 
ATOM   290 O OG  . SER A 1 37 ? -8.088  -2.263  -14.688 1.00 61.98 ? 37   SER A OG  1 
ATOM   291 N N   . LEU A 1 38 ? -5.382  0.189   -13.395 1.00 48.86 ? 38   LEU A N   1 
ATOM   292 C CA  . LEU A 1 38 ? -5.757  1.506   -12.925 1.00 45.13 ? 38   LEU A CA  1 
ATOM   293 C C   . LEU A 1 38 ? -5.848  2.545   -14.044 1.00 44.54 ? 38   LEU A C   1 
ATOM   294 O O   . LEU A 1 38 ? -5.082  2.588   -15.007 1.00 58.37 ? 38   LEU A O   1 
ATOM   295 C CB  . LEU A 1 38 ? -4.805  2.079   -11.891 1.00 39.53 ? 38   LEU A CB  1 
ATOM   296 C CG  . LEU A 1 38 ? -4.591  1.274   -10.610 1.00 38.86 ? 38   LEU A CG  1 
ATOM   297 C CD1 . LEU A 1 38 ? -3.366  1.741   -9.830  1.00 46.24 ? 38   LEU A CD1 1 
ATOM   298 C CD2 . LEU A 1 38 ? -5.816  1.328   -9.708  1.00 40.57 ? 38   LEU A CD2 1 
ATOM   299 N N   . PRO A 1 39 ? -6.775  3.465   -13.861 1.00 45.52 ? 39   PRO A N   1 
ATOM   300 C CA  . PRO A 1 39 ? -6.882  4.539   -14.865 1.00 49.18 ? 39   PRO A CA  1 
ATOM   301 C C   . PRO A 1 39 ? -5.965  5.696   -14.541 1.00 45.49 ? 39   PRO A C   1 
ATOM   302 O O   . PRO A 1 39 ? -5.529  5.838   -13.399 1.00 50.63 ? 39   PRO A O   1 
ATOM   303 C CB  . PRO A 1 39 ? -8.344  4.941   -14.666 1.00 49.74 ? 39   PRO A CB  1 
ATOM   304 C CG  . PRO A 1 39 ? -8.573  4.741   -13.202 1.00 47.69 ? 39   PRO A CG  1 
ATOM   305 C CD  . PRO A 1 39 ? -7.862  3.459   -12.868 1.00 43.97 ? 39   PRO A CD  1 
ATOM   306 N N   . GLY A 1 40 ? -5.605  6.579   -15.476 1.00 48.01 ? 40   GLY A N   1 
ATOM   307 C CA  . GLY A 1 40 ? -4.919  7.795   -15.083 1.00 49.78 ? 40   GLY A CA  1 
ATOM   308 C C   . GLY A 1 40 ? -3.442  7.769   -15.413 1.00 51.01 ? 40   GLY A C   1 
ATOM   309 O O   . GLY A 1 40 ? -2.902  6.751   -15.843 1.00 43.17 ? 40   GLY A O   1 
ATOM   310 N N   . ARG A 1 41 ? -2.779  8.904   -15.202 1.00 48.33 ? 41   ARG A N   1 
ATOM   311 C CA  . ARG A 1 41 ? -1.379  9.096   -15.538 1.00 45.64 ? 41   ARG A CA  1 
ATOM   312 C C   . ARG A 1 41 ? -0.478  8.651   -14.388 1.00 41.39 ? 41   ARG A C   1 
ATOM   313 O O   . ARG A 1 41 ? -0.938  8.635   -13.238 1.00 41.36 ? 41   ARG A O   1 
ATOM   314 C CB  . ARG A 1 41 ? -1.107  10.564  -15.819 1.00 50.09 ? 41   ARG A CB  1 
ATOM   315 C CG  . ARG A 1 41 ? -1.135  11.463  -14.599 1.00 56.94 ? 41   ARG A CG  1 
ATOM   316 C CD  . ARG A 1 41 ? 0.127   11.848  -13.889 1.00 66.82 ? 41   ARG A CD  1 
ATOM   317 N NE  . ARG A 1 41 ? 1.392   11.889  -14.585 1.00 75.60 ? 41   ARG A NE  1 
ATOM   318 C CZ  . ARG A 1 41 ? 2.464   12.623  -14.391 1.00 73.67 ? 41   ARG A CZ  1 
ATOM   319 N NH1 . ARG A 1 41 ? 2.543   13.525  -13.427 1.00 85.23 ? 41   ARG A NH1 1 
ATOM   320 N NH2 . ARG A 1 41 ? 3.505   12.454  -15.193 1.00 72.06 ? 41   ARG A NH2 1 
ATOM   321 N N   . TRP A 1 42 ? 0.760   8.338   -14.758 1.00 37.30 ? 42   TRP A N   1 
ATOM   322 C CA  . TRP A 1 42 ? 1.705   7.833   -13.758 1.00 32.10 ? 42   TRP A CA  1 
ATOM   323 C C   . TRP A 1 42 ? 3.128   8.198   -14.150 1.00 32.47 ? 42   TRP A C   1 
ATOM   324 O O   . TRP A 1 42 ? 3.290   8.537   -15.318 1.00 36.11 ? 42   TRP A O   1 
ATOM   325 C CB  . TRP A 1 42 ? 1.586   6.315   -13.615 1.00 29.51 ? 42   TRP A CB  1 
ATOM   326 C CG  . TRP A 1 42 ? 1.666   5.510   -14.868 1.00 32.20 ? 42   TRP A CG  1 
ATOM   327 C CD1 . TRP A 1 42 ? 0.607   5.106   -15.646 1.00 35.57 ? 42   TRP A CD1 1 
ATOM   328 C CD2 . TRP A 1 42 ? 2.861   5.019   -15.487 1.00 34.14 ? 42   TRP A CD2 1 
ATOM   329 N NE1 . TRP A 1 42 ? 1.090   4.393   -16.700 1.00 37.81 ? 42   TRP A NE1 1 
ATOM   330 C CE2 . TRP A 1 42 ? 2.465   4.321   -16.635 1.00 38.17 ? 42   TRP A CE2 1 
ATOM   331 C CE3 . TRP A 1 42 ? 4.230   5.099   -15.181 1.00 32.71 ? 42   TRP A CE3 1 
ATOM   332 C CZ2 . TRP A 1 42 ? 3.393   3.710   -17.466 1.00 38.14 ? 42   TRP A CZ2 1 
ATOM   333 C CZ3 . TRP A 1 42 ? 5.140   4.495   -16.009 1.00 36.49 ? 42   TRP A CZ3 1 
ATOM   334 C CH2 . TRP A 1 42 ? 4.715   3.809   -17.141 1.00 37.07 ? 42   TRP A CH2 1 
ATOM   335 N N   . LYS A 1 43 ? 4.088   8.118   -13.240 1.00 29.65 ? 43   LYS A N   1 
ATOM   336 C CA  . LYS A 1 43 ? 5.485   8.388   -13.478 1.00 30.34 ? 43   LYS A CA  1 
ATOM   337 C C   . LYS A 1 43 ? 6.316   7.152   -13.160 1.00 24.81 ? 43   LYS A C   1 
ATOM   338 O O   . LYS A 1 43 ? 6.088   6.476   -12.150 1.00 25.07 ? 43   LYS A O   1 
ATOM   339 C CB  . LYS A 1 43 ? 5.936   9.553   -12.602 1.00 37.62 ? 43   LYS A CB  1 
ATOM   340 C CG  . LYS A 1 43 ? 5.225   10.858  -12.824 1.00 47.86 ? 43   LYS A CG  1 
ATOM   341 C CD  . LYS A 1 43 ? 4.695   11.493  -11.550 1.00 59.59 ? 43   LYS A CD  1 
ATOM   342 C CE  . LYS A 1 43 ? 3.189   11.400  -11.420 1.00 60.80 ? 43   LYS A CE  1 
ATOM   343 N NZ  . LYS A 1 43 ? 2.681   10.138  -10.831 1.00 57.80 ? 43   LYS A NZ  1 
ATOM   344 N N   . PRO A 1 44 ? 7.287   6.829   -14.005 1.00 26.39 ? 44   PRO A N   1 
ATOM   345 C CA  . PRO A 1 44 ? 8.104   5.654   -13.716 1.00 27.48 ? 44   PRO A CA  1 
ATOM   346 C C   . PRO A 1 44 ? 9.062   5.865   -12.558 1.00 27.31 ? 44   PRO A C   1 
ATOM   347 O O   . PRO A 1 44 ? 9.689   6.925   -12.502 1.00 36.41 ? 44   PRO A O   1 
ATOM   348 C CB  . PRO A 1 44 ? 8.929   5.491   -14.998 1.00 33.19 ? 44   PRO A CB  1 
ATOM   349 C CG  . PRO A 1 44 ? 8.985   6.872   -15.607 1.00 30.14 ? 44   PRO A CG  1 
ATOM   350 C CD  . PRO A 1 44 ? 7.687   7.551   -15.221 1.00 29.89 ? 44   PRO A CD  1 
ATOM   351 N N   . LYS A 1 45 ? 9.236   4.894   -11.671 1.00 26.20 ? 45   LYS A N   1 
ATOM   352 C CA  . LYS A 1 45 ? 10.184  4.920   -10.569 1.00 25.73 ? 45   LYS A CA  1 
ATOM   353 C C   . LYS A 1 45 ? 10.791  3.529   -10.437 1.00 25.90 ? 45   LYS A C   1 
ATOM   354 O O   . LYS A 1 45 ? 10.228  2.571   -10.942 1.00 26.80 ? 45   LYS A O   1 
ATOM   355 C CB  . LYS A 1 45 ? 9.562   5.351   -9.226  1.00 26.42 ? 45   LYS A CB  1 
ATOM   356 C CG  . LYS A 1 45 ? 8.980   6.744   -9.106  1.00 31.95 ? 45   LYS A CG  1 
ATOM   357 C CD  . LYS A 1 45 ? 10.032  7.826   -9.296  1.00 35.81 ? 45   LYS A CD  1 
ATOM   358 C CE  . LYS A 1 45 ? 9.394   9.112   -9.807  1.00 40.68 ? 45   LYS A CE  1 
ATOM   359 N NZ  . LYS A 1 45 ? 8.975   10.012  -8.715  1.00 57.75 ? 45   LYS A NZ  1 
ATOM   360 N N   . MET A 1 46 ? 11.910  3.441   -9.745  1.00 28.51 ? 46   MET A N   1 
ATOM   361 C CA  . MET A 1 46 ? 12.492  2.166   -9.367  1.00 27.58 ? 46   MET A CA  1 
ATOM   362 C C   . MET A 1 46 ? 12.637  2.144   -7.850  1.00 29.31 ? 46   MET A C   1 
ATOM   363 O O   . MET A 1 46 ? 13.013  3.179   -7.272  1.00 32.19 ? 46   MET A O   1 
ATOM   364 C CB  A MET A 1 46 ? 13.830  1.929   -10.074 0.39 34.54 ? 46   MET A CB  1 
ATOM   365 C CB  B MET A 1 46 ? 13.863  1.969   -10.015 0.61 34.65 ? 46   MET A CB  1 
ATOM   366 C CG  A MET A 1 46 ? 13.791  0.968   -11.251 0.39 39.90 ? 46   MET A CG  1 
ATOM   367 C CG  B MET A 1 46 ? 13.868  2.018   -11.525 0.61 39.67 ? 46   MET A CG  1 
ATOM   368 S SD  A MET A 1 46 ? 15.370  0.143   -11.583 0.39 56.15 ? 46   MET A SD  1 
ATOM   369 S SD  B MET A 1 46 ? 14.746  0.637   -12.284 0.61 54.84 ? 46   MET A SD  1 
ATOM   370 C CE  A MET A 1 46 ? 15.579  0.451   -13.332 0.39 58.00 ? 46   MET A CE  1 
ATOM   371 C CE  B MET A 1 46 ? 15.049  1.240   -13.942 0.61 61.51 ? 46   MET A CE  1 
ATOM   372 N N   . ILE A 1 47 ? 12.362  0.993   -7.219  1.00 27.17 ? 47   ILE A N   1 
ATOM   373 C CA  . ILE A 1 47 ? 12.597  0.828   -5.797  1.00 29.24 ? 47   ILE A CA  1 
ATOM   374 C C   . ILE A 1 47 ? 13.281  -0.509  -5.530  1.00 28.52 ? 47   ILE A C   1 
ATOM   375 O O   . ILE A 1 47 ? 13.286  -1.378  -6.403  1.00 32.79 ? 47   ILE A O   1 
ATOM   376 C CB  . ILE A 1 47 ? 11.262  0.931   -5.050  1.00 30.26 ? 47   ILE A CB  1 
ATOM   377 C CG1 . ILE A 1 47 ? 10.292  -0.173  -5.454  1.00 29.72 ? 47   ILE A CG1 1 
ATOM   378 C CG2 . ILE A 1 47 ? 10.639  2.306   -5.220  1.00 32.90 ? 47   ILE A CG2 1 
ATOM   379 C CD1 . ILE A 1 47 ? 9.029   -0.171  -4.641  1.00 30.58 ? 47   ILE A CD1 1 
ATOM   380 N N   . GLY A 1 48 ? 13.774  -0.647  -4.310  1.00 29.09 ? 48   GLY A N   1 
ATOM   381 C CA  . GLY A 1 48 ? 14.332  -1.922  -3.895  1.00 29.14 ? 48   GLY A CA  1 
ATOM   382 C C   . GLY A 1 48 ? 13.279  -3.006  -3.785  1.00 33.35 ? 48   GLY A C   1 
ATOM   383 O O   . GLY A 1 48 ? 12.172  -2.765  -3.305  1.00 37.24 ? 48   GLY A O   1 
ATOM   384 N N   . GLY A 1 49 ? 13.643  -4.191  -4.264  1.00 38.60 ? 49   GLY A N   1 
ATOM   385 C CA  . GLY A 1 49 ? 12.825  -5.383  -4.136  1.00 40.26 ? 49   GLY A CA  1 
ATOM   386 C C   . GLY A 1 49 ? 13.645  -6.605  -3.762  1.00 38.23 ? 49   GLY A C   1 
ATOM   387 O O   . GLY A 1 49 ? 14.869  -6.526  -3.648  1.00 31.08 ? 49   GLY A O   1 
ATOM   388 N N   . ILE A 1 50 ? 12.943  -7.708  -3.569  1.00 41.32 ? 50   ILE A N   1 
ATOM   389 C CA  . ILE A 1 50 ? 13.643  -8.967  -3.310  1.00 36.33 ? 50   ILE A CA  1 
ATOM   390 C C   . ILE A 1 50 ? 14.440  -9.269  -4.578  1.00 36.29 ? 50   ILE A C   1 
ATOM   391 O O   . ILE A 1 50 ? 13.836  -9.269  -5.654  1.00 46.15 ? 50   ILE A O   1 
ATOM   392 C CB  . ILE A 1 50 ? 12.675  -10.120 -3.009  1.00 40.05 ? 50   ILE A CB  1 
ATOM   393 C CG1 . ILE A 1 50 ? 11.978  -10.040 -1.641  1.00 45.02 ? 50   ILE A CG1 1 
ATOM   394 C CG2 . ILE A 1 50 ? 13.392  -11.456 -3.210  1.00 40.15 ? 50   ILE A CG2 1 
ATOM   395 C CD1 . ILE A 1 50 ? 10.918  -11.117 -1.442  1.00 54.08 ? 50   ILE A CD1 1 
ATOM   396 N N   . GLY A 1 51 ? 15.733  -9.491  -4.490  1.00 36.41 ? 51   GLY A N   1 
ATOM   397 C CA  . GLY A 1 51 ? 16.501  -9.958  -5.627  1.00 39.83 ? 51   GLY A CA  1 
ATOM   398 C C   . GLY A 1 51 ? 17.210  -8.833  -6.354  1.00 41.20 ? 51   GLY A C   1 
ATOM   399 O O   . GLY A 1 51 ? 18.221  -9.056  -7.023  1.00 44.27 ? 51   GLY A O   1 
ATOM   400 N N   . GLY A 1 52 ? 16.642  -7.638  -6.177  1.00 40.57 ? 52   GLY A N   1 
ATOM   401 C CA  . GLY A 1 52 ? 17.175  -6.426  -6.769  1.00 42.07 ? 52   GLY A CA  1 
ATOM   402 C C   . GLY A 1 52 ? 16.134  -5.340  -6.926  1.00 37.39 ? 52   GLY A C   1 
ATOM   403 O O   . GLY A 1 52 ? 15.145  -5.287  -6.201  1.00 40.42 ? 52   GLY A O   1 
ATOM   404 N N   . LEU A 1 53 ? 16.363  -4.443  -7.850  1.00 35.77 ? 53   LEU A N   1 
ATOM   405 C CA  . LEU A 1 53 ? 15.430  -3.349  -8.019  1.00 33.12 ? 53   LEU A CA  1 
ATOM   406 C C   . LEU A 1 53 ? 14.155  -3.751  -8.728  1.00 30.44 ? 53   LEU A C   1 
ATOM   407 O O   . LEU A 1 53 ? 14.075  -4.631  -9.600  1.00 40.23 ? 53   LEU A O   1 
ATOM   408 C CB  . LEU A 1 53 ? 16.161  -2.299  -8.849  1.00 34.62 ? 53   LEU A CB  1 
ATOM   409 C CG  . LEU A 1 53 ? 17.304  -1.496  -8.253  1.00 40.58 ? 53   LEU A CG  1 
ATOM   410 C CD1 . LEU A 1 53 ? 17.601  -0.346  -9.215  1.00 40.66 ? 53   LEU A CD1 1 
ATOM   411 C CD2 . LEU A 1 53 ? 16.980  -1.004  -6.851  1.00 46.16 ? 53   LEU A CD2 1 
ATOM   412 N N   . ILE A 1 54 ? 13.058  -3.047  -8.405  1.00 29.50 ? 54   ILE A N   1 
ATOM   413 C CA  . ILE A 1 54 ? 11.924  -3.283  -9.273  1.00 32.96 ? 54   ILE A CA  1 
ATOM   414 C C   . ILE A 1 54 ? 11.375  -1.982  -9.828  1.00 29.66 ? 54   ILE A C   1 
ATOM   415 O O   . ILE A 1 54 ? 11.439  -0.901  -9.280  1.00 29.20 ? 54   ILE A O   1 
ATOM   416 C CB  . ILE A 1 54 ? 10.831  -4.062  -8.541  1.00 34.39 ? 54   ILE A CB  1 
ATOM   417 C CG1 . ILE A 1 54 ? 10.223  -3.355  -7.344  1.00 36.14 ? 54   ILE A CG1 1 
ATOM   418 C CG2 . ILE A 1 54 ? 11.390  -5.405  -8.089  1.00 43.11 ? 54   ILE A CG2 1 
ATOM   419 C CD1 . ILE A 1 54 ? 9.813   -4.352  -6.270  1.00 48.12 ? 54   ILE A CD1 1 
ATOM   420 N N   . LYS A 1 55 ? 10.806  -2.121  -11.010 1.00 27.23 ? 55   LYS A N   1 
ATOM   421 C CA  . LYS A 1 55 ? 10.136  -1.061  -11.740 1.00 25.40 ? 55   LYS A CA  1 
ATOM   422 C C   . LYS A 1 55 ? 8.687   -0.898  -11.282 1.00 23.02 ? 55   LYS A C   1 
ATOM   423 O O   . LYS A 1 55 ? 7.920   -1.857  -11.267 1.00 26.59 ? 55   LYS A O   1 
ATOM   424 C CB  . LYS A 1 55 ? 10.179  -1.366  -13.219 1.00 27.92 ? 55   LYS A CB  1 
ATOM   425 C CG  . LYS A 1 55 ? 10.512  -0.307  -14.185 1.00 44.08 ? 55   LYS A CG  1 
ATOM   426 C CD  . LYS A 1 55 ? 11.467  0.823   -13.897 1.00 47.08 ? 55   LYS A CD  1 
ATOM   427 C CE  . LYS A 1 55 ? 10.865  2.223   -14.016 1.00 47.45 ? 55   LYS A CE  1 
ATOM   428 N NZ  . LYS A 1 55 ? 11.582  2.855   -15.184 1.00 61.52 ? 55   LYS A NZ  1 
ATOM   429 N N   . VAL A 1 56 ? 8.342   0.319   -10.914 1.00 22.82 ? 56   VAL A N   1 
ATOM   430 C CA  . VAL A 1 56 ? 6.989   0.633   -10.474 1.00 24.07 ? 56   VAL A CA  1 
ATOM   431 C C   . VAL A 1 56 ? 6.461   1.852   -11.242 1.00 23.28 ? 56   VAL A C   1 
ATOM   432 O O   . VAL A 1 56 ? 7.212   2.654   -11.816 1.00 26.35 ? 56   VAL A O   1 
ATOM   433 C CB  . VAL A 1 56 ? 6.882   0.843   -8.970  1.00 23.18 ? 56   VAL A CB  1 
ATOM   434 C CG1 . VAL A 1 56 ? 7.223   -0.424  -8.190  1.00 23.58 ? 56   VAL A CG1 1 
ATOM   435 C CG2 . VAL A 1 56 ? 7.811   1.997   -8.556  1.00 27.61 ? 56   VAL A CG2 1 
ATOM   436 N N   . ARG A 1 57 ? 5.147   1.917   -11.234 1.00 22.27 ? 57   ARG A N   1 
ATOM   437 C CA  . ARG A 1 57 ? 4.424   3.087   -11.720 1.00 22.44 ? 57   ARG A CA  1 
ATOM   438 C C   . ARG A 1 57 ? 3.945   3.914   -10.518 1.00 20.89 ? 57   ARG A C   1 
ATOM   439 O O   . ARG A 1 57 ? 3.218   3.332   -9.691  1.00 21.49 ? 57   ARG A O   1 
ATOM   440 C CB  . ARG A 1 57 ? 3.218   2.644   -12.548 1.00 23.39 ? 57   ARG A CB  1 
ATOM   441 C CG  . ARG A 1 57 ? 3.607   1.949   -13.848 1.00 31.27 ? 57   ARG A CG  1 
ATOM   442 C CD  . ARG A 1 57 ? 2.336   1.711   -14.638 1.00 42.04 ? 57   ARG A CD  1 
ATOM   443 N NE  . ARG A 1 57 ? 1.488   0.722   -13.998 1.00 52.83 ? 57   ARG A NE  1 
ATOM   444 C CZ  . ARG A 1 57 ? 1.165   -0.513  -14.348 1.00 55.64 ? 57   ARG A CZ  1 
ATOM   445 N NH1 . ARG A 1 57 ? 1.666   -1.055  -15.456 1.00 73.14 ? 57   ARG A NH1 1 
ATOM   446 N NH2 . ARG A 1 57 ? 0.342   -1.234  -13.559 1.00 61.12 ? 57   ARG A NH2 1 
ATOM   447 N N   . GLN A 1 58 ? 4.302   5.172   -10.432 1.00 21.47 ? 58   GLN A N   1 
ATOM   448 C CA  . GLN A 1 58 ? 3.847   6.001   -9.306  1.00 21.46 ? 58   GLN A CA  1 
ATOM   449 C C   . GLN A 1 58 ? 2.560   6.719   -9.709  1.00 22.21 ? 58   GLN A C   1 
ATOM   450 O O   . GLN A 1 58 ? 2.569   7.551   -10.617 1.00 24.60 ? 58   GLN A O   1 
ATOM   451 C CB  . GLN A 1 58 ? 4.913   7.017   -8.922  1.00 22.31 ? 58   GLN A CB  1 
ATOM   452 C CG  . GLN A 1 58 ? 4.530   7.906   -7.791  1.00 23.65 ? 58   GLN A CG  1 
ATOM   453 C CD  . GLN A 1 58 ? 5.549   8.969   -7.431  1.00 27.45 ? 58   GLN A CD  1 
ATOM   454 O OE1 . GLN A 1 58 ? 6.719   8.629   -7.271  1.00 45.32 ? 58   GLN A OE1 1 
ATOM   455 N NE2 . GLN A 1 58 ? 5.116   10.201  -7.279  1.00 44.10 ? 58   GLN A NE2 1 
ATOM   456 N N   . TYR A 1 59 ? 1.516   6.373   -9.022  1.00 22.43 ? 59   TYR A N   1 
ATOM   457 C CA  . TYR A 1 59 ? 0.223   7.042   -9.140  1.00 23.37 ? 59   TYR A CA  1 
ATOM   458 C C   . TYR A 1 59 ? -0.010  7.962   -7.945  1.00 23.01 ? 59   TYR A C   1 
ATOM   459 O O   . TYR A 1 59 ? 0.078   7.538   -6.823  1.00 24.30 ? 59   TYR A O   1 
ATOM   460 C CB  . TYR A 1 59 ? -0.883  6.030   -9.259  1.00 25.53 ? 59   TYR A CB  1 
ATOM   461 C CG  . TYR A 1 59 ? -0.957  5.170   -10.485 1.00 26.81 ? 59   TYR A CG  1 
ATOM   462 C CD1 . TYR A 1 59 ? -0.239  3.983   -10.594 1.00 26.19 ? 59   TYR A CD1 1 
ATOM   463 C CD2 . TYR A 1 59 ? -1.783  5.519   -11.555 1.00 29.01 ? 59   TYR A CD2 1 
ATOM   464 C CE1 . TYR A 1 59 ? -0.317  3.183   -11.718 1.00 28.29 ? 59   TYR A CE1 1 
ATOM   465 C CE2 . TYR A 1 59 ? -1.855  4.723   -12.652 1.00 31.40 ? 59   TYR A CE2 1 
ATOM   466 C CZ  . TYR A 1 59 ? -1.138  3.562   -12.769 1.00 29.26 ? 59   TYR A CZ  1 
ATOM   467 O OH  . TYR A 1 59 ? -1.229  2.771   -13.888 1.00 31.98 ? 59   TYR A OH  1 
ATOM   468 N N   . ASP A 1 60 ? -0.333  9.214   -8.237  1.00 27.81 ? 60   ASP A N   1 
ATOM   469 C CA  . ASP A 1 60 ? -0.634  10.176  -7.175  1.00 28.70 ? 60   ASP A CA  1 
ATOM   470 C C   . ASP A 1 60 ? -2.132  10.339  -7.042  1.00 30.63 ? 60   ASP A C   1 
ATOM   471 O O   . ASP A 1 60 ? -2.913  10.132  -7.988  1.00 33.79 ? 60   ASP A O   1 
ATOM   472 C CB  . ASP A 1 60 ? 0.065   11.488  -7.532  1.00 33.45 ? 60   ASP A CB  1 
ATOM   473 C CG  . ASP A 1 60 ? 1.572   11.342  -7.536  1.00 36.13 ? 60   ASP A CG  1 
ATOM   474 O OD1 . ASP A 1 60 ? 2.161   10.614  -6.731  1.00 35.69 ? 60   ASP A OD1 1 
ATOM   475 O OD2 . ASP A 1 60 ? 2.228   11.969  -8.387  1.00 44.49 ? 60   ASP A OD2 1 
ATOM   476 N N   . GLN A 1 61 ? -2.533  10.716  -5.844  1.00 31.03 ? 61   GLN A N   1 
ATOM   477 C CA  . GLN A 1 61 ? -3.926  11.102  -5.545  1.00 31.27 ? 61   GLN A CA  1 
ATOM   478 C C   . GLN A 1 61 ? -4.867  9.940   -5.803  1.00 28.98 ? 61   GLN A C   1 
ATOM   479 O O   . GLN A 1 61 ? -5.948  10.136  -6.344  1.00 39.06 ? 61   GLN A O   1 
ATOM   480 C CB  . GLN A 1 61 ? -4.319  12.367  -6.323  1.00 40.97 ? 61   GLN A CB  1 
ATOM   481 C CG  . GLN A 1 61 ? -3.398  13.547  -6.115  1.00 53.99 ? 61   GLN A CG  1 
ATOM   482 C CD  . GLN A 1 61 ? -2.755  14.190  -7.327  1.00 59.38 ? 61   GLN A CD  1 
ATOM   483 O OE1 . GLN A 1 61 ? -3.256  14.363  -8.441  1.00 77.45 ? 61   GLN A OE1 1 
ATOM   484 N NE2 . GLN A 1 61 ? -1.505  14.638  -7.144  1.00 72.63 ? 61   GLN A NE2 1 
ATOM   485 N N   . ILE A 1 62 ? -4.504  8.698   -5.443  1.00 25.12 ? 62   ILE A N   1 
ATOM   486 C CA  . ILE A 1 62 ? -5.297  7.490   -5.568  1.00 27.02 ? 62   ILE A CA  1 
ATOM   487 C C   . ILE A 1 62 ? -6.135  7.341   -4.331  1.00 27.28 ? 62   ILE A C   1 
ATOM   488 O O   . ILE A 1 62 ? -5.627  7.544   -3.239  1.00 29.15 ? 62   ILE A O   1 
ATOM   489 C CB  . ILE A 1 62 ? -4.389  6.228   -5.737  1.00 29.18 ? 62   ILE A CB  1 
ATOM   490 C CG1 . ILE A 1 62 ? -3.668  6.261   -7.080  1.00 29.96 ? 62   ILE A CG1 1 
ATOM   491 C CG2 . ILE A 1 62 ? -5.116  4.921   -5.493  1.00 37.11 ? 62   ILE A CG2 1 
ATOM   492 C CD1 . ILE A 1 62 ? -4.562  6.529   -8.304  1.00 37.86 ? 62   ILE A CD1 1 
ATOM   493 N N   . ILE A 1 63 ? -7.413  7.042   -4.529  1.00 29.54 ? 63   ILE A N   1 
ATOM   494 C CA  . ILE A 1 63 ? -8.292  6.683   -3.433  1.00 30.65 ? 63   ILE A CA  1 
ATOM   495 C C   . ILE A 1 63 ? -8.151  5.196   -3.170  1.00 29.05 ? 63   ILE A C   1 
ATOM   496 O O   . ILE A 1 63 ? -8.234  4.305   -4.020  1.00 36.97 ? 63   ILE A O   1 
ATOM   497 C CB  . ILE A 1 63 ? -9.743  7.027   -3.794  1.00 36.16 ? 63   ILE A CB  1 
ATOM   498 C CG1 . ILE A 1 63 ? -9.940  8.424   -4.405  1.00 41.45 ? 63   ILE A CG1 1 
ATOM   499 C CG2 . ILE A 1 63 ? -10.662 6.890   -2.592  1.00 39.77 ? 63   ILE A CG2 1 
ATOM   500 C CD1 . ILE A 1 63 ? -9.547  9.491   -3.420  1.00 57.69 ? 63   ILE A CD1 1 
ATOM   501 N N   . ILE A 1 64 ? -7.926  4.902   -1.909  1.00 28.77 ? 64   ILE A N   1 
ATOM   502 C CA  . ILE A 1 64 ? -7.757  3.522   -1.448  1.00 29.00 ? 64   ILE A CA  1 
ATOM   503 C C   . ILE A 1 64 ? -8.542  3.347   -0.151  1.00 30.09 ? 64   ILE A C   1 
ATOM   504 O O   . ILE A 1 64 ? -8.563  4.247   0.691   1.00 38.83 ? 64   ILE A O   1 
ATOM   505 C CB  . ILE A 1 64 ? -6.280  3.191   -1.224  1.00 32.60 ? 64   ILE A CB  1 
ATOM   506 C CG1 . ILE A 1 64 ? -5.941  1.768   -0.778  1.00 30.71 ? 64   ILE A CG1 1 
ATOM   507 C CG2 . ILE A 1 64 ? -5.809  4.257   -0.251  1.00 38.63 ? 64   ILE A CG2 1 
ATOM   508 C CD1 . ILE A 1 64 ? -4.463  1.464   -0.945  1.00 35.47 ? 64   ILE A CD1 1 
ATOM   509 N N   . GLU A 1 65 ? -9.186  2.185   0.029   1.00 27.45 ? 65   GLU A N   1 
ATOM   510 C CA  . GLU A 1 65 ? -9.865  1.952   1.313   1.00 27.00 ? 65   GLU A CA  1 
ATOM   511 C C   . GLU A 1 65 ? -9.028  0.911   2.031   1.00 27.00 ? 65   GLU A C   1 
ATOM   512 O O   . GLU A 1 65 ? -8.680  -0.111  1.437   1.00 31.40 ? 65   GLU A O   1 
ATOM   513 C CB  . GLU A 1 65 ? -11.290 1.516   1.074   1.00 37.20 ? 65   GLU A CB  1 
ATOM   514 C CG  . GLU A 1 65 ? -12.318 1.781   2.139   1.00 49.14 ? 65   GLU A CG  1 
ATOM   515 C CD  . GLU A 1 65 ? -13.690 1.449   1.570   1.00 56.42 ? 65   GLU A CD  1 
ATOM   516 O OE1 . GLU A 1 65 ? -13.886 0.283   1.194   1.00 63.39 ? 65   GLU A OE1 1 
ATOM   517 O OE2 . GLU A 1 65 ? -14.510 2.382   1.499   1.00 80.23 ? 65   GLU A OE2 1 
ATOM   518 N N   . ILE A 1 66 ? -8.729  1.180   3.298   1.00 25.60 ? 66   ILE A N   1 
ATOM   519 C CA  . ILE A 1 66 ? -7.842  0.310   4.081   1.00 25.16 ? 66   ILE A CA  1 
ATOM   520 C C   . ILE A 1 66 ? -8.691  -0.148  5.271   1.00 26.06 ? 66   ILE A C   1 
ATOM   521 O O   . ILE A 1 66 ? -8.964  0.683   6.117   1.00 29.12 ? 66   ILE A O   1 
ATOM   522 C CB  . ILE A 1 66 ? -6.546  0.981   4.506   1.00 23.30 ? 66   ILE A CB  1 
ATOM   523 C CG1 . ILE A 1 66 ? -5.738  1.530   3.311   1.00 26.21 ? 66   ILE A CG1 1 
ATOM   524 C CG2 . ILE A 1 66 ? -5.675  0.056   5.353   1.00 26.61 ? 66   ILE A CG2 1 
ATOM   525 C CD1 . ILE A 1 66 ? -4.697  2.556   3.680   1.00 29.57 ? 66   ILE A CD1 1 
ATOM   526 N N   . ALA A 1 67 ? -9.105  -1.419  5.271   1.00 28.28 ? 67   ALA A N   1 
ATOM   527 C CA  . ALA A 1 67 ? -9.996  -1.910  6.327   1.00 32.20 ? 67   ALA A CA  1 
ATOM   528 C C   . ALA A 1 67 ? -11.153 -0.947  6.571   1.00 33.98 ? 67   ALA A C   1 
ATOM   529 O O   . ALA A 1 67 ? -11.509 -0.690  7.732   1.00 39.97 ? 67   ALA A O   1 
ATOM   530 C CB  . ALA A 1 67 ? -9.239  -2.144  7.624   1.00 37.97 ? 67   ALA A CB  1 
ATOM   531 N N   . GLY A 1 68 ? -11.703 -0.409  5.490   1.00 37.37 ? 68   GLY A N   1 
ATOM   532 C CA  . GLY A 1 68 ? -12.930 0.365   5.534   1.00 41.90 ? 68   GLY A CA  1 
ATOM   533 C C   . GLY A 1 68 ? -12.677 1.847   5.725   1.00 42.46 ? 68   GLY A C   1 
ATOM   534 O O   . GLY A 1 68 ? -13.608 2.650   5.756   1.00 49.16 ? 68   GLY A O   1 
ATOM   535 N N   . HIS A 1 69 ? -11.420 2.216   5.858   1.00 38.31 ? 69   HIS A N   1 
ATOM   536 C CA  . HIS A 1 69 ? -11.076 3.633   6.031   1.00 32.36 ? 69   HIS A CA  1 
ATOM   537 C C   . HIS A 1 69 ? -10.497 4.181   4.732   1.00 33.09 ? 69   HIS A C   1 
ATOM   538 O O   . HIS A 1 69 ? -9.511  3.655   4.229   1.00 29.16 ? 69   HIS A O   1 
ATOM   539 C CB  . HIS A 1 69 ? -10.060 3.841   7.153   1.00 35.73 ? 69   HIS A CB  1 
ATOM   540 C CG  . HIS A 1 69 ? -10.585 3.560   8.521   1.00 38.00 ? 69   HIS A CG  1 
ATOM   541 N ND1 . HIS A 1 69 ? -10.927 2.304   8.978   1.00 42.26 ? 69   HIS A ND1 1 
ATOM   542 C CD2 . HIS A 1 69 ? -10.824 4.415   9.556   1.00 45.72 ? 69   HIS A CD2 1 
ATOM   543 C CE1 . HIS A 1 69 ? -11.360 2.402   10.224  1.00 48.71 ? 69   HIS A CE1 1 
ATOM   544 N NE2 . HIS A 1 69 ? -11.311 3.670   10.611  1.00 50.02 ? 69   HIS A NE2 1 
ATOM   545 N N   . LYS A 1 70 ? -11.111 5.229   4.202   1.00 32.67 ? 70   LYS A N   1 
ATOM   546 C CA  . LYS A 1 70 ? -10.691 5.825   2.951   1.00 30.38 ? 70   LYS A CA  1 
ATOM   547 C C   . LYS A 1 70 ? -9.551  6.808   3.131   1.00 29.05 ? 70   LYS A C   1 
ATOM   548 O O   . LYS A 1 70 ? -9.525  7.606   4.057   1.00 36.37 ? 70   LYS A O   1 
ATOM   549 C CB  . LYS A 1 70 ? -11.916 6.537   2.329   1.00 36.59 ? 70   LYS A CB  1 
ATOM   550 C CG  . LYS A 1 70 ? -12.399 5.884   1.062   1.00 41.30 ? 70   LYS A CG  1 
ATOM   551 C CD  . LYS A 1 70 ? -13.747 6.301   0.542   1.00 47.39 ? 70   LYS A CD  1 
ATOM   552 C CE  . LYS A 1 70 ? -13.805 6.209   -0.975  1.00 53.19 ? 70   LYS A CE  1 
ATOM   553 N NZ  . LYS A 1 70 ? -15.135 6.677   -1.452  1.00 58.50 ? 70   LYS A NZ  1 
ATOM   554 N N   . ALA A 1 71 ? -8.626  6.739   2.190   1.00 28.21 ? 71   ALA A N   1 
ATOM   555 C CA  . ALA A 1 71 ? -7.416  7.515   2.179   1.00 31.80 ? 71   ALA A CA  1 
ATOM   556 C C   . ALA A 1 71 ? -7.097  7.885   0.740   1.00 31.36 ? 71   ALA A C   1 
ATOM   557 O O   . ALA A 1 71 ? -7.460  7.190   -0.220  1.00 31.83 ? 71   ALA A O   1 
ATOM   558 C CB  . ALA A 1 71 ? -6.304  6.702   2.864   1.00 32.22 ? 71   ALA A CB  1 
ATOM   559 N N   . ILE A 1 72 ? -6.428  9.040   0.657   1.00 27.41 ? 72   ILE A N   1 
ATOM   560 C CA  . ILE A 1 72 ? -5.888  9.571   -0.569  1.00 27.62 ? 72   ILE A CA  1 
ATOM   561 C C   . ILE A 1 72 ? -4.379  9.619   -0.434  1.00 24.72 ? 72   ILE A C   1 
ATOM   562 O O   . ILE A 1 72 ? -3.843  10.104  0.546   1.00 27.88 ? 72   ILE A O   1 
ATOM   563 C CB  . ILE A 1 72 ? -6.356  11.020  -0.886  1.00 35.25 ? 72   ILE A CB  1 
ATOM   564 C CG1 . ILE A 1 72 ? -7.820  11.218  -0.733  1.00 38.88 ? 72   ILE A CG1 1 
ATOM   565 C CG2 . ILE A 1 72 ? -5.822  11.331  -2.264  1.00 41.27 ? 72   ILE A CG2 1 
ATOM   566 C CD1 . ILE A 1 72 ? -8.217  12.683  -0.850  1.00 49.26 ? 72   ILE A CD1 1 
ATOM   567 N N   . GLY A 1 73 ? -3.667  9.093   -1.398  1.00 23.19 ? 73   GLY A N   1 
ATOM   568 C CA  . GLY A 1 73 ? -2.229  9.264   -1.436  1.00 22.62 ? 73   GLY A CA  1 
ATOM   569 C C   . GLY A 1 73 ? -1.596  8.603   -2.646  1.00 21.00 ? 73   GLY A C   1 
ATOM   570 O O   . GLY A 1 73 ? -2.291  8.202   -3.579  1.00 24.49 ? 73   GLY A O   1 
ATOM   571 N N   . THR A 1 74 ? -0.285  8.562   -2.586  1.00 20.45 ? 74   THR A N   1 
ATOM   572 C CA  . THR A 1 74 ? 0.490   7.981   -3.672  1.00 20.28 ? 74   THR A CA  1 
ATOM   573 C C   . THR A 1 74 ? 0.656   6.492   -3.538  1.00 19.41 ? 74   THR A C   1 
ATOM   574 O O   . THR A 1 74 ? 0.923   6.025   -2.424  1.00 20.32 ? 74   THR A O   1 
ATOM   575 C CB  . THR A 1 74 ? 1.889   8.655   -3.642  1.00 22.93 ? 74   THR A CB  1 
ATOM   576 O OG1 . THR A 1 74 ? 1.673   10.065  -3.945  1.00 27.37 ? 74   THR A OG1 1 
ATOM   577 C CG2 . THR A 1 74 ? 2.815   8.072   -4.659  1.00 23.47 ? 74   THR A CG2 1 
ATOM   578 N N   . VAL A 1 75 ? 0.536   5.771   -4.598  1.00 18.46 ? 75   VAL A N   1 
ATOM   579 C CA  . VAL A 1 75 ? 0.671   4.318   -4.596  1.00 19.28 ? 75   VAL A CA  1 
ATOM   580 C C   . VAL A 1 75 ? 1.681   3.959   -5.676  1.00 19.12 ? 75   VAL A C   1 
ATOM   581 O O   . VAL A 1 75 ? 1.591   4.492   -6.775  1.00 21.75 ? 75   VAL A O   1 
ATOM   582 C CB  . VAL A 1 75 ? -0.661  3.601   -4.787  1.00 24.60 ? 75   VAL A CB  1 
ATOM   583 C CG1 . VAL A 1 75 ? -0.483  2.096   -4.813  1.00 27.03 ? 75   VAL A CG1 1 
ATOM   584 C CG2 . VAL A 1 75 ? -1.604  3.952   -3.639  1.00 27.42 ? 75   VAL A CG2 1 
ATOM   585 N N   . LEU A 1 76 ? 2.612   3.078   -5.364  1.00 18.72 ? 76   LEU A N   1 
ATOM   586 C CA  . LEU A 1 76 ? 3.552   2.544   -6.316  1.00 17.69 ? 76   LEU A CA  1 
ATOM   587 C C   . LEU A 1 76 ? 3.042   1.188   -6.743  1.00 19.42 ? 76   LEU A C   1 
ATOM   588 O O   . LEU A 1 76 ? 2.742   0.339   -5.896  1.00 24.91 ? 76   LEU A O   1 
ATOM   589 C CB  . LEU A 1 76 ? 4.951   2.433   -5.706  1.00 18.10 ? 76   LEU A CB  1 
ATOM   590 C CG  . LEU A 1 76 ? 5.518   3.708   -5.066  1.00 19.40 ? 76   LEU A CG  1 
ATOM   591 C CD1 . LEU A 1 76 ? 6.850   3.411   -4.388  1.00 21.04 ? 76   LEU A CD1 1 
ATOM   592 C CD2 . LEU A 1 76 ? 5.672   4.793   -6.094  1.00 24.07 ? 76   LEU A CD2 1 
ATOM   593 N N   . VAL A 1 77 ? 2.894   1.016   -8.038  1.00 18.82 ? 77   VAL A N   1 
ATOM   594 C CA  . VAL A 1 77 ? 2.291   -0.193  -8.565  1.00 19.49 ? 77   VAL A CA  1 
ATOM   595 C C   . VAL A 1 77 ? 3.331   -0.944  -9.390  1.00 20.19 ? 77   VAL A C   1 
ATOM   596 O O   . VAL A 1 77 ? 3.890   -0.422  -10.355 1.00 21.59 ? 77   VAL A O   1 
ATOM   597 C CB  . VAL A 1 77 ? 1.054   0.096   -9.440  1.00 21.62 ? 77   VAL A CB  1 
ATOM   598 C CG1 . VAL A 1 77 ? 0.461   -1.167  -10.067 1.00 24.62 ? 77   VAL A CG1 1 
ATOM   599 C CG2 . VAL A 1 77 ? -0.025  0.804   -8.608  1.00 23.62 ? 77   VAL A CG2 1 
ATOM   600 N N   . GLY A 1 78 ? 3.584   -2.170  -8.989  1.00 20.53 ? 78   GLY A N   1 
ATOM   601 C CA  . GLY A 1 78 ? 4.577   -3.001  -9.643  1.00 22.05 ? 78   GLY A CA  1 
ATOM   602 C C   . GLY A 1 78 ? 4.639   -4.396  -9.050  1.00 21.97 ? 78   GLY A C   1 
ATOM   603 O O   . GLY A 1 78 ? 3.842   -4.740  -8.176  1.00 24.68 ? 78   GLY A O   1 
ATOM   604 N N   . PRO A 1 79 ? 5.574   -5.167  -9.539  1.00 23.72 ? 79   PRO A N   1 
ATOM   605 C CA  . PRO A 1 79 ? 5.587   -6.593  -9.188  1.00 24.92 ? 79   PRO A CA  1 
ATOM   606 C C   . PRO A 1 79 ? 6.202   -6.942  -7.848  1.00 27.59 ? 79   PRO A C   1 
ATOM   607 O O   . PRO A 1 79 ? 7.268   -7.541  -7.736  1.00 37.25 ? 79   PRO A O   1 
ATOM   608 C CB  . PRO A 1 79 ? 6.437   -7.211  -10.316 1.00 27.06 ? 79   PRO A CB  1 
ATOM   609 C CG  . PRO A 1 79 ? 7.347   -6.118  -10.731 1.00 27.19 ? 79   PRO A CG  1 
ATOM   610 C CD  . PRO A 1 79 ? 6.492   -4.872  -10.639 1.00 26.62 ? 79   PRO A CD  1 
ATOM   611 N N   . THR A 1 80 ? 5.457   -6.625  -6.816  1.00 28.18 ? 80   THR A N   1 
ATOM   612 C CA  . THR A 1 80 ? 5.837   -6.945  -5.444  1.00 26.18 ? 80   THR A CA  1 
ATOM   613 C C   . THR A 1 80 ? 5.186   -8.263  -5.025  1.00 28.12 ? 80   THR A C   1 
ATOM   614 O O   . THR A 1 80 ? 4.050   -8.508  -5.428  1.00 28.77 ? 80   THR A O   1 
ATOM   615 C CB  . THR A 1 80 ? 5.403   -5.815  -4.521  1.00 22.69 ? 80   THR A CB  1 
ATOM   616 O OG1 . THR A 1 80 ? 5.755   -6.159  -3.144  1.00 21.19 ? 80   THR A OG1 1 
ATOM   617 C CG2 . THR A 1 80 ? 3.916   -5.522  -4.553  1.00 22.71 ? 80   THR A CG2 1 
ATOM   618 N N   . PRO A 1 81 ? 5.855   -9.075  -4.215  1.00 27.04 ? 81   PRO A N   1 
ATOM   619 C CA  . PRO A 1 81 ? 5.291   -10.321 -3.719  1.00 29.56 ? 81   PRO A CA  1 
ATOM   620 C C   . PRO A 1 81 ? 4.235   -10.133 -2.634  1.00 25.93 ? 81   PRO A C   1 
ATOM   621 O O   . PRO A 1 81 ? 3.450   -11.030 -2.407  1.00 29.72 ? 81   PRO A O   1 
ATOM   622 C CB  . PRO A 1 81 ? 6.492   -11.072 -3.111  1.00 34.11 ? 81   PRO A CB  1 
ATOM   623 C CG  . PRO A 1 81 ? 7.424   -9.948  -2.698  1.00 35.57 ? 81   PRO A CG  1 
ATOM   624 C CD  . PRO A 1 81 ? 7.254   -8.937  -3.813  1.00 31.80 ? 81   PRO A CD  1 
ATOM   625 N N   . VAL A 1 82 ? 4.196   -8.992  -1.982  1.00 22.03 ? 82   VAL A N   1 
ATOM   626 C CA  . VAL A 1 82 ? 3.338   -8.644  -0.866  1.00 19.98 ? 82   VAL A CA  1 
ATOM   627 C C   . VAL A 1 82 ? 2.873   -7.213  -1.134  1.00 18.91 ? 82   VAL A C   1 
ATOM   628 O O   . VAL A 1 82 ? 3.691   -6.353  -1.469  1.00 20.20 ? 82   VAL A O   1 
ATOM   629 C CB  . VAL A 1 82 ? 4.099   -8.752  0.482   1.00 22.61 ? 82   VAL A CB  1 
ATOM   630 C CG1 . VAL A 1 82 ? 3.191   -8.375  1.629   1.00 23.14 ? 82   VAL A CG1 1 
ATOM   631 C CG2 . VAL A 1 82 ? 4.677   -10.151 0.675   1.00 29.02 ? 82   VAL A CG2 1 
ATOM   632 N N   . ASN A 1 83 ? 1.581   -6.940  -1.022  1.00 18.57 ? 83   ASN A N   1 
ATOM   633 C CA  . ASN A 1 83 ? 1.047   -5.603  -1.033  1.00 16.52 ? 83   ASN A CA  1 
ATOM   634 C C   . ASN A 1 83 ? 1.380   -4.960  0.305   1.00 15.95 ? 83   ASN A C   1 
ATOM   635 O O   . ASN A 1 83 ? 1.059   -5.542  1.331   1.00 17.39 ? 83   ASN A O   1 
ATOM   636 C CB  . ASN A 1 83 ? -0.428  -5.592  -1.297  1.00 18.16 ? 83   ASN A CB  1 
ATOM   637 C CG  . ASN A 1 83 ? -0.773  -6.196  -2.656  1.00 20.57 ? 83   ASN A CG  1 
ATOM   638 O OD1 . ASN A 1 83 ? -0.102  -5.950  -3.643  1.00 25.54 ? 83   ASN A OD1 1 
ATOM   639 N ND2 . ASN A 1 83 ? -1.799  -7.028  -2.665  1.00 23.65 ? 83   ASN A ND2 1 
ATOM   640 N N   . ILE A 1 84 ? 2.029   -3.808  0.282   1.00 15.18 ? 84   ILE A N   1 
ATOM   641 C CA  . ILE A 1 84 ? 2.516   -3.147  1.480   1.00 15.79 ? 84   ILE A CA  1 
ATOM   642 C C   . ILE A 1 84 ? 1.853   -1.775  1.622   1.00 15.12 ? 84   ILE A C   1 
ATOM   643 O O   . ILE A 1 84 ? 1.951   -0.955  0.717   1.00 17.24 ? 84   ILE A O   1 
ATOM   644 C CB  . ILE A 1 84 ? 4.054   -2.962  1.404   1.00 18.54 ? 84   ILE A CB  1 
ATOM   645 C CG1 . ILE A 1 84 ? 4.760   -4.345  1.373   1.00 24.91 ? 84   ILE A CG1 1 
ATOM   646 C CG2 . ILE A 1 84 ? 4.526   -2.051  2.494   1.00 20.99 ? 84   ILE A CG2 1 
ATOM   647 C CD1 . ILE A 1 84 ? 6.090   -4.394  0.676   1.00 34.60 ? 84   ILE A CD1 1 
ATOM   648 N N   . ILE A 1 85 ? 1.182   -1.553  2.749   1.00 15.14 ? 85   ILE A N   1 
ATOM   649 C CA  . ILE A 1 85 ? 0.687   -0.236  3.104   1.00 14.91 ? 85   ILE A CA  1 
ATOM   650 C C   . ILE A 1 85 ? 1.683   0.440   4.046   1.00 14.60 ? 85   ILE A C   1 
ATOM   651 O O   . ILE A 1 85 ? 1.897   -0.031  5.160   1.00 16.69 ? 85   ILE A O   1 
ATOM   652 C CB  . ILE A 1 85 ? -0.678  -0.306  3.759   1.00 16.28 ? 85   ILE A CB  1 
ATOM   653 C CG1 . ILE A 1 85 ? -1.720  -1.127  2.968   1.00 18.97 ? 85   ILE A CG1 1 
ATOM   654 C CG2 . ILE A 1 85 ? -1.224  1.096   4.000   1.00 18.95 ? 85   ILE A CG2 1 
ATOM   655 C CD1 . ILE A 1 85 ? -1.843  -0.666  1.516   1.00 22.13 ? 85   ILE A CD1 1 
ATOM   656 N N   . GLY A 1 86 ? 2.338   1.475   3.523   1.00 15.08 ? 86   GLY A N   1 
ATOM   657 C CA  . GLY A 1 86 ? 3.353   2.181   4.281   1.00 16.15 ? 86   GLY A CA  1 
ATOM   658 C C   . GLY A 1 86 ? 2.815   3.421   4.967   1.00 14.40 ? 86   GLY A C   1 
ATOM   659 O O   . GLY A 1 86 ? 1.625   3.722   4.892   1.00 16.05 ? 86   GLY A O   1 
ATOM   660 N N   . ARG A 1 87 ? 3.750   4.144   5.580   1.00 15.81 ? 87   ARG A N   1 
ATOM   661 C CA  . ARG A 1 87 ? 3.327   5.266   6.429   1.00 16.84 ? 87   ARG A CA  1 
ATOM   662 C C   . ARG A 1 87 ? 2.617   6.340   5.676   1.00 16.97 ? 87   ARG A C   1 
ATOM   663 O O   . ARG A 1 87 ? 1.794   7.058   6.265   1.00 18.76 ? 87   ARG A O   1 
ATOM   664 C CB  . ARG A 1 87 ? 4.544   5.853   7.165   1.00 15.88 ? 87   ARG A CB  1 
ATOM   665 C CG  . ARG A 1 87 ? 5.195   4.897   8.139   1.00 17.31 ? 87   ARG A CG  1 
ATOM   666 C CD  . ARG A 1 87 ? 6.309   5.547   8.992   1.00 18.81 ? 87   ARG A CD  1 
ATOM   667 N NE  . ARG A 1 87 ? 7.383   6.035   8.180   1.00 19.21 ? 87   ARG A NE  1 
ATOM   668 C CZ  . ARG A 1 87 ? 7.584   7.284   7.752   1.00 19.52 ? 87   ARG A CZ  1 
ATOM   669 N NH1 . ARG A 1 87 ? 6.796   8.277   8.083   1.00 21.58 ? 87   ARG A NH1 1 
ATOM   670 N NH2 . ARG A 1 87 ? 8.629   7.514   6.978   1.00 22.26 ? 87   ARG A NH2 1 
ATOM   671 N N   . ASN A 1 88 ? 2.925   6.531   4.410   1.00 17.22 ? 88   ASN A N   1 
ATOM   672 C CA  . ASN A 1 88 ? 2.250   7.558   3.626   1.00 18.68 ? 88   ASN A CA  1 
ATOM   673 C C   . ASN A 1 88 ? 0.726   7.424   3.638   1.00 18.58 ? 88   ASN A C   1 
ATOM   674 O O   . ASN A 1 88 ? 0.020   8.422   3.593   1.00 20.68 ? 88   ASN A O   1 
ATOM   675 C CB  . ASN A 1 88 ? 2.735   7.660   2.207   1.00 18.31 ? 88   ASN A CB  1 
ATOM   676 C CG  . ASN A 1 88 ? 2.168   6.743   1.206   1.00 20.74 ? 88   ASN A CG  1 
ATOM   677 O OD1 . ASN A 1 88 ? 1.565   6.899   0.167   1.00 23.60 ? 88   ASN A OD1 1 
ATOM   678 N ND2 . ASN A 1 88 ? 2.515   5.536   1.521   1.00 17.14 ? 88   ASN A ND2 1 
ATOM   679 N N   . LEU A 1 89 ? 0.264   6.163   3.723   1.00 17.72 ? 89   LEU A N   1 
ATOM   680 C CA  . LEU A 1 89 ? -1.163  5.960   3.850   1.00 17.91 ? 89   LEU A CA  1 
ATOM   681 C C   . LEU A 1 89 ? -1.606  5.643   5.269   1.00 19.00 ? 89   LEU A C   1 
ATOM   682 O O   . LEU A 1 89 ? -2.734  5.991   5.623   1.00 19.98 ? 89   LEU A O   1 
ATOM   683 C CB  . LEU A 1 89 ? -1.665  4.867   2.897   1.00 19.50 ? 89   LEU A CB  1 
ATOM   684 C CG  . LEU A 1 89 ? -1.597  5.201   1.414   1.00 20.39 ? 89   LEU A CG  1 
ATOM   685 C CD1 . LEU A 1 89 ? -2.060  4.057   0.571   1.00 23.22 ? 89   LEU A CD1 1 
ATOM   686 C CD2 . LEU A 1 89 ? -2.407  6.447   1.063   1.00 29.45 ? 89   LEU A CD2 1 
ATOM   687 N N   . LEU A 1 90 ? -0.767  4.997   6.076   1.00 17.61 ? 90   LEU A N   1 
ATOM   688 C CA  . LEU A 1 90 ? -1.171  4.771   7.465   1.00 17.58 ? 90   LEU A CA  1 
ATOM   689 C C   . LEU A 1 90 ? -1.464  6.077   8.171   1.00 18.09 ? 90   LEU A C   1 
ATOM   690 O O   . LEU A 1 90 ? -2.364  6.102   9.025   1.00 20.75 ? 90   LEU A O   1 
ATOM   691 C CB  . LEU A 1 90 ? -0.103  3.951   8.195   1.00 17.46 ? 90   LEU A CB  1 
ATOM   692 C CG  . LEU A 1 90 ? 0.183   2.545   7.665   1.00 17.63 ? 90   LEU A CG  1 
ATOM   693 C CD1 . LEU A 1 90 ? 1.447   1.960   8.315   1.00 19.41 ? 90   LEU A CD1 1 
ATOM   694 C CD2 . LEU A 1 90 ? -1.023  1.603   7.866   1.00 19.90 ? 90   LEU A CD2 1 
ATOM   695 N N   . THR A 1 91 ? -0.729  7.151   7.854   1.00 17.88 ? 91   THR A N   1 
ATOM   696 C CA  . THR A 1 91 ? -0.985  8.428   8.518   1.00 19.22 ? 91   THR A CA  1 
ATOM   697 C C   . THR A 1 91 ? -2.355  8.952   8.156   1.00 20.31 ? 91   THR A C   1 
ATOM   698 O O   . THR A 1 91 ? -2.973  9.678   8.938   1.00 24.30 ? 91   THR A O   1 
ATOM   699 C CB  . THR A 1 91 ? 0.051   9.466   8.139   1.00 19.91 ? 91   THR A CB  1 
ATOM   700 O OG1 . THR A 1 91 ? 0.153   9.530   6.708   1.00 21.73 ? 91   THR A OG1 1 
ATOM   701 C CG2 . THR A 1 91 ? 1.447   9.180   8.710   1.00 21.12 ? 91   THR A CG2 1 
ATOM   702 N N   . GLN A 1 92 ? -2.828  8.654   6.916   1.00 21.66 ? 92   GLN A N   1 
ATOM   703 C CA  . GLN A 1 92 ? -4.077  9.176   6.436   1.00 24.22 ? 92   GLN A CA  1 
ATOM   704 C C   . GLN A 1 92 ? -5.298  8.534   7.098   1.00 25.96 ? 92   GLN A C   1 
ATOM   705 O O   . GLN A 1 92 ? -6.388  9.151   7.086   1.00 28.59 ? 92   GLN A O   1 
ATOM   706 C CB  . GLN A 1 92 ? -4.197  8.958   4.908   1.00 23.92 ? 92   GLN A CB  1 
ATOM   707 C CG  . GLN A 1 92 ? -3.080  9.625   4.144   1.00 25.51 ? 92   GLN A CG  1 
ATOM   708 C CD  . GLN A 1 92 ? -3.025  11.110  4.419   1.00 28.26 ? 92   GLN A CD  1 
ATOM   709 O OE1 . GLN A 1 92 ? -3.998  11.801  4.143   1.00 31.68 ? 92   GLN A OE1 1 
ATOM   710 N NE2 . GLN A 1 92 ? -1.923  11.600  4.974   1.00 32.63 ? 92   GLN A NE2 1 
ATOM   711 N N   . ILE A 1 93 ? -5.089  7.350   7.662   1.00 23.57 ? 93   ILE A N   1 
ATOM   712 C CA  . ILE A 1 93 ? -6.190  6.683   8.380   1.00 24.63 ? 93   ILE A CA  1 
ATOM   713 C C   . ILE A 1 93 ? -6.015  6.813   9.889   1.00 25.05 ? 93   ILE A C   1 
ATOM   714 O O   . ILE A 1 93 ? -6.753  6.207   10.683  1.00 28.76 ? 93   ILE A O   1 
ATOM   715 C CB  . ILE A 1 93 ? -6.339  5.210   7.985   1.00 25.62 ? 93   ILE A CB  1 
ATOM   716 C CG1 . ILE A 1 93 ? -5.166  4.313   8.327   1.00 22.69 ? 93   ILE A CG1 1 
ATOM   717 C CG2 . ILE A 1 93 ? -6.640  5.081   6.491   1.00 26.41 ? 93   ILE A CG2 1 
ATOM   718 C CD1 . ILE A 1 93 ? -5.230  2.869   7.872   1.00 27.45 ? 93   ILE A CD1 1 
ATOM   719 N N   . GLY A 1 94 ? -5.048  7.607   10.341  1.00 25.06 ? 94   GLY A N   1 
ATOM   720 C CA  . GLY A 1 94 ? -4.887  7.890   11.752  1.00 27.60 ? 94   GLY A CA  1 
ATOM   721 C C   . GLY A 1 94 ? -4.302  6.727   12.524  1.00 26.64 ? 94   GLY A C   1 
ATOM   722 O O   . GLY A 1 94 ? -4.510  6.610   13.736  1.00 30.71 ? 94   GLY A O   1 
ATOM   723 N N   . ALA A 1 95 ? -3.525  5.862   11.884  1.00 23.49 ? 95   ALA A N   1 
ATOM   724 C CA  . ALA A 1 95 ? -2.950  4.682   12.512  1.00 23.30 ? 95   ALA A CA  1 
ATOM   725 C C   . ALA A 1 95 ? -1.843  5.045   13.482  1.00 23.67 ? 95   ALA A C   1 
ATOM   726 O O   . ALA A 1 95 ? -0.969  5.836   13.132  1.00 26.94 ? 95   ALA A O   1 
ATOM   727 C CB  . ALA A 1 95 ? -2.357  3.730   11.466  1.00 25.27 ? 95   ALA A CB  1 
ATOM   728 N N   . THR A 1 96 ? -1.866  4.410   14.630  1.00 24.00 ? 96   THR A N   1 
ATOM   729 C CA  . THR A 1 96 ? -0.836  4.549   15.640  1.00 23.09 ? 96   THR A CA  1 
ATOM   730 C C   . THR A 1 96 ? -0.381  3.188   16.126  1.00 20.43 ? 96   THR A C   1 
ATOM   731 O O   . THR A 1 96 ? -1.120  2.207   16.075  1.00 23.21 ? 96   THR A O   1 
ATOM   732 C CB  . THR A 1 96 ? -1.340  5.374   16.859  1.00 24.79 ? 96   THR A CB  1 
ATOM   733 O OG1 . THR A 1 96 ? -2.464  4.721   17.467  1.00 28.23 ? 96   THR A OG1 1 
ATOM   734 C CG2 . THR A 1 96 ? -1.809  6.721   16.405  1.00 27.87 ? 96   THR A CG2 1 
ATOM   735 N N   . LEU A 1 97 ? 0.873   3.178   16.580  1.00 20.24 ? 97   LEU A N   1 
ATOM   736 C CA  . LEU A 1 97 ? 1.424   2.061   17.320  1.00 21.88 ? 97   LEU A CA  1 
ATOM   737 C C   . LEU A 1 97 ? 1.291   2.350   18.809  1.00 24.10 ? 97   LEU A C   1 
ATOM   738 O O   . LEU A 1 97 ? 1.723   3.419   19.184  1.00 28.91 ? 97   LEU A O   1 
ATOM   739 C CB  . LEU A 1 97 ? 2.900   1.903   16.998  1.00 25.16 ? 97   LEU A CB  1 
ATOM   740 C CG  . LEU A 1 97 ? 3.263   0.890   15.986  1.00 32.12 ? 97   LEU A CG  1 
ATOM   741 C CD1 . LEU A 1 97 ? 4.796   0.849   15.894  1.00 37.38 ? 97   LEU A CD1 1 
ATOM   742 C CD2 . LEU A 1 97 ? 2.726   -0.525  16.252  1.00 28.07 ? 97   LEU A CD2 1 
ATOM   743 N N   . ASN A 1 98 ? 0.749   1.385   19.534  1.00 23.59 ? 98   ASN A N   1 
ATOM   744 C CA  . ASN A 1 98 ? 0.417   1.624   20.920  1.00 26.95 ? 98   ASN A CA  1 
ATOM   745 C C   . ASN A 1 98 ? 0.982   0.514   21.807  1.00 27.78 ? 98   ASN A C   1 
ATOM   746 O O   . ASN A 1 98 ? 0.835   -0.659  21.461  1.00 28.08 ? 98   ASN A O   1 
ATOM   747 C CB  . ASN A 1 98 ? -1.091  1.662   21.153  1.00 30.62 ? 98   ASN A CB  1 
ATOM   748 C CG  . ASN A 1 98 ? -1.672  2.942   20.574  1.00 34.70 ? 98   ASN A CG  1 
ATOM   749 O OD1 . ASN A 1 98 ? -2.018  3.875   21.256  1.00 44.71 ? 98   ASN A OD1 1 
ATOM   750 N ND2 . ASN A 1 98 ? -1.730  3.085   19.273  1.00 40.31 ? 98   ASN A ND2 1 
ATOM   751 N N   . PHE A 1 99 ? 1.601   0.902   22.927  1.00 30.47 ? 99   PHE A N   1 
ATOM   752 C CA  . PHE A 1 99 ? 2.062   -0.116  23.900  1.00 33.21 ? 99   PHE A CA  1 
ATOM   753 C C   . PHE A 1 99 ? 2.262   0.531   25.268  1.00 37.18 ? 99   PHE A C   1 
ATOM   754 O O   . PHE A 1 99 ? 2.609   -0.118  26.292  1.00 40.47 ? 99   PHE A O   1 
ATOM   755 C CB  . PHE A 1 99 ? 3.304   -0.836  23.425  1.00 29.77 ? 99   PHE A CB  1 
ATOM   756 C CG  . PHE A 1 99 ? 4.558   -0.061  23.077  1.00 31.49 ? 99   PHE A CG  1 
ATOM   757 C CD1 . PHE A 1 99 ? 4.708   0.559   21.854  1.00 33.95 ? 99   PHE A CD1 1 
ATOM   758 C CD2 . PHE A 1 99 ? 5.611   0.022   23.982  1.00 34.69 ? 99   PHE A CD2 1 
ATOM   759 C CE1 . PHE A 1 99 ? 5.862   1.248   21.548  1.00 34.69 ? 99   PHE A CE1 1 
ATOM   760 C CE2 . PHE A 1 99 ? 6.763   0.732   23.697  1.00 35.64 ? 99   PHE A CE2 1 
ATOM   761 C CZ  . PHE A 1 99 ? 6.900   1.345   22.460  1.00 38.55 ? 99   PHE A CZ  1 
ATOM   762 O OXT . PHE A 1 99 ? 2.052   1.773   25.287  1.00 44.61 ? 99   PHE A OXT 1 
HETATM 763 O O   . HOH B 2 .  ? 9.062   3.834   8.714   1.00 20.46 ? 1001 HOH A O   1 
HETATM 764 O O   . HOH B 2 .  ? 3.668   5.234   -2.066  1.00 23.40 ? 1002 HOH A O   1 
HETATM 765 O O   . HOH B 2 .  ? 11.258  3.251   6.978   1.00 26.27 ? 1003 HOH A O   1 
HETATM 766 O O   . HOH B 2 .  ? 1.050   9.729   -0.319  1.00 24.72 ? 1004 HOH A O   1 
HETATM 767 O O   . HOH B 2 .  ? -0.329  -9.122  -0.136  1.00 28.74 ? 1005 HOH A O   1 
HETATM 768 O O   . HOH B 2 .  ? -0.090  8.055   12.066  1.00 26.32 ? 1006 HOH A O   1 
HETATM 769 O O   . HOH B 2 .  ? -6.320  10.936  3.040   1.00 31.38 ? 1007 HOH A O   1 
HETATM 770 O O   . HOH B 2 .  ? -2.242  -11.317 15.611  1.00 32.42 ? 1008 HOH A O   1 
HETATM 771 O O   . HOH B 2 .  ? -2.012  9.977   11.616  1.00 30.17 ? 1009 HOH A O   1 
HETATM 772 O O   . HOH B 2 .  ? -2.074  -12.783 9.130   1.00 34.41 ? 1010 HOH A O   1 
HETATM 773 O O   . HOH B 2 .  ? -12.435 -7.669  -5.939  1.00 44.15 ? 1011 HOH A O   1 
HETATM 774 O O   . HOH B 2 .  ? -1.651  -9.002  12.892  1.00 31.76 ? 1012 HOH A O   1 
HETATM 775 O O   . HOH B 2 .  ? -11.863 1.391   -5.490  1.00 44.60 ? 1013 HOH A O   1 
HETATM 776 O O   . HOH B 2 .  ? -0.581  11.634  -3.829  1.00 35.05 ? 1014 HOH A O   1 
HETATM 777 O O   . HOH B 2 .  ? 2.350   -8.009  -9.982  1.00 36.71 ? 1015 HOH A O   1 
HETATM 778 O O   . HOH B 2 .  ? -4.844  5.637   16.527  1.00 47.41 ? 1016 HOH A O   1 
HETATM 779 O O   . HOH B 2 .  ? 3.637   -14.768 16.890  1.00 48.96 ? 1017 HOH A O   1 
HETATM 780 O O   . HOH B 2 .  ? 9.497   -8.197  -7.544  1.00 42.30 ? 1018 HOH A O   1 
HETATM 781 O O   . HOH B 2 .  ? 6.194   8.451   3.927   1.00 36.16 ? 1019 HOH A O   1 
HETATM 782 O O   . HOH B 2 .  ? -3.184  3.602   -15.927 1.00 45.94 ? 1020 HOH A O   1 
HETATM 783 O O   . HOH B 2 .  ? -5.308  -8.846  16.437  1.00 39.25 ? 1021 HOH A O   1 
HETATM 784 O O   . HOH B 2 .  ? -9.715  -6.113  6.670   1.00 40.74 ? 1022 HOH A O   1 
HETATM 785 O O   . HOH B 2 .  ? 11.299  4.289   -17.537 1.00 44.68 ? 1023 HOH A O   1 
HETATM 786 O O   . HOH B 2 .  ? 10.746  2.342   3.326   1.00 38.06 ? 1024 HOH A O   1 
HETATM 787 O O   . HOH B 2 .  ? -7.980  10.355  5.064   1.00 46.62 ? 1025 HOH A O   1 
HETATM 788 O O   . HOH B 2 .  ? 13.216  5.993   -9.123  1.00 47.99 ? 1026 HOH A O   1 
HETATM 789 O O   . HOH B 2 .  ? -11.378 -2.090  2.659   1.00 49.46 ? 1027 HOH A O   1 
HETATM 790 O O   . HOH B 2 .  ? 0.632   -11.226 1.590   1.00 42.60 ? 1028 HOH A O   1 
HETATM 791 O O   . HOH B 2 .  ? 1.056   -9.010  -3.782  1.00 71.20 ? 1029 HOH A O   1 
HETATM 792 O O   . HOH B 2 .  ? 10.659  -4.917  -12.028 1.00 35.05 ? 1030 HOH A O   1 
HETATM 793 O O   . HOH B 2 .  ? -8.648  3.425   -6.346  1.00 35.24 ? 1031 HOH A O   1 
HETATM 794 O O   . HOH B 2 .  ? 4.425   9.984   5.168   0.50 58.02 ? 1032 HOH A O   1 
HETATM 795 O O   . HOH B 2 .  ? 1.391   -14.592 10.146  0.50 33.46 ? 1033 HOH A O   1 
HETATM 796 O O   . HOH B 2 .  ? 6.803   10.248  6.108   1.00 59.22 ? 1035 HOH A O   1 
HETATM 797 O O   . HOH B 2 .  ? 14.053  1.265   -2.294  1.00 64.78 ? 1036 HOH A O   1 
HETATM 798 O O   . HOH B 2 .  ? 19.909  -10.940 -7.006  1.00 44.38 ? 1037 HOH A O   1 
HETATM 799 O O   . HOH B 2 .  ? -4.529  -7.228  -9.908  1.00 43.27 ? 1038 HOH A O   1 
HETATM 800 O O   . HOH B 2 .  ? 5.543   -10.450 4.803   1.00 36.51 ? 1039 HOH A O   1 
HETATM 801 O O   . HOH B 2 .  ? 11.951  6.499   1.254   1.00 55.15 ? 1040 HOH A O   1 
HETATM 802 O O   . HOH B 2 .  ? -4.541  -9.942  -2.534  1.00 40.14 ? 1041 HOH A O   1 
HETATM 803 O O   . HOH B 2 .  ? 8.509   1.747   1.003   1.00 58.76 ? 1042 HOH A O   1 
HETATM 804 O O   . HOH B 2 .  ? 8.465   -3.017  3.325   0.50 44.32 ? 1043 HOH A O   1 
HETATM 805 O O   . HOH B 2 .  ? -2.161  11.878  0.865   1.00 43.08 ? 1044 HOH A O   1 
HETATM 806 O O   . HOH B 2 .  ? -9.144  -2.514  -10.766 0.50 45.27 ? 1045 HOH A O   1 
HETATM 807 O O   . HOH B 2 .  ? 17.572  -5.068  -10.492 1.00 58.59 ? 1046 HOH A O   1 
HETATM 808 O O   . HOH B 2 .  ? -4.572  -10.501 9.209   0.50 39.32 ? 1047 HOH A O   1 
HETATM 809 O O   . HOH B 2 .  ? 0.051   10.580  2.125   1.00 48.56 ? 1048 HOH A O   1 
HETATM 810 O O   . HOH B 2 .  ? -4.093  9.268   15.116  0.50 68.92 ? 1049 HOH A O   1 
HETATM 811 O O   . HOH B 2 .  ? 9.088   -3.392  6.823   0.50 49.35 ? 1050 HOH A O   1 
HETATM 812 O O   . HOH B 2 .  ? 3.649   6.936   -18.602 0.50 56.88 ? 1052 HOH A O   1 
HETATM 813 O O   . HOH B 2 .  ? -6.319  -6.634  -13.730 0.50 46.72 ? 1053 HOH A O   1 
HETATM 814 O O   . HOH B 2 .  ? 3.717   -9.863  -8.257  1.00 57.32 ? 1054 HOH A O   1 
HETATM 815 O O   . HOH B 2 .  ? -14.626 -5.396  -5.459  1.00 64.91 ? 1055 HOH A O   1 
HETATM 816 O O   . HOH B 2 .  ? -6.930  -7.193  18.482  1.00 51.57 ? 1056 HOH A O   1 
HETATM 817 O O   . HOH B 2 .  ? -0.529  -8.497  -10.334 1.00 48.99 ? 1057 HOH A O   1 
HETATM 818 O O   . HOH B 2 .  ? -7.195  -5.900  20.756  1.00 46.65 ? 1059 HOH A O   1 
HETATM 819 O O   . HOH B 2 .  ? -8.761  6.230   12.583  1.00 45.64 ? 1060 HOH A O   1 
HETATM 820 O O   . HOH B 2 .  ? -1.883  3.865   23.872  1.00 62.26 ? 1061 HOH A O   1 
HETATM 821 O O   . HOH B 2 .  ? -13.807 -2.463  1.735   0.50 74.46 ? 1062 HOH A O   1 
HETATM 822 O O   . HOH B 2 .  ? -7.921  -7.549  10.054  0.50 47.33 ? 1063 HOH A O   1 
HETATM 823 O O   . HOH B 2 .  ? 7.152   12.208  -6.415  1.00 61.12 ? 1064 HOH A O   1 
HETATM 824 O O   . HOH B 2 .  ? -4.697  0.408   22.566  0.50 39.95 ? 1065 HOH A O   1 
HETATM 825 O O   . HOH B 2 .  ? 8.097   2.246   -14.621 1.00 44.24 ? 1066 HOH A O   1 
HETATM 826 O O   . HOH B 2 .  ? 6.873   -12.199 3.488   0.50 68.01 ? 1067 HOH A O   1 
HETATM 827 O O   . HOH B 2 .  ? 0.483   11.128  4.356   0.50 30.62 ? 1068 HOH A O   1 
HETATM 828 O O   . HOH B 2 .  ? -0.593  -10.668 -2.876  0.50 58.74 ? 1069 HOH A O   1 
HETATM 829 O O   . HOH B 2 .  ? -4.006  -9.662  11.950  1.00 37.83 ? 1070 HOH A O   1 
HETATM 830 O O   . HOH B 2 .  ? 2.183   -12.536 -0.403  1.00 43.47 ? 1072 HOH A O   1 
HETATM 831 O O   . HOH B 2 .  ? 6.592   -2.364  -13.399 1.00 48.42 ? 1073 HOH A O   1 
HETATM 832 O O   . HOH B 2 .  ? -8.423  7.122   -7.196  1.00 44.69 ? 1074 HOH A O   1 
HETATM 833 O O   . HOH B 2 .  ? 3.232   -1.574  -12.833 1.00 41.92 ? 1076 HOH A O   1 
HETATM 834 O O   . HOH B 2 .  ? -4.714  -11.196 14.169  0.50 57.03 ? 1077 HOH A O   1 
HETATM 835 O O   . HOH B 2 .  ? -12.037 -5.025  6.319   1.00 58.95 ? 1078 HOH A O   1 
HETATM 836 O O   . HOH B 2 .  ? 12.080  -8.688  -7.987  1.00 56.52 ? 1079 HOH A O   1 
HETATM 837 O O   . HOH B 2 .  ? -0.933  12.523  -1.739  0.50 59.45 ? 1080 HOH A O   1 
HETATM 838 O O   . HOH B 2 .  ? 6.953   -0.381  -15.453 1.00 62.58 ? 1081 HOH A O   1 
HETATM 839 O O   . HOH B 2 .  ? 10.375  6.481   -5.842  0.50 73.80 ? 1082 HOH A O   1 
HETATM 840 O O   . HOH B 2 .  ? 5.034   7.490   -1.570  1.00 51.64 ? 1083 HOH A O   1 
HETATM 841 O O   . HOH B 2 .  ? 10.629  -7.717  -4.763  1.00 47.76 ? 1084 HOH A O   1 
HETATM 842 O O   . HOH B 2 .  ? 8.522   -11.961 -0.065  0.50 59.59 ? 1085 HOH A O   1 
HETATM 843 O O   . HOH B 2 .  ? -8.183  4.949   -8.784  1.00 47.35 ? 1086 HOH A O   1 
HETATM 844 O O   . HOH B 2 .  ? 13.857  4.648   -5.506  0.50 50.85 ? 1087 HOH A O   1 
HETATM 845 O O   . HOH B 2 .  ? -9.174  -8.837  -7.223  0.50 50.47 ? 1088 HOH A O   1 
HETATM 846 O O   . HOH B 2 .  ? 6.591   14.975  -5.734  0.50 74.08 ? 1089 HOH A O   1 
HETATM 847 O O   . HOH B 2 .  ? -9.454  -5.133  9.692   0.50 75.85 ? 1090 HOH A O   1 
HETATM 848 O O   . HOH B 2 .  ? -0.478  10.057  -11.169 1.00 47.88 ? 1091 HOH A O   1 
HETATM 849 O O   . HOH B 2 .  ? 11.120  -7.238  -10.180 1.00 63.87 ? 1092 HOH A O   1 
HETATM 850 O O   . HOH B 2 .  ? -5.999  6.171   -10.910 0.50 36.83 ? 1093 HOH A O   1 
HETATM 851 O O   . HOH B 2 .  ? -14.791 2.033   -5.445  0.50 55.42 ? 1094 HOH A O   1 
HETATM 852 O O   . HOH B 2 .  ? 11.220  -0.540  3.578   0.50 45.85 ? 1095 HOH A O   1 
HETATM 853 O O   . HOH B 2 .  ? 3.751   -15.053 11.711  0.50 52.50 ? 1097 HOH A O   1 
# 
loop_
_atom_site_anisotrop.id 
_atom_site_anisotrop.type_symbol 
_atom_site_anisotrop.pdbx_label_atom_id 
_atom_site_anisotrop.pdbx_label_alt_id 
_atom_site_anisotrop.pdbx_label_comp_id 
_atom_site_anisotrop.pdbx_label_asym_id 
_atom_site_anisotrop.pdbx_label_seq_id 
_atom_site_anisotrop.pdbx_PDB_ins_code 
_atom_site_anisotrop.U[1][1] 
_atom_site_anisotrop.U[2][2] 
_atom_site_anisotrop.U[3][3] 
_atom_site_anisotrop.U[1][2] 
_atom_site_anisotrop.U[1][3] 
_atom_site_anisotrop.U[2][3] 
_atom_site_anisotrop.pdbx_auth_seq_id 
_atom_site_anisotrop.pdbx_auth_comp_id 
_atom_site_anisotrop.pdbx_auth_asym_id 
_atom_site_anisotrop.pdbx_auth_atom_id 
1   N N   . PRO A 1  ? 0.5204 0.6145 0.7884 0.1236  -0.0728 0.1210  1    PRO A N   
2   C CA  . PRO A 1  ? 0.4076 0.5654 0.7722 0.0843  -0.0195 0.0910  1    PRO A CA  
3   C C   . PRO A 1  ? 0.2572 0.5112 0.6580 0.0680  0.1192  0.1412  1    PRO A C   
4   O O   . PRO A 1  ? 0.3085 0.5267 0.7369 0.0387  0.0873  0.2224  1    PRO A O   
5   C CB  . PRO A 1  ? 0.6568 0.6209 0.7616 0.1308  -0.0662 0.0611  1    PRO A CB  
6   C CG  . PRO A 1  ? 0.6072 0.6947 0.7693 0.0959  -0.0880 0.0776  1    PRO A CG  
7   C CD  . PRO A 1  ? 0.5315 0.7029 0.7846 0.1594  -0.1012 0.1185  1    PRO A CD  
8   N N   . GLN A 2  ? 0.3605 0.4384 0.5936 0.0267  0.1005  0.0818  2    GLN A N   
9   C CA  . GLN A 2  ? 0.3104 0.4470 0.5197 0.0811  0.1788  0.1137  2    GLN A CA  
10  C C   . GLN A 2  ? 0.3637 0.4091 0.5538 0.0398  0.2243  0.1126  2    GLN A C   
11  O O   . GLN A 2  ? 0.4382 0.4445 0.8161 -0.0111 0.3187  0.1150  2    GLN A O   
12  C CB  . GLN A 2  ? 0.4394 0.4157 0.5152 0.0585  0.1829  0.1133  2    GLN A CB  
13  C CG  . GLN A 2  ? 0.5161 0.5816 0.5493 0.0785  0.1082  0.0041  2    GLN A CG  
14  C CD  . GLN A 2  ? 0.5010 0.5331 0.5561 -0.0230 0.1495  0.0030  2    GLN A CD  
15  O OE1 . GLN A 2  ? 0.9131 0.5165 0.5979 -0.1158 0.0629  0.0214  2    GLN A OE1 
16  N NE2 . GLN A 2  ? 0.9063 0.4329 0.7217 -0.0492 0.3125  0.0375  2    GLN A NE2 
17  N N   . ILE A 3  ? 0.2985 0.3624 0.3597 0.0357  0.1126  0.0874  3    ILE A N   
18  C CA  . ILE A 3  ? 0.2682 0.3682 0.3705 0.0132  0.0844  0.0589  3    ILE A CA  
19  C C   . ILE A 3  ? 0.2763 0.3446 0.3552 0.0001  0.0686  0.0696  3    ILE A C   
20  O O   . ILE A 3  ? 0.3299 0.3343 0.3173 -0.0299 0.0377  0.0981  3    ILE A O   
21  C CB  . ILE A 3  ? 0.3236 0.3654 0.3393 0.0432  0.0445  0.0334  3    ILE A CB  
22  C CG1 . ILE A 3  ? 0.3416 0.3769 0.4398 0.0251  -0.0011 0.0764  3    ILE A CG1 
23  C CG2 . ILE A 3  ? 0.3298 0.3425 0.3626 0.0149  0.0730  0.0304  3    ILE A CG2 
24  C CD1 . ILE A 3  ? 0.4594 0.3457 0.3880 0.0384  -0.0282 0.0509  3    ILE A CD1 
25  N N   . THR A 4  ? 0.2577 0.3479 0.4314 -0.0388 0.0469  0.0831  4    THR A N   
26  C CA  . THR A 4  ? 0.2712 0.3360 0.3549 -0.0350 0.0554  0.0816  4    THR A CA  
27  C C   . THR A 4  ? 0.2604 0.3061 0.3590 -0.0505 0.0060  0.0253  4    THR A C   
28  O O   . THR A 4  ? 0.3477 0.3300 0.4053 0.0411  -0.0733 -0.0325 4    THR A O   
29  C CB  . THR A 4  ? 0.2739 0.3813 0.4537 -0.1035 0.0463  0.1317  4    THR A CB  
30  O OG1 . THR A 4  ? 0.4972 0.4908 0.5147 -0.2386 0.1166  0.0495  4    THR A OG1 
31  C CG2 . THR A 4  ? 0.2962 0.4908 0.3498 -0.1029 0.0445  0.1393  4    THR A CG2 
32  N N   . LEU A 5  ? 0.2738 0.3132 0.2740 -0.0274 0.0313  0.0705  5    LEU A N   
33  C CA  . LEU A 5  ? 0.2878 0.2397 0.2566 -0.0348 0.0253  0.0602  5    LEU A CA  
34  C C   . LEU A 5  ? 0.2994 0.2422 0.2326 -0.0387 0.0068  0.0733  5    LEU A C   
35  O O   . LEU A 5  ? 0.2930 0.2288 0.2754 -0.0407 0.0189  0.0542  5    LEU A O   
36  C CB  . LEU A 5  ? 0.2731 0.2361 0.2613 -0.0237 0.0223  0.0746  5    LEU A CB  
37  C CG  . LEU A 5  ? 0.3360 0.2297 0.2410 -0.0299 0.0086  0.0608  5    LEU A CG  
38  C CD1 . LEU A 5  ? 0.3384 0.2538 0.2275 -0.0428 0.0252  0.0288  5    LEU A CD1 
39  C CD2 . LEU A 5  ? 0.3315 0.2619 0.2426 -0.0424 -0.0095 0.0736  5    LEU A CD2 
40  N N   . TRP A 6  ? 0.2614 0.2618 0.2939 -0.0264 -0.0109 0.1117  6    TRP A N   
41  C CA  . TRP A 6  ? 0.3029 0.2495 0.3139 -0.0365 -0.0165 0.1178  6    TRP A CA  
42  C C   . TRP A 6  ? 0.3432 0.2585 0.3340 -0.0311 -0.0177 0.0938  6    TRP A C   
43  O O   . TRP A 6  ? 0.3302 0.3272 0.3783 -0.0043 -0.0215 0.0602  6    TRP A O   
44  C CB  . TRP A 6  ? 0.2809 0.2506 0.3544 -0.0542 -0.0119 0.0922  6    TRP A CB  
45  C CG  . TRP A 6  ? 0.2821 0.2830 0.3307 -0.0499 -0.0004 0.1129  6    TRP A CG  
46  C CD1 . TRP A 6  ? 0.2997 0.3856 0.3467 -0.0114 -0.0093 0.0840  6    TRP A CD1 
47  C CD2 . TRP A 6  ? 0.2731 0.2922 0.3457 -0.0704 -0.0013 0.1370  6    TRP A CD2 
48  N NE1 . TRP A 6  ? 0.3384 0.3616 0.3438 -0.0314 -0.0040 0.0806  6    TRP A NE1 
49  C CE2 . TRP A 6  ? 0.3171 0.3604 0.3180 -0.0571 -0.0034 0.1400  6    TRP A CE2 
50  C CE3 . TRP A 6  ? 0.2656 0.3452 0.3537 -0.0673 -0.0019 0.1597  6    TRP A CE3 
51  C CZ2 . TRP A 6  ? 0.3795 0.3472 0.3549 -0.0926 -0.0489 0.1406  6    TRP A CZ2 
52  C CZ3 . TRP A 6  ? 0.2897 0.4006 0.3836 -0.0959 -0.0363 0.1906  6    TRP A CZ3 
53  C CH2 . TRP A 6  ? 0.3407 0.3726 0.3567 -0.1183 -0.0628 0.1908  6    TRP A CH2 
54  N N   . LYS A 7  ? 0.3206 0.2554 0.3064 -0.0357 0.0086  0.0894  7    LYS A N   
55  C CA  . LYS A 7  ? 0.3367 0.2495 0.3216 -0.0545 -0.0117 0.0564  7    LYS A CA  
56  C C   . LYS A 7  ? 0.2974 0.2399 0.2582 -0.0246 -0.0668 0.0516  7    LYS A C   
57  O O   . LYS A 7  ? 0.2870 0.2423 0.2547 -0.0142 -0.0340 0.0483  7    LYS A O   
58  C CB  . LYS A 7  ? 0.3834 0.3751 0.3615 -0.1335 -0.0205 0.0652  7    LYS A CB  
59  C CG  . LYS A 7  ? 0.3178 0.7864 0.3778 -0.0953 0.0421  -0.0317 7    LYS A CG  
60  C CD  . LYS A 7  ? 0.3983 0.7224 0.5652 -0.1267 0.0678  0.0471  7    LYS A CD  
61  C CE  . LYS A 7  ? 0.7528 0.6926 0.5156 -0.0756 0.0511  0.0027  7    LYS A CE  
62  N NZ  . LYS A 7  ? 0.8656 0.5596 0.7686 -0.1842 0.0486  0.0758  7    LYS A NZ  
63  N N   . ARG A 8  ? 0.3368 0.2169 0.2604 -0.0142 -0.0723 0.0383  8    ARG A N   
64  C CA  . ARG A 8  ? 0.3222 0.2136 0.2512 -0.0054 -0.0772 0.0462  8    ARG A CA  
65  C C   . ARG A 8  ? 0.2760 0.2206 0.2629 -0.0347 -0.0668 0.0455  8    ARG A C   
66  O O   . ARG A 8  ? 0.2998 0.2569 0.2944 -0.0799 -0.0464 0.0712  8    ARG A O   
67  C CB  . ARG A 8  ? 0.3017 0.2490 0.2657 -0.0233 -0.0652 0.0295  8    ARG A CB  
68  C CG  . ARG A 8  ? 0.3173 0.2988 0.2934 0.0153  -0.1017 -0.0257 8    ARG A CG  
69  C CD  A ARG A 8  ? 0.3115 0.3554 0.3386 -0.0430 -0.0871 -0.1140 8    ARG A CD  
70  C CD  B ARG A 8  ? 0.3012 0.3418 0.3159 0.0088  -0.0788 -0.0459 8    ARG A CD  
71  N NE  A ARG A 8  ? 0.3445 0.4722 0.3343 0.0235  -0.1097 -0.1705 8    ARG A NE  
72  N NE  B ARG A 8  ? 0.2981 0.4143 0.2864 -0.0313 -0.0489 -0.0573 8    ARG A NE  
73  C CZ  A ARG A 8  ? 0.3687 0.5258 0.4198 -0.0144 -0.0890 -0.2704 8    ARG A CZ  
74  C CZ  B ARG A 8  ? 0.2449 0.3711 0.2797 -0.0484 -0.0218 -0.0298 8    ARG A CZ  
75  N NH1 A ARG A 8  ? 0.6914 0.6601 0.4017 0.0444  -0.1925 -0.2756 8    ARG A NH1 
76  N NH1 B ARG A 8  ? 0.3974 0.5179 0.3332 -0.1444 0.1173  0.0013  8    ARG A NH1 
77  N NH2 A ARG A 8  ? 0.5424 0.4943 0.3868 0.2302  -0.0621 -0.0496 8    ARG A NH2 
78  N NH2 B ARG A 8  ? 0.3547 0.4216 0.2753 -0.0859 -0.0137 -0.0858 8    ARG A NH2 
79  N N   . PRO A 9  ? 0.2188 0.2223 0.2803 -0.0329 -0.0402 0.0452  9    PRO A N   
80  C CA  . PRO A 9  ? 0.2105 0.2436 0.2761 -0.0318 -0.0299 0.0437  9    PRO A CA  
81  C C   . PRO A 9  ? 0.2340 0.2235 0.2858 -0.0280 -0.0417 0.0431  9    PRO A C   
82  O O   . PRO A 9  ? 0.2186 0.2335 0.2668 -0.0356 -0.0073 0.0408  9    PRO A O   
83  C CB  . PRO A 9  ? 0.2334 0.2412 0.2604 -0.0324 -0.0021 0.0326  9    PRO A CB  
84  C CG  . PRO A 9  ? 0.2257 0.2317 0.2538 -0.0414 -0.0258 0.0485  9    PRO A CG  
85  C CD  . PRO A 9  ? 0.2109 0.2375 0.2329 -0.0364 -0.0318 0.0457  9    PRO A CD  
86  N N   . LEU A 10 ? 0.2394 0.2407 0.2865 -0.0465 -0.0430 0.0334  10   LEU A N   
87  C CA  . LEU A 10 ? 0.2240 0.2450 0.2972 -0.0407 -0.0504 0.0453  10   LEU A CA  
88  C C   . LEU A 10 ? 0.2152 0.2989 0.2919 -0.0590 -0.0242 0.0730  10   LEU A C   
89  O O   . LEU A 10 ? 0.2546 0.4213 0.3322 -0.0862 -0.0064 0.1273  10   LEU A O   
90  C CB  . LEU A 10 ? 0.2994 0.2684 0.3063 -0.0558 -0.0605 0.0195  10   LEU A CB  
91  C CG  . LEU A 10 ? 0.3562 0.2655 0.3362 -0.0040 -0.0474 -0.0200 10   LEU A CG  
92  C CD1 . LEU A 10 ? 0.4745 0.2627 0.4151 -0.0486 0.0097  -0.0286 10   LEU A CD1 
93  C CD2 . LEU A 10 ? 0.3559 0.2803 0.5497 -0.0267 0.0712  0.0040  10   LEU A CD2 
94  N N   . VAL A 11 ? 0.1952 0.3082 0.3063 -0.0466 -0.0368 0.0762  11   VAL A N   
95  C CA  . VAL A 11 ? 0.1886 0.3629 0.3184 -0.0363 -0.0147 0.0706  11   VAL A CA  
96  C C   . VAL A 11 ? 0.1756 0.3326 0.3311 -0.0338 -0.0243 0.0790  11   VAL A C   
97  O O   . VAL A 11 ? 0.1861 0.3944 0.3062 -0.0485 -0.0387 0.0639  11   VAL A O   
98  C CB  . VAL A 11 ? 0.2034 0.3811 0.3303 -0.0118 0.0014  0.0562  11   VAL A CB  
99  C CG1 . VAL A 11 ? 0.3404 0.3897 0.3115 0.0230  0.0173  0.0481  11   VAL A CG1 
100 C CG2 . VAL A 11 ? 0.3215 0.3568 0.3632 -0.0275 -0.0444 0.1284  11   VAL A CG2 
101 N N   . THR A 12 ? 0.1830 0.3491 0.3371 -0.0273 -0.0247 0.0622  12   THR A N   
102 C CA  . THR A 12 ? 0.1933 0.3550 0.3587 -0.0660 -0.0521 0.0775  12   THR A CA  
103 C C   . THR A 12 ? 0.1764 0.3452 0.3610 -0.0419 -0.0354 0.0718  12   THR A C   
104 O O   . THR A 12 ? 0.2416 0.3856 0.3769 0.0115  -0.0098 0.0685  12   THR A O   
105 C CB  . THR A 12 ? 0.2176 0.4220 0.4428 -0.1137 -0.0781 0.1264  12   THR A CB  
106 O OG1 . THR A 12 ? 0.3159 0.3927 0.4249 -0.1337 -0.0963 0.0732  12   THR A OG1 
107 C CG2 . THR A 12 ? 0.2364 0.4134 0.4575 -0.0750 -0.1101 0.0719  12   THR A CG2 
108 N N   . ILE A 13 ? 0.2231 0.3012 0.3398 -0.0258 -0.0501 0.0562  13   ILE A N   
109 C CA  . ILE A 13 ? 0.2090 0.2885 0.3296 -0.0088 -0.0523 0.0459  13   ILE A CA  
110 C C   . ILE A 13 ? 0.2265 0.3438 0.4047 -0.0209 -0.1123 0.0651  13   ILE A C   
111 O O   . ILE A 13 ? 0.2267 0.3684 0.3627 -0.0420 -0.1126 0.0637  13   ILE A O   
112 C CB  . ILE A 13 ? 0.2157 0.2796 0.3244 -0.0341 -0.0632 0.0232  13   ILE A CB  
113 C CG1 . ILE A 13 ? 0.2331 0.3278 0.2969 -0.0562 -0.0457 0.0226  13   ILE A CG1 
114 C CG2 . ILE A 13 ? 0.2406 0.3228 0.3437 0.0089  -0.0899 -0.0181 13   ILE A CG2 
115 C CD1 . ILE A 13 ? 0.2244 0.3539 0.3236 -0.0643 -0.0542 0.0270  13   ILE A CD1 
116 N N   . LYS A 14 ? 0.2294 0.3579 0.3988 -0.0324 -0.1037 0.0954  14   LYS A N   
117 C CA  . LYS A 14 ? 0.2277 0.3364 0.3597 -0.0035 -0.0685 0.0691  14   LYS A CA  
118 C C   . LYS A 14 ? 0.1858 0.3218 0.3571 -0.0166 -0.0876 0.0521  14   LYS A C   
119 O O   . LYS A 14 ? 0.2639 0.3285 0.4084 -0.0243 -0.0748 0.0335  14   LYS A O   
120 C CB  . LYS A 14 ? 0.1927 0.4909 0.4560 -0.0426 -0.0709 0.1132  14   LYS A CB  
121 C CG  . LYS A 14 ? 0.2396 0.6003 0.5069 -0.0050 -0.0939 0.2078  14   LYS A CG  
122 C CD  . LYS A 14 ? 0.2179 0.6219 0.6864 0.0463  -0.1458 0.1685  14   LYS A CD  
123 C CE  . LYS A 14 ? 0.2533 0.7150 0.7729 0.1041  -0.1828 0.0358  14   LYS A CE  
124 N NZ  . LYS A 14 ? 0.6694 0.8809 0.6712 0.3642  -0.0303 -0.0654 14   LYS A NZ  
125 N N   . ILE A 15 ? 0.2598 0.3656 0.3635 -0.0588 -0.0565 0.0411  15   ILE A N   
126 C CA  . ILE A 15 ? 0.2364 0.3845 0.3463 -0.0393 -0.1011 0.0798  15   ILE A CA  
127 C C   . ILE A 15 ? 0.3362 0.4265 0.3627 -0.0639 -0.1580 0.1097  15   ILE A C   
128 O O   . ILE A 15 ? 0.3255 0.4619 0.3426 -0.0518 -0.1599 0.0649  15   ILE A O   
129 C CB  . ILE A 15 ? 0.2297 0.3921 0.3685 -0.0415 -0.0849 0.0440  15   ILE A CB  
130 C CG1 . ILE A 15 ? 0.2310 0.4550 0.3629 -0.0096 -0.0542 0.0706  15   ILE A CG1 
131 C CG2 . ILE A 15 ? 0.2420 0.4165 0.3223 -0.0180 -0.1055 0.0050  15   ILE A CG2 
132 C CD1 . ILE A 15 ? 0.2354 0.3351 0.3371 -0.0243 -0.0551 -0.0213 15   ILE A CD1 
133 N N   . GLY A 16 ? 0.3456 0.4880 0.4249 -0.0995 -0.1919 0.1745  16   GLY A N   
134 C CA  . GLY A 16 ? 0.3904 0.5407 0.4404 -0.1140 -0.2250 0.1870  16   GLY A CA  
135 C C   . GLY A 16 ? 0.3951 0.5024 0.4484 -0.1051 -0.2504 0.2078  16   GLY A C   
136 O O   . GLY A 16 ? 0.4128 0.7104 0.4710 -0.1678 -0.2401 0.1200  16   GLY A O   
137 N N   . GLY A 17 ? 0.3580 0.4332 0.5363 -0.0873 -0.2173 0.1456  17   GLY A N   
138 C CA  . GLY A 17 ? 0.3722 0.4899 0.6497 -0.1112 -0.2083 0.1757  17   GLY A CA  
139 C C   . GLY A 17 ? 0.3371 0.4732 0.5432 -0.1295 -0.2061 0.1331  17   GLY A C   
140 O O   . GLY A 17 ? 0.3610 0.5337 0.7328 -0.1700 -0.2036 0.1797  17   GLY A O   
141 N N   . GLN A 18 ? 0.3459 0.4887 0.4103 -0.1093 -0.1716 0.1438  18   GLN A N   
142 C CA  . GLN A 18 ? 0.3532 0.4823 0.4275 -0.1072 -0.1448 0.1392  18   GLN A CA  
143 C C   . GLN A 18 ? 0.3109 0.3844 0.4129 -0.0816 -0.1335 0.0957  18   GLN A C   
144 O O   . GLN A 18 ? 0.3532 0.3531 0.4104 -0.0787 -0.0763 0.0623  18   GLN A O   
145 C CB  . GLN A 18 ? 0.3943 0.5160 0.3968 -0.1100 -0.1398 0.0821  18   GLN A CB  
146 C CG  . GLN A 18 ? 0.4928 0.6646 0.4003 -0.0817 -0.1625 0.0755  18   GLN A CG  
147 C CD  . GLN A 18 ? 0.4980 0.7074 0.3967 -0.1677 -0.1434 -0.0140 18   GLN A CD  
148 O OE1 . GLN A 18 ? 0.7667 0.9326 0.4756 -0.3689 0.0209  -0.0934 18   GLN A OE1 
149 N NE2 . GLN A 18 ? 0.8846 0.7290 0.4789 -0.0671 -0.0330 -0.0875 18   GLN A NE2 
150 N N   . LEU A 19 ? 0.2505 0.3723 0.3960 -0.0682 -0.1198 0.0777  19   LEU A N   
151 C CA  . LEU A 19 ? 0.2844 0.3279 0.3750 -0.0412 -0.1060 0.0484  19   LEU A CA  
152 C C   . LEU A 19 ? 0.2983 0.3391 0.3585 -0.0274 -0.1311 0.0130  19   LEU A C   
153 O O   . LEU A 19 ? 0.3111 0.4377 0.3811 -0.0198 -0.1149 -0.0526 19   LEU A O   
154 C CB  . LEU A 19 ? 0.3114 0.3761 0.3552 -0.0750 -0.1137 0.0421  19   LEU A CB  
155 C CG  . LEU A 19 ? 0.3135 0.3328 0.4560 -0.0828 -0.0632 0.0950  19   LEU A CG  
156 C CD1 . LEU A 19 ? 0.3217 0.3963 0.5297 -0.0914 -0.0855 0.1737  19   LEU A CD1 
157 C CD2 . LEU A 19 ? 0.2433 0.3948 0.5949 -0.0991 -0.0505 0.0052  19   LEU A CD2 
158 N N   . LYS A 20 ? 0.2590 0.3237 0.3488 -0.0607 -0.0873 0.0164  20   LYS A N   
159 C CA  . LYS A 20 ? 0.2612 0.3363 0.3416 -0.0446 -0.0876 0.0036  20   LYS A CA  
160 C C   . LYS A 20 ? 0.2479 0.3131 0.3408 -0.0747 -0.0844 0.0047  20   LYS A C   
161 O O   . LYS A 20 ? 0.3505 0.3082 0.3350 -0.0125 -0.0912 0.0177  20   LYS A O   
162 C CB  . LYS A 20 ? 0.2662 0.3794 0.3321 -0.0496 -0.0808 0.0146  20   LYS A CB  
163 C CG  . LYS A 20 ? 0.3613 0.3786 0.3385 -0.0430 -0.0965 0.0250  20   LYS A CG  
164 C CD  . LYS A 20 ? 0.4306 0.3985 0.3319 -0.0616 -0.0596 0.0264  20   LYS A CD  
165 C CE  . LYS A 20 ? 0.5863 0.4953 0.3311 -0.0174 -0.1064 0.1274  20   LYS A CE  
166 N NZ  . LYS A 20 ? 0.6643 0.8420 0.5337 -0.1740 -0.1282 -0.2392 20   LYS A NZ  
167 N N   . GLU A 21 ? 0.2274 0.3675 0.3041 -0.0556 -0.0690 -0.0045 21   GLU A N   
168 C CA  . GLU A 21 ? 0.2578 0.3414 0.3099 -0.0950 -0.0708 0.0315  21   GLU A CA  
169 C C   . GLU A 21 ? 0.2156 0.2975 0.2682 -0.0452 -0.0615 0.0196  21   GLU A C   
170 O O   . GLU A 21 ? 0.2576 0.2513 0.2725 -0.0418 -0.0389 0.0001  21   GLU A O   
171 C CB  . GLU A 21 ? 0.3081 0.3424 0.3816 -0.1092 -0.0768 0.0564  21   GLU A CB  
172 C CG  . GLU A 21 ? 0.4834 0.3784 0.4328 -0.0621 -0.1637 0.0617  21   GLU A CG  
173 C CD  . GLU A 21 ? 0.6213 0.4120 0.6019 -0.0001 -0.1074 0.1552  21   GLU A CD  
174 O OE1 . GLU A 21 ? 0.7947 0.4357 0.5412 0.0530  -0.1152 -0.0052 21   GLU A OE1 
175 O OE2 . GLU A 21 ? 0.5805 0.4649 1.0050 -0.1600 -0.1079 0.2041  21   GLU A OE2 
176 N N   . ALA A 22 ? 0.2049 0.2893 0.2526 -0.0407 -0.0355 0.0217  22   ALA A N   
177 C CA  . ALA A 22 ? 0.2008 0.2335 0.2372 -0.0210 -0.0322 0.0270  22   ALA A CA  
178 C C   . ALA A 22 ? 0.1678 0.2223 0.2258 -0.0187 -0.0165 0.0294  22   ALA A C   
179 O O   . ALA A 22 ? 0.1709 0.3237 0.2504 -0.0231 -0.0040 0.0383  22   ALA A O   
180 C CB  . ALA A 22 ? 0.2104 0.2440 0.2450 0.0181  -0.0410 0.0290  22   ALA A CB  
181 N N   . LEU A 23 ? 0.1771 0.2305 0.2100 -0.0250 -0.0048 0.0153  23   LEU A N   
182 C CA  . LEU A 23 ? 0.1732 0.1963 0.2146 -0.0136 -0.0165 0.0220  23   LEU A CA  
183 C C   . LEU A 23 ? 0.1799 0.1964 0.2183 -0.0144 -0.0033 0.0169  23   LEU A C   
184 O O   . LEU A 23 ? 0.2237 0.1949 0.2204 -0.0103 -0.0101 0.0228  23   LEU A O   
185 C CB  . LEU A 23 ? 0.1955 0.2063 0.2394 -0.0015 -0.0151 -0.0072 23   LEU A CB  
186 C CG  . LEU A 23 ? 0.1947 0.2450 0.2675 0.0292  -0.0309 0.0076  23   LEU A CG  
187 C CD1 . LEU A 23 ? 0.3058 0.3352 0.2659 -0.0385 -0.0373 0.0430  23   LEU A CD1 
188 C CD2 . LEU A 23 ? 0.2197 0.3009 0.3043 0.0588  -0.0080 -0.0278 23   LEU A CD2 
189 N N   . LEU A 24 ? 0.1882 0.2177 0.2135 -0.0102 -0.0128 0.0151  24   LEU A N   
190 C CA  . LEU A 24 ? 0.1895 0.2048 0.2249 -0.0045 -0.0115 0.0100  24   LEU A CA  
191 C C   . LEU A 24 ? 0.1917 0.2010 0.2497 -0.0197 -0.0178 0.0341  24   LEU A C   
192 O O   . LEU A 24 ? 0.2135 0.2580 0.2417 -0.0448 -0.0258 0.0631  24   LEU A O   
193 C CB  . LEU A 24 ? 0.2041 0.2683 0.2436 -0.0088 0.0077  -0.0118 24   LEU A CB  
194 C CG  . LEU A 24 ? 0.2025 0.3047 0.2767 -0.0457 0.0143  0.0101  24   LEU A CG  
195 C CD1 . LEU A 24 ? 0.2225 0.4215 0.4088 -0.0273 0.0728  -0.0728 24   LEU A CD1 
196 C CD2 . LEU A 24 ? 0.2081 0.2951 0.4273 -0.0410 -0.0479 0.0963  24   LEU A CD2 
197 N N   . ASP A 25 ? 0.2035 0.2122 0.2408 -0.0279 -0.0170 0.0381  25   ASP A N   
198 C CA  . ASP A 25 ? 0.2030 0.2073 0.2023 -0.0284 -0.0153 -0.0079 25   ASP A CA  
199 C C   . ASP A 25 ? 0.2257 0.1836 0.2092 -0.0088 -0.0395 0.0015  25   ASP A C   
200 O O   . ASP A 25 ? 0.2408 0.1944 0.2190 -0.0034 -0.0254 0.0157  25   ASP A O   
201 C CB  . ASP A 25 ? 0.2590 0.2135 0.2255 -0.0239 0.0272  -0.0114 25   ASP A CB  
202 C CG  . ASP A 25 ? 0.2648 0.3067 0.3349 0.0283  0.0524  0.0370  25   ASP A CG  
203 O OD1 . ASP A 25 ? 0.2960 0.2750 0.4863 -0.0018 -0.0700 -0.0202 25   ASP A OD1 
204 O OD2 . ASP A 25 ? 0.3752 0.3579 0.4301 0.0580  0.1555  0.0407  25   ASP A OD2 
205 N N   . THR A 26 ? 0.2181 0.1916 0.2106 -0.0021 -0.0284 -0.0040 26   THR A N   
206 C CA  . THR A 26 ? 0.2247 0.1691 0.2067 -0.0084 -0.0353 0.0036  26   THR A CA  
207 C C   . THR A 26 ? 0.2337 0.1776 0.2217 -0.0107 -0.0249 0.0465  26   THR A C   
208 O O   . THR A 26 ? 0.2521 0.1965 0.2264 -0.0285 -0.0053 0.0321  26   THR A O   
209 C CB  . THR A 26 ? 0.2349 0.1751 0.2064 0.0268  -0.0246 0.0128  26   THR A CB  
210 O OG1 . THR A 26 ? 0.2435 0.1886 0.2114 0.0216  -0.0194 0.0188  26   THR A OG1 
211 C CG2 . THR A 26 ? 0.2377 0.2095 0.2478 0.0227  0.0005  -0.0107 26   THR A CG2 
212 N N   . GLY A 27 ? 0.2127 0.2000 0.2168 -0.0003 -0.0360 0.0381  27   GLY A N   
213 C CA  . GLY A 27 ? 0.2158 0.2334 0.2350 -0.0155 -0.0425 0.0352  27   GLY A CA  
214 C C   . GLY A 27 ? 0.1940 0.2651 0.2467 -0.0590 -0.0396 0.0441  27   GLY A C   
215 O O   . GLY A 27 ? 0.2153 0.3777 0.2957 -0.0552 -0.0137 0.0798  27   GLY A O   
216 N N   . ALA A 28 ? 0.2185 0.2107 0.2213 -0.0071 -0.0350 0.0317  28   ALA A N   
217 C CA  . ALA A 28 ? 0.2056 0.2189 0.2018 0.0141  0.0103  0.0123  28   ALA A CA  
218 C C   . ALA A 28 ? 0.2087 0.2195 0.2094 0.0108  -0.0006 0.0324  28   ALA A C   
219 O O   . ALA A 28 ? 0.2163 0.2130 0.2201 0.0114  0.0062  0.0255  28   ALA A O   
220 C CB  . ALA A 28 ? 0.2709 0.2289 0.1929 -0.0003 -0.0125 0.0181  28   ALA A CB  
221 N N   . ASP A 29 ? 0.2134 0.2351 0.2409 -0.0264 -0.0109 0.0338  29   ASP A N   
222 C CA  . ASP A 29 ? 0.2298 0.2254 0.2544 -0.0483 -0.0294 0.0222  29   ASP A CA  
223 C C   . ASP A 29 ? 0.2446 0.2290 0.2581 -0.0135 -0.0390 0.0223  29   ASP A C   
224 O O   . ASP A 29 ? 0.2752 0.2333 0.2638 0.0002  -0.0365 0.0183  29   ASP A O   
225 C CB  . ASP A 29 ? 0.2535 0.2586 0.2699 -0.0630 -0.0085 0.0426  29   ASP A CB  
226 C CG  . ASP A 29 ? 0.2466 0.4220 0.2735 -0.1015 -0.0093 0.0202  29   ASP A CG  
227 O OD1 . ASP A 29 ? 0.3038 0.3041 0.2732 -0.0471 -0.0214 0.0370  29   ASP A OD1 
228 O OD2 . ASP A 29 ? 0.2621 0.5782 0.3601 -0.1238 0.0174  0.0482  29   ASP A OD2 
229 N N   . ASP A 30 ? 0.2314 0.2419 0.2307 -0.0098 -0.0392 0.0314  30   ASP A N   
230 C CA  . ASP A 30 ? 0.2421 0.2236 0.2518 -0.0238 -0.0483 0.0408  30   ASP A CA  
231 C C   . ASP A 30 ? 0.2044 0.2024 0.2284 0.0052  -0.0212 0.0180  30   ASP A C   
232 O O   . ASP A 30 ? 0.2425 0.2280 0.2930 -0.0133 -0.0577 0.0615  30   ASP A O   
233 C CB  . ASP A 30 ? 0.2921 0.3337 0.2595 -0.0591 -0.0428 0.1068  30   ASP A CB  
234 C CG  . ASP A 30 ? 0.3530 0.4053 0.4020 -0.1339 -0.0036 0.0958  30   ASP A CG  
235 O OD1 . ASP A 30 ? 0.6477 0.3509 0.4028 -0.1252 -0.0581 0.0872  30   ASP A OD1 
236 O OD2 . ASP A 30 ? 0.3336 0.7741 0.5914 -0.1796 0.0287  0.1207  30   ASP A OD2 
237 N N   . THR A 31 ? 0.2267 0.1874 0.2186 0.0056  -0.0298 0.0077  31   THR A N   
238 C CA  . THR A 31 ? 0.2293 0.1942 0.2048 0.0112  -0.0251 -0.0122 31   THR A CA  
239 C C   . THR A 31 ? 0.2492 0.2017 0.1916 0.0163  -0.0395 -0.0010 31   THR A C   
240 O O   . THR A 31 ? 0.2543 0.2079 0.2106 0.0120  -0.0260 0.0121  31   THR A O   
241 C CB  . THR A 31 ? 0.2151 0.2332 0.2126 -0.0009 -0.0039 0.0310  31   THR A CB  
242 O OG1 . THR A 31 ? 0.2505 0.2390 0.2056 0.0351  -0.0074 0.0263  31   THR A OG1 
243 C CG2 . THR A 31 ? 0.2445 0.2437 0.2590 -0.0287 -0.0115 0.0209  31   THR A CG2 
244 N N   . VAL A 32 ? 0.2185 0.2069 0.1812 0.0228  -0.0051 -0.0049 32   VAL A N   
245 C CA  . VAL A 32 ? 0.2239 0.2302 0.1899 -0.0111 0.0041  -0.0315 32   VAL A CA  
246 C C   . VAL A 32 ? 0.2130 0.2315 0.1700 -0.0062 -0.0102 0.0000  32   VAL A C   
247 O O   . VAL A 32 ? 0.2558 0.2540 0.1835 -0.0241 -0.0266 0.0111  32   VAL A O   
248 C CB  . VAL A 32 ? 0.2079 0.3140 0.3097 -0.0156 0.0458  -0.1127 32   VAL A CB  
249 C CG1 . VAL A 32 ? 0.2794 0.2966 0.2929 0.0183  0.0705  -0.0390 32   VAL A CG1 
250 C CG2 . VAL A 32 ? 0.2507 0.3360 0.3924 -0.0524 -0.0491 -0.0220 32   VAL A CG2 
251 N N   . ILE A 33 ? 0.2245 0.2447 0.2032 -0.0005 -0.0422 0.0083  33   ILE A N   
252 C CA  . ILE A 33 ? 0.2399 0.2545 0.2524 -0.0046 -0.0458 -0.0373 33   ILE A CA  
253 C C   . ILE A 33 ? 0.2667 0.2356 0.2262 0.0000  -0.0408 -0.0052 33   ILE A C   
254 O O   . ILE A 33 ? 0.2966 0.2538 0.2348 -0.0162 -0.0355 -0.0012 33   ILE A O   
255 C CB  . ILE A 33 ? 0.2232 0.3347 0.3226 0.0112  -0.0561 -0.0744 33   ILE A CB  
256 C CG1 . ILE A 33 ? 0.2724 0.3952 0.3056 0.0559  -0.0534 -0.0753 33   ILE A CG1 
257 C CG2 . ILE A 33 ? 0.2573 0.3464 0.3844 -0.0226 -0.0973 -0.0256 33   ILE A CG2 
258 C CD1 . ILE A 33 ? 0.3313 0.4237 0.3123 -0.0659 -0.0644 -0.0783 33   ILE A CD1 
259 N N   . GLU A 34 ? 0.2653 0.2581 0.2418 -0.0297 -0.0384 -0.0345 34   GLU A N   
260 C CA  . GLU A 34 ? 0.3498 0.2659 0.2569 0.0179  -0.0514 -0.0482 34   GLU A CA  
261 C C   . GLU A 34 ? 0.4169 0.2691 0.2563 0.0029  -0.0716 -0.0415 34   GLU A C   
262 O O   . GLU A 34 ? 0.3184 0.3099 0.2417 -0.0271 -0.0751 -0.0226 34   GLU A O   
263 C CB  . GLU A 34 ? 0.4922 0.2533 0.2735 -0.0067 -0.0691 -0.0440 34   GLU A CB  
264 C CG  . GLU A 34 ? 0.4712 0.4346 0.3047 -0.1528 -0.0791 -0.0938 34   GLU A CG  
265 C CD  . GLU A 34 ? 0.6709 0.5017 0.4050 -0.2930 -0.1447 -0.0612 34   GLU A CD  
266 O OE1 . GLU A 34 ? 1.2264 0.5997 0.4199 -0.3407 -0.2088 0.0472  34   GLU A OE1 
267 O OE2 . GLU A 34 ? 0.6266 0.7970 0.9035 -0.3995 -0.2480 -0.0182 34   GLU A OE2 
268 N N   . GLU A 35 ? 0.3967 0.3306 0.2523 0.0137  -0.0789 -0.0441 35   GLU A N   
269 C CA  . GLU A 35 ? 0.4745 0.3369 0.2534 -0.0088 -0.1211 -0.0496 35   GLU A CA  
270 C C   . GLU A 35 ? 0.4853 0.3926 0.2840 -0.0358 -0.1585 -0.0241 35   GLU A C   
271 O O   . GLU A 35 ? 0.5082 0.4178 0.3109 -0.0641 -0.1347 -0.0365 35   GLU A O   
272 C CB  . GLU A 35 ? 0.5781 0.3570 0.2588 -0.0350 -0.0785 -0.0686 35   GLU A CB  
273 C CG  . GLU A 35 ? 0.5682 0.6371 0.3818 -0.0337 -0.0263 -0.2450 35   GLU A CG  
274 C CD  . GLU A 35 ? 0.6757 0.6444 0.4426 -0.0463 0.0620  -0.2642 35   GLU A CD  
275 O OE1 . GLU A 35 ? 1.0054 0.8110 0.5214 0.2854  0.0945  -0.1208 35   GLU A OE1 
276 O OE2 . GLU A 35 ? 0.9110 0.7462 0.5362 -0.1259 0.2150  -0.2830 35   GLU A OE2 
277 N N   . MET A 36 ? 0.4896 0.4259 0.2868 -0.0127 -0.1732 -0.0345 36   MET A N   
278 C CA  . MET A 36 ? 0.4949 0.5147 0.3756 -0.0136 -0.2060 -0.0198 36   MET A CA  
279 C C   . MET A 36 ? 0.5360 0.6094 0.4731 -0.0266 -0.2640 0.0644  36   MET A C   
280 O O   . MET A 36 ? 0.5072 0.7748 0.3373 -0.0160 -0.1240 0.1473  36   MET A O   
281 C CB  . MET A 36 ? 0.4806 0.4768 0.4617 -0.0556 -0.1235 -0.0301 36   MET A CB  
282 C CG  . MET A 36 ? 0.5365 0.5137 0.3590 -0.1517 -0.0670 -0.0054 36   MET A CG  
283 S SD  . MET A 36 ? 0.3758 0.5524 0.3747 -0.0350 -0.1192 0.0041  36   MET A SD  
284 C CE  . MET A 36 ? 0.4848 0.5705 0.4315 0.1324  -0.2559 -0.0513 36   MET A CE  
285 N N   . SER A 37 ? 0.5620 0.5892 0.6406 0.0086  -0.3384 0.0291  37   SER A N   
286 C CA  . SER A 37 ? 0.6848 0.7111 0.6675 0.1118  -0.3641 0.0416  37   SER A CA  
287 C C   . SER A 37 ? 0.7443 0.6471 0.5221 0.1201  -0.3047 0.1510  37   SER A C   
288 O O   . SER A 37 ? 0.6529 0.6891 0.5699 0.0177  -0.3040 0.1372  37   SER A O   
289 C CB  . SER A 37 ? 0.6920 0.8067 0.6485 0.1243  -0.4367 0.0656  37   SER A CB  
290 O OG  . SER A 37 ? 0.5073 1.2172 0.6306 0.2632  -0.1119 -0.0178 37   SER A OG  
291 N N   . LEU A 38 ? 0.6695 0.6890 0.4980 0.0942  -0.2543 0.1207  38   LEU A N   
292 C CA  . LEU A 38 ? 0.4871 0.6602 0.5674 0.0241  -0.2141 0.1251  38   LEU A CA  
293 C C   . LEU A 38 ? 0.4278 0.6641 0.6006 -0.0074 -0.2887 0.1405  38   LEU A C   
294 O O   . LEU A 38 ? 0.8296 0.7309 0.6575 0.1843  -0.0911 0.2385  38   LEU A O   
295 C CB  . LEU A 38 ? 0.3876 0.6442 0.4703 -0.0240 -0.1293 0.1850  38   LEU A CB  
296 C CG  . LEU A 38 ? 0.4227 0.5390 0.5149 -0.0558 -0.1323 0.1975  38   LEU A CG  
297 C CD1 . LEU A 38 ? 0.3952 0.8317 0.5300 -0.0893 -0.1699 0.3168  38   LEU A CD1 
298 C CD2 . LEU A 38 ? 0.4181 0.6909 0.4324 -0.1508 -0.1632 0.1287  38   LEU A CD2 
299 N N   . PRO A 39 ? 0.4124 0.6530 0.6644 -0.0175 -0.3225 0.1121  39   PRO A N   
300 C CA  . PRO A 39 ? 0.5344 0.6404 0.6937 0.0275  -0.2803 0.1231  39   PRO A CA  
301 C C   . PRO A 39 ? 0.5717 0.6130 0.5438 0.0407  -0.2742 0.1092  39   PRO A C   
302 O O   . PRO A 39 ? 0.4601 0.9521 0.5117 0.0296  -0.2061 0.0469  39   PRO A O   
303 C CB  . PRO A 39 ? 0.5559 0.6119 0.7221 0.0669  -0.2919 0.1080  39   PRO A CB  
304 C CG  . PRO A 39 ? 0.4817 0.5957 0.7343 0.0079  -0.2850 0.1301  39   PRO A CG  
305 C CD  . PRO A 39 ? 0.4159 0.5627 0.6923 -0.0207 -0.3072 0.0809  39   PRO A CD  
306 N N   . GLY A 40 ? 0.6048 0.6233 0.5960 0.0440  -0.1970 0.1099  40   GLY A N   
307 C CA  . GLY A 40 ? 0.5358 0.5643 0.7912 0.0974  -0.1547 0.0810  40   GLY A CA  
308 C C   . GLY A 40 ? 0.5595 0.5912 0.7876 0.0871  -0.1074 0.1234  40   GLY A C   
309 O O   . GLY A 40 ? 0.4974 0.6065 0.5362 0.0616  -0.1643 0.1198  40   GLY A O   
310 N N   . ARG A 41 ? 0.5199 0.5596 0.7568 0.1197  -0.1368 0.1576  41   ARG A N   
311 C CA  . ARG A 41 ? 0.5371 0.5897 0.6074 0.1103  -0.1339 0.2275  41   ARG A CA  
312 C C   . ARG A 41 ? 0.5158 0.5485 0.5082 0.1324  -0.0826 0.1714  41   ARG A C   
313 O O   . ARG A 41 ? 0.5042 0.5385 0.5287 0.1644  -0.0526 0.0941  41   ARG A O   
314 C CB  . ARG A 41 ? 0.6996 0.6234 0.5801 0.0818  -0.0741 0.2877  41   ARG A CB  
315 C CG  . ARG A 41 ? 0.6423 0.6964 0.8247 -0.0504 -0.1051 0.0902  41   ARG A CG  
316 C CD  . ARG A 41 ? 0.5321 0.9874 1.0197 -0.0771 -0.0278 -0.0522 41   ARG A CD  
317 N NE  . ARG A 41 ? 0.6216 1.1272 1.1240 -0.0278 0.0863  -0.0426 41   ARG A NE  
318 C CZ  . ARG A 41 ? 0.5393 1.1682 1.0918 0.0030  0.1802  -0.0909 41   ARG A CZ  
319 N NH1 . ARG A 41 ? 0.7441 1.2778 1.2164 -0.1228 0.1872  -0.2002 41   ARG A NH1 
320 N NH2 . ARG A 41 ? 0.6858 1.0487 1.0036 0.1775  0.2641  0.2869  41   ARG A NH2 
321 N N   . TRP A 42 ? 0.5078 0.5243 0.3851 0.0874  -0.0879 0.1486  42   TRP A N   
322 C CA  . TRP A 42 ? 0.4449 0.4642 0.3104 0.0551  -0.0303 0.1421  42   TRP A CA  
323 C C   . TRP A 42 ? 0.4711 0.4969 0.2657 0.0338  -0.0064 0.1500  42   TRP A C   
324 O O   . TRP A 42 ? 0.5947 0.5055 0.2720 0.0005  -0.0019 0.1618  42   TRP A O   
325 C CB  . TRP A 42 ? 0.4052 0.4539 0.2622 0.0363  -0.0889 0.0667  42   TRP A CB  
326 C CG  . TRP A 42 ? 0.4078 0.5695 0.2461 0.0922  -0.1007 0.0465  42   TRP A CG  
327 C CD1 . TRP A 42 ? 0.4340 0.6137 0.3039 0.0640  -0.0929 -0.0352 42   TRP A CD1 
328 C CD2 . TRP A 42 ? 0.4314 0.6134 0.2520 0.0650  -0.0516 0.0651  42   TRP A CD2 
329 N NE1 . TRP A 42 ? 0.4829 0.6029 0.3508 0.0902  -0.0923 -0.0596 42   TRP A NE1 
330 C CE2 . TRP A 42 ? 0.4866 0.6380 0.3256 0.0992  -0.0577 -0.0144 42   TRP A CE2 
331 C CE3 . TRP A 42 ? 0.4135 0.5747 0.2545 0.0662  -0.0055 0.1041  42   TRP A CE3 
332 C CZ2 . TRP A 42 ? 0.5078 0.6359 0.3054 0.1005  -0.0287 0.0328  42   TRP A CZ2 
333 C CZ3 . TRP A 42 ? 0.4583 0.6645 0.2637 0.0356  0.0383  0.0609  42   TRP A CZ3 
334 C CH2 . TRP A 42 ? 0.4963 0.5934 0.3189 0.0626  -0.0010 0.0448  42   TRP A CH2 
335 N N   . LYS A 43 ? 0.4215 0.4267 0.2785 0.0614  0.0184  0.1415  43   LYS A N   
336 C CA  . LYS A 43 ? 0.4320 0.4091 0.3117 0.0518  0.0554  0.1028  43   LYS A CA  
337 C C   . LYS A 43 ? 0.3605 0.3349 0.2472 -0.0270 0.0531  0.0782  43   LYS A C   
338 O O   . LYS A 43 ? 0.3476 0.3696 0.2353 -0.0239 0.0558  0.0785  43   LYS A O   
339 C CB  . LYS A 43 ? 0.5134 0.3428 0.5734 0.0171  0.0691  0.0536  43   LYS A CB  
340 C CG  . LYS A 43 ? 0.6729 0.4455 0.7001 0.1677  0.1389  0.0364  43   LYS A CG  
341 C CD  . LYS A 43 ? 0.6980 0.6935 0.8728 0.1743  0.2447  -0.1079 43   LYS A CD  
342 C CE  . LYS A 43 ? 0.6935 0.5866 1.0300 0.1749  0.2445  -0.0608 43   LYS A CE  
343 N NZ  . LYS A 43 ? 0.7730 0.5037 0.9196 0.0636  0.0768  -0.1791 43   LYS A NZ  
344 N N   . PRO A 44 ? 0.3889 0.3931 0.2209 0.0184  0.0586  0.0981  44   PRO A N   
345 C CA  . PRO A 44 ? 0.3878 0.3860 0.2704 0.0119  0.0714  0.1156  44   PRO A CA  
346 C C   . PRO A 44 ? 0.3538 0.3356 0.3482 0.0063  0.0364  0.1073  44   PRO A C   
347 O O   . PRO A 44 ? 0.5642 0.3850 0.4342 -0.0891 -0.0141 0.1345  44   PRO A O   
348 C CB  . PRO A 44 ? 0.4660 0.4650 0.3302 0.0823  0.1338  0.1161  44   PRO A CB  
349 C CG  . PRO A 44 ? 0.4575 0.4778 0.2099 0.0015  0.0870  0.0967  44   PRO A CG  
350 C CD  . PRO A 44 ? 0.5096 0.3654 0.2607 0.0151  0.1096  0.1046  44   PRO A CD  
351 N N   . LYS A 45 ? 0.3119 0.3465 0.3370 0.0247  0.0304  0.0977  45   LYS A N   
352 C CA  . LYS A 45 ? 0.2582 0.3679 0.3513 -0.0049 0.0426  0.1065  45   LYS A CA  
353 C C   . LYS A 45 ? 0.3085 0.3632 0.3127 0.0053  -0.0163 0.0619  45   LYS A C   
354 O O   . LYS A 45 ? 0.2998 0.4001 0.3186 0.0059  0.0054  0.0196  45   LYS A O   
355 C CB  . LYS A 45 ? 0.3526 0.2988 0.3524 -0.0463 0.0580  0.0787  45   LYS A CB  
356 C CG  . LYS A 45 ? 0.4059 0.3087 0.4993 -0.0391 0.0418  0.0199  45   LYS A CG  
357 C CD  . LYS A 45 ? 0.4429 0.3024 0.6151 -0.0706 -0.0418 0.0233  45   LYS A CD  
358 C CE  . LYS A 45 ? 0.5446 0.2549 0.7462 -0.0232 -0.0046 -0.0129 45   LYS A CE  
359 N NZ  . LYS A 45 ? 0.7063 0.5021 0.9861 0.0673  0.0882  -0.1969 45   LYS A NZ  
360 N N   . MET A 46 ? 0.2945 0.3597 0.4289 0.0032  -0.0443 0.0513  46   MET A N   
361 C CA  . MET A 46 ? 0.2668 0.3662 0.4150 0.0046  -0.0386 0.0404  46   MET A CA  
362 C C   . MET A 46 ? 0.3776 0.3224 0.4139 0.0573  -0.0656 0.0039  46   MET A C   
363 O O   . MET A 46 ? 0.3903 0.3700 0.4630 -0.0185 -0.0602 -0.0055 46   MET A O   
364 C CB  A MET A 46 ? 0.3026 0.5063 0.5036 0.0561  0.0113  0.0680  46   MET A CB  
365 C CB  B MET A 46 ? 0.2960 0.5106 0.5097 0.0581  0.0111  0.1015  46   MET A CB  
366 C CG  A MET A 46 ? 0.3566 0.6583 0.5010 0.0403  0.0797  0.0042  46   MET A CG  
367 C CG  B MET A 46 ? 0.3508 0.6488 0.5076 0.0468  0.0629  0.0827  46   MET A CG  
368 S SD  A MET A 46 ? 0.4316 0.8912 0.8105 0.1314  0.1081  -0.1843 46   MET A SD  
369 S SD  B MET A 46 ? 0.5942 0.7842 0.7053 0.0772  0.0120  -0.1720 46   MET A SD  
370 C CE  A MET A 46 ? 0.5908 0.8722 0.7406 -0.0625 0.2127  -0.4704 46   MET A CE  
371 C CE  B MET A 46 ? 0.7761 0.9376 0.6234 -0.2907 0.1224  -0.3770 46   MET A CE  
372 N N   . ILE A 47 ? 0.3167 0.3480 0.3675 0.0262  -0.0907 -0.0058 47   ILE A N   
373 C CA  . ILE A 47 ? 0.3881 0.3458 0.3770 0.0361  -0.0995 -0.0076 47   ILE A CA  
374 C C   . ILE A 47 ? 0.3437 0.3231 0.4169 -0.0032 -0.1420 -0.0081 47   ILE A C   
375 O O   . ILE A 47 ? 0.4236 0.3233 0.4990 0.0224  -0.2353 -0.0517 47   ILE A O   
376 C CB  . ILE A 47 ? 0.4167 0.3911 0.3420 0.0451  -0.0877 -0.0389 47   ILE A CB  
377 C CG1 . ILE A 47 ? 0.3204 0.4245 0.3845 0.0868  -0.0774 -0.0928 47   ILE A CG1 
378 C CG2 . ILE A 47 ? 0.4539 0.4212 0.3753 0.0945  -0.1348 -0.0807 47   ILE A CG2 
379 C CD1 . ILE A 47 ? 0.4088 0.4526 0.3006 0.0721  -0.0299 0.0406  47   ILE A CD1 
380 N N   . GLY A 48 ? 0.3749 0.3285 0.4018 0.0177  -0.1175 0.0018  48   GLY A N   
381 C CA  . GLY A 48 ? 0.4109 0.2944 0.4020 0.0390  -0.1649 -0.0711 48   GLY A CA  
382 C C   . GLY A 48 ? 0.4111 0.2883 0.5676 0.0548  -0.0849 -0.0396 48   GLY A C   
383 O O   . GLY A 48 ? 0.4471 0.4074 0.5606 0.0571  -0.0378 -0.0389 48   GLY A O   
384 N N   . GLY A 49 ? 0.4023 0.2935 0.7708 0.0261  -0.0954 -0.1053 49   GLY A N   
385 C CA  . GLY A 49 ? 0.4399 0.3044 0.7855 0.0104  -0.1163 -0.0619 49   GLY A CA  
386 C C   . GLY A 49 ? 0.4929 0.3294 0.6304 0.0258  -0.1125 -0.0360 49   GLY A C   
387 O O   . GLY A 49 ? 0.4829 0.3372 0.3606 0.0585  -0.0558 -0.0554 49   GLY A O   
388 N N   . ILE A 50 ? 0.5558 0.2928 0.7215 0.0017  -0.1842 -0.0946 50   ILE A N   
389 C CA  . ILE A 50 ? 0.5156 0.2973 0.5675 0.0185  -0.1229 -0.1403 50   ILE A CA  
390 C C   . ILE A 50 ? 0.5700 0.3874 0.4217 -0.0114 -0.1943 -0.1073 50   ILE A C   
391 O O   . ILE A 50 ? 0.8661 0.3982 0.4893 -0.1351 -0.3401 0.0070  50   ILE A O   
392 C CB  . ILE A 50 ? 0.6027 0.2879 0.6311 0.0054  -0.0752 -0.1244 50   ILE A CB  
393 C CG1 . ILE A 50 ? 0.5159 0.4359 0.7585 0.0488  0.0264  -0.1454 50   ILE A CG1 
394 C CG2 . ILE A 50 ? 0.6773 0.2957 0.5527 0.0291  -0.0364 -0.1234 50   ILE A CG2 
395 C CD1 . ILE A 50 ? 0.8320 0.3059 0.9170 -0.0083 0.1270  -0.0385 50   ILE A CD1 
396 N N   . GLY A 51 ? 0.5935 0.2808 0.5092 0.0910  -0.0954 -0.1097 51   GLY A N   
397 C CA  . GLY A 51 ? 0.7467 0.3213 0.4455 0.0587  -0.0716 -0.1137 51   GLY A CA  
398 C C   . GLY A 51 ? 0.5754 0.3603 0.6295 0.0445  -0.0368 -0.1111 51   GLY A C   
399 O O   . GLY A 51 ? 0.4607 0.5750 0.6462 0.0358  -0.1154 -0.1599 51   GLY A O   
400 N N   . GLY A 52 ? 0.4964 0.3501 0.6953 0.0586  -0.1511 -0.0200 52   GLY A N   
401 C CA  . GLY A 52 ? 0.4443 0.4271 0.7273 0.1068  -0.1359 0.0871  52   GLY A CA  
402 C C   . GLY A 52 ? 0.3990 0.4414 0.5804 0.0949  -0.1015 0.0844  52   GLY A C   
403 O O   . GLY A 52 ? 0.3775 0.4118 0.7465 0.0054  -0.0506 0.0928  52   GLY A O   
404 N N   . LEU A 53 ? 0.4478 0.3527 0.5585 0.0662  -0.0872 0.0219  53   LEU A N   
405 C CA  . LEU A 53 ? 0.4415 0.2826 0.5342 0.0260  -0.1291 -0.0296 53   LEU A CA  
406 C C   . LEU A 53 ? 0.4836 0.2664 0.4066 0.0233  -0.1299 -0.0285 53   LEU A C   
407 O O   . LEU A 53 ? 0.6923 0.3453 0.4907 0.0068  -0.1419 -0.1126 53   LEU A O   
408 C CB  . LEU A 53 ? 0.4086 0.2894 0.6177 0.0737  -0.0200 -0.0342 53   LEU A CB  
409 C CG  . LEU A 53 ? 0.3395 0.4772 0.7253 0.0015  0.0080  -0.0219 53   LEU A CG  
410 C CD1 . LEU A 53 ? 0.4695 0.5252 0.5500 -0.1223 -0.0307 -0.0910 53   LEU A CD1 
411 C CD2 . LEU A 53 ? 0.4861 0.7016 0.5662 -0.1840 -0.1189 0.0302  53   LEU A CD2 
412 N N   . ILE A 54 ? 0.4436 0.2829 0.3944 0.0172  -0.1238 0.0488  54   ILE A N   
413 C CA  . ILE A 54 ? 0.4800 0.3265 0.4459 -0.0106 -0.1552 0.0114  54   ILE A CA  
414 C C   . ILE A 54 ? 0.3798 0.3400 0.4074 0.0068  -0.1478 -0.0124 54   ILE A C   
415 O O   . ILE A 54 ? 0.4610 0.3276 0.3209 -0.0108 -0.0891 0.0238  54   ILE A O   
416 C CB  . ILE A 54 ? 0.4376 0.3288 0.5403 0.0179  -0.1349 0.0254  54   ILE A CB  
417 C CG1 . ILE A 54 ? 0.3766 0.3715 0.6252 -0.0033 -0.0987 -0.0351 54   ILE A CG1 
418 C CG2 . ILE A 54 ? 0.5157 0.2185 0.9039 -0.0292 -0.1064 0.0219  54   ILE A CG2 
419 C CD1 . ILE A 54 ? 0.9069 0.2787 0.6428 -0.1197 0.1161  -0.1626 54   ILE A CD1 
420 N N   . LYS A 55 ? 0.2762 0.4060 0.3524 0.0449  -0.0601 -0.0386 55   LYS A N   
421 C CA  . LYS A 55 ? 0.2685 0.3961 0.3006 0.0344  -0.0468 -0.0437 55   LYS A CA  
422 C C   . LYS A 55 ? 0.2861 0.3465 0.2423 0.0380  -0.0267 0.0372  55   LYS A C   
423 O O   . LYS A 55 ? 0.3319 0.3488 0.3297 0.0191  0.0453  0.0366  55   LYS A O   
424 C CB  . LYS A 55 ? 0.3338 0.4384 0.2885 -0.0376 0.0112  -0.0405 55   LYS A CB  
425 C CG  . LYS A 55 ? 0.7267 0.5764 0.3718 -0.1605 -0.0184 0.0564  55   LYS A CG  
426 C CD  . LYS A 55 ? 0.6945 0.4044 0.6899 -0.0739 -0.0381 0.1290  55   LYS A CD  
427 C CE  . LYS A 55 ? 0.8728 0.4948 0.4354 0.0540  -0.0465 0.1967  55   LYS A CE  
428 N NZ  . LYS A 55 ? 0.9309 0.6148 0.7919 -0.1093 0.0913  0.3194  55   LYS A NZ  
429 N N   . VAL A 56 ? 0.2732 0.3414 0.2525 0.0334  -0.0157 0.0489  56   VAL A N   
430 C CA  . VAL A 56 ? 0.3082 0.3764 0.2299 0.0583  0.0079  0.0533  56   VAL A CA  
431 C C   . VAL A 56 ? 0.3064 0.3631 0.2149 0.0749  0.0418  0.0485  56   VAL A C   
432 O O   . VAL A 56 ? 0.3203 0.3730 0.3080 0.0382  0.0221  0.0697  56   VAL A O   
433 C CB  . VAL A 56 ? 0.3037 0.3534 0.2238 0.0038  -0.0136 0.0510  56   VAL A CB  
434 C CG1 . VAL A 56 ? 0.3023 0.3588 0.2348 0.0103  -0.0350 0.0489  56   VAL A CG1 
435 C CG2 . VAL A 56 ? 0.3859 0.3987 0.2646 -0.0779 0.0676  0.0314  56   VAL A CG2 
436 N N   . ARG A 57 ? 0.3067 0.3296 0.2099 0.0458  0.0083  0.0281  57   ARG A N   
437 C CA  . ARG A 57 ? 0.2850 0.3441 0.2234 0.0392  -0.0044 0.0447  57   ARG A CA  
438 C C   . ARG A 57 ? 0.2945 0.2960 0.2032 0.0411  -0.0203 0.0656  57   ARG A C   
439 O O   . ARG A 57 ? 0.3073 0.2775 0.2320 0.0037  0.0016  0.0334  57   ARG A O   
440 C CB  . ARG A 57 ? 0.3165 0.2947 0.2777 0.0464  -0.0213 0.0048  57   ARG A CB  
441 C CG  . ARG A 57 ? 0.5817 0.3450 0.2612 -0.0203 0.0065  -0.0220 57   ARG A CG  
442 C CD  . ARG A 57 ? 0.6347 0.6046 0.3581 -0.0241 -0.0564 -0.1432 57   ARG A CD  
443 N NE  . ARG A 57 ? 0.6497 0.8631 0.4943 -0.2090 -0.0693 -0.1225 57   ARG A NE  
444 C CZ  . ARG A 57 ? 0.9751 0.8653 0.2737 -0.3227 0.0598  -0.0706 57   ARG A CZ  
445 N NH1 . ARG A 57 ? 1.1834 1.0607 0.5350 -0.5098 0.3383  -0.2574 57   ARG A NH1 
446 N NH2 . ARG A 57 ? 0.7722 1.1863 0.3636 -0.5124 0.0702  -0.2089 57   ARG A NH2 
447 N N   . GLN A 58 ? 0.2830 0.2971 0.2356 0.0307  0.0324  0.0789  58   GLN A N   
448 C CA  . GLN A 58 ? 0.2794 0.2731 0.2628 0.0377  0.0239  0.0694  58   GLN A CA  
449 C C   . GLN A 58 ? 0.2946 0.3166 0.2327 0.0539  0.0031  0.0719  58   GLN A C   
450 O O   . GLN A 58 ? 0.3381 0.3519 0.2448 0.0391  -0.0143 0.0967  58   GLN A O   
451 C CB  . GLN A 58 ? 0.2897 0.2782 0.2799 0.0379  0.0040  0.0796  58   GLN A CB  
452 C CG  . GLN A 58 ? 0.2978 0.2411 0.3598 0.0360  0.0198  0.0480  58   GLN A CG  
453 C CD  . GLN A 58 ? 0.3719 0.3377 0.3332 -0.0534 0.0058  0.0572  58   GLN A CD  
454 O OE1 . GLN A 58 ? 0.3700 0.6516 0.7005 -0.0257 -0.1013 -0.1701 58   GLN A OE1 
455 N NE2 . GLN A 58 ? 0.6013 0.2596 0.8146 -0.0972 -0.0721 0.0763  58   GLN A NE2 
456 N N   . TYR A 59 ? 0.2705 0.3457 0.2360 0.0477  -0.0151 0.0713  59   TYR A N   
457 C CA  . TYR A 59 ? 0.2784 0.3642 0.2451 0.0550  -0.0291 0.0638  59   TYR A CA  
458 C C   . TYR A 59 ? 0.2857 0.3356 0.2530 0.0694  -0.0251 0.0784  59   TYR A C   
459 O O   . TYR A 59 ? 0.3338 0.3490 0.2405 0.0778  -0.0510 0.0617  59   TYR A O   
460 C CB  . TYR A 59 ? 0.2815 0.4151 0.2733 0.0362  -0.0640 0.0552  59   TYR A CB  
461 C CG  . TYR A 59 ? 0.3299 0.4152 0.2737 0.0420  -0.0868 0.0553  59   TYR A CG  
462 C CD1 . TYR A 59 ? 0.3476 0.3639 0.2835 0.0148  -0.0875 0.0725  59   TYR A CD1 
463 C CD2 . TYR A 59 ? 0.4398 0.4056 0.2570 0.0794  -0.0982 0.0685  59   TYR A CD2 
464 C CE1 . TYR A 59 ? 0.3530 0.3886 0.3333 0.0037  -0.0966 0.0351  59   TYR A CE1 
465 C CE2 . TYR A 59 ? 0.4340 0.4617 0.2974 0.0739  -0.1223 0.0153  59   TYR A CE2 
466 C CZ  . TYR A 59 ? 0.3863 0.3918 0.3335 0.0048  -0.1266 0.0133  59   TYR A CZ  
467 O OH  . TYR A 59 ? 0.4386 0.4175 0.3590 -0.0045 -0.1149 -0.0146 59   TYR A OH  
468 N N   . ASP A 60 ? 0.4354 0.3435 0.2776 0.0893  -0.0184 0.0904  60   ASP A N   
469 C CA  . ASP A 60 ? 0.4409 0.3212 0.3283 0.0679  -0.0015 0.0708  60   ASP A CA  
470 C C   . ASP A 60 ? 0.4542 0.3436 0.3660 0.1199  0.0113  0.1187  60   ASP A C   
471 O O   . ASP A 60 ? 0.4185 0.4884 0.3770 0.1388  0.0099  0.1173  60   ASP A O   
472 C CB  . ASP A 60 ? 0.5358 0.3429 0.3922 0.0307  -0.0057 0.1032  60   ASP A CB  
473 C CG  . ASP A 60 ? 0.5225 0.4106 0.4395 -0.0328 -0.0289 0.1315  60   ASP A CG  
474 O OD1 . ASP A 60 ? 0.5141 0.4885 0.3534 0.0463  0.0016  0.0847  60   ASP A OD1 
475 O OD2 . ASP A 60 ? 0.5576 0.5886 0.5442 -0.0973 -0.0345 0.2349  60   ASP A OD2 
476 N N   . GLN A 61 ? 0.4472 0.3391 0.3928 0.0714  0.0355  0.0955  61   GLN A N   
477 C CA  . GLN A 61 ? 0.4527 0.3327 0.4028 0.0938  0.0007  0.0363  61   GLN A CA  
478 C C   . GLN A 61 ? 0.4083 0.3725 0.3204 0.1121  -0.0698 0.0225  61   GLN A C   
479 O O   . GLN A 61 ? 0.3863 0.5391 0.5589 0.1246  -0.0862 0.1183  61   GLN A O   
480 C CB  . GLN A 61 ? 0.6260 0.3441 0.5866 0.1824  0.0193  0.0738  61   GLN A CB  
481 C CG  . GLN A 61 ? 0.7064 0.3440 1.0010 0.1265  -0.0515 0.1971  61   GLN A CG  
482 C CD  . GLN A 61 ? 0.5945 0.6304 1.0312 -0.0042 -0.0585 0.2054  61   GLN A CD  
483 O OE1 . GLN A 61 ? 0.9848 0.8508 1.1070 0.0530  -0.1428 0.4480  61   GLN A OE1 
484 N NE2 . GLN A 61 ? 0.4672 0.7162 1.5764 0.1107  0.0892  -0.0022 61   GLN A NE2 
485 N N   . ILE A 62 ? 0.2975 0.3496 0.3072 0.0640  0.0166  0.0335  62   ILE A N   
486 C CA  . ILE A 62 ? 0.2660 0.4133 0.3477 0.0294  -0.0585 0.0175  62   ILE A CA  
487 C C   . ILE A 62 ? 0.2886 0.3787 0.3692 0.0002  -0.0384 0.0344  62   ILE A C   
488 O O   . ILE A 62 ? 0.2915 0.4611 0.3551 0.0397  -0.0278 0.0331  62   ILE A O   
489 C CB  . ILE A 62 ? 0.3543 0.3519 0.4024 0.0037  -0.0386 -0.0409 62   ILE A CB  
490 C CG1 . ILE A 62 ? 0.2844 0.4852 0.3687 0.0356  -0.0850 -0.0617 62   ILE A CG1 
491 C CG2 . ILE A 62 ? 0.3040 0.4145 0.6918 -0.0183 -0.0947 0.0752  62   ILE A CG2 
492 C CD1 . ILE A 62 ? 0.2883 0.6951 0.4553 -0.0311 -0.1009 0.1714  62   ILE A CD1 
493 N N   . ILE A 63 ? 0.2855 0.4282 0.4085 0.0070  -0.0376 0.0656  63   ILE A N   
494 C CA  . ILE A 63 ? 0.3205 0.4384 0.4056 -0.0425 -0.0353 0.0681  63   ILE A CA  
495 C C   . ILE A 63 ? 0.2977 0.4388 0.3671 0.0154  -0.0084 0.0459  63   ILE A C   
496 O O   . ILE A 63 ? 0.5380 0.4576 0.4091 -0.0933 -0.1639 0.0327  63   ILE A O   
497 C CB  . ILE A 63 ? 0.3217 0.4912 0.5611 0.0653  0.0415  0.1106  63   ILE A CB  
498 C CG1 . ILE A 63 ? 0.4916 0.4493 0.6341 0.0959  0.0045  0.0675  63   ILE A CG1 
499 C CG2 . ILE A 63 ? 0.3620 0.6790 0.4700 0.0389  0.0116  0.0306  63   ILE A CG2 
500 C CD1 . ILE A 63 ? 0.6377 0.5355 1.0189 0.0410  -0.3141 -0.0329 63   ILE A CD1 
501 N N   . ILE A 64 ? 0.3409 0.3972 0.3551 -0.0213 0.0066  0.0336  64   ILE A N   
502 C CA  . ILE A 64 ? 0.3188 0.4001 0.3831 0.0133  0.0036  0.0400  64   ILE A CA  
503 C C   . ILE A 64 ? 0.3430 0.4030 0.3973 -0.0199 0.0222  0.0517  64   ILE A C   
504 O O   . ILE A 64 ? 0.5255 0.4826 0.4674 -0.1347 0.1552  -0.0204 64   ILE A O   
505 C CB  . ILE A 64 ? 0.3256 0.4638 0.4495 0.0353  0.0016  -0.0190 64   ILE A CB  
506 C CG1 . ILE A 64 ? 0.3197 0.4861 0.3609 0.0565  -0.0746 -0.0361 64   ILE A CG1 
507 C CG2 . ILE A 64 ? 0.3775 0.4919 0.5985 0.1394  -0.1545 -0.0887 64   ILE A CG2 
508 C CD1 . ILE A 64 ? 0.3104 0.5256 0.5115 0.0438  -0.0791 0.0304  64   ILE A CD1 
509 N N   . GLU A 65 ? 0.2419 0.3833 0.4178 0.0304  -0.0613 0.0934  65   GLU A N   
510 C CA  . GLU A 65 ? 0.2390 0.3409 0.4462 -0.0071 -0.0361 0.0761  65   GLU A CA  
511 C C   . GLU A 65 ? 0.2813 0.3290 0.4157 -0.0033 -0.0295 0.0780  65   GLU A C   
512 O O   . GLU A 65 ? 0.4438 0.3330 0.4161 0.0373  -0.1608 0.0381  65   GLU A O   
513 C CB  . GLU A 65 ? 0.2420 0.5990 0.5725 -0.0474 -0.0543 0.0659  65   GLU A CB  
514 C CG  . GLU A 65 ? 0.2490 0.8232 0.7951 -0.0818 0.0383  -0.0776 65   GLU A CG  
515 C CD  . GLU A 65 ? 0.2376 0.9121 0.9942 -0.0079 -0.0108 -0.2150 65   GLU A CD  
516 O OE1 . GLU A 65 ? 0.4127 0.9400 1.0559 -0.0039 -0.2197 -0.2431 65   GLU A OE1 
517 O OE2 . GLU A 65 ? 0.4389 0.9495 1.6600 0.0868  -0.3011 -0.1931 65   GLU A OE2 
518 N N   . ILE A 66 ? 0.2321 0.3362 0.4045 0.0655  0.0165  0.0530  66   ILE A N   
519 C CA  . ILE A 66 ? 0.2517 0.3111 0.3932 0.0427  -0.0036 0.0478  66   ILE A CA  
520 C C   . ILE A 66 ? 0.2730 0.3543 0.3631 0.0367  -0.0077 0.0332  66   ILE A C   
521 O O   . ILE A 66 ? 0.2952 0.3893 0.4220 0.0687  0.0183  0.0074  66   ILE A O   
522 C CB  . ILE A 66 ? 0.2765 0.2645 0.3443 0.0563  -0.0091 0.0254  66   ILE A CB  
523 C CG1 . ILE A 66 ? 0.2683 0.3567 0.3710 0.0177  -0.0043 0.0514  66   ILE A CG1 
524 C CG2 . ILE A 66 ? 0.2847 0.3280 0.3985 0.0700  -0.0307 0.0569  66   ILE A CG2 
525 C CD1 . ILE A 66 ? 0.2984 0.3346 0.4905 0.0123  0.0410  -0.0068 66   ILE A CD1 
526 N N   . ALA A 67 ? 0.2780 0.3837 0.4128 -0.0053 0.0491  0.0312  67   ALA A N   
527 C CA  . ALA A 67 ? 0.3008 0.4751 0.4475 0.0198  0.0800  0.0801  67   ALA A CA  
528 C C   . ALA A 67 ? 0.3001 0.4470 0.5441 0.0081  0.1182  0.0952  67   ALA A C   
529 O O   . ALA A 67 ? 0.4074 0.5245 0.5868 0.0336  0.2009  0.0806  67   ALA A O   
530 C CB  . ALA A 67 ? 0.4277 0.5611 0.4537 0.0541  0.0546  0.1265  67   ALA A CB  
531 N N   . GLY A 68 ? 0.2733 0.5278 0.6189 0.0283  0.0555  0.1047  68   GLY A N   
532 C CA  . GLY A 68 ? 0.2515 0.5775 0.7631 0.0247  0.0681  0.1084  68   GLY A CA  
533 C C   . GLY A 68 ? 0.2612 0.5711 0.7810 0.0702  0.1266  0.0708  68   GLY A C   
534 O O   . GLY A 68 ? 0.3301 0.6362 0.9015 0.1428  0.1128  0.1535  68   GLY A O   
535 N N   . HIS A 69 ? 0.2875 0.5198 0.6483 0.0330  0.1304  0.0923  69   HIS A N   
536 C CA  . HIS A 69 ? 0.2829 0.4724 0.4743 0.1232  0.0584  0.1269  69   HIS A CA  
537 C C   . HIS A 69 ? 0.3104 0.4719 0.4750 0.1391  0.0700  0.1220  69   HIS A C   
538 O O   . HIS A 69 ? 0.2510 0.4053 0.4516 0.0676  0.0380  0.0757  69   HIS A O   
539 C CB  . HIS A 69 ? 0.3349 0.5365 0.4864 0.1476  0.0250  0.0925  69   HIS A CB  
540 C CG  . HIS A 69 ? 0.3469 0.6140 0.4829 0.1929  0.0332  0.1084  69   HIS A CG  
541 N ND1 . HIS A 69 ? 0.5200 0.6404 0.4454 0.1883  -0.0151 0.1709  69   HIS A ND1 
542 C CD2 . HIS A 69 ? 0.5701 0.6768 0.4905 0.2325  0.0511  0.0851  69   HIS A CD2 
543 C CE1 . HIS A 69 ? 0.6450 0.7379 0.4677 0.2682  0.0419  0.2147  69   HIS A CE1 
544 N NE2 . HIS A 69 ? 0.6247 0.7928 0.4830 0.2597  0.0793  0.1242  69   HIS A NE2 
545 N N   . LYS A 70 ? 0.3625 0.4427 0.4362 0.1355  0.0453  0.0931  70   LYS A N   
546 C CA  . LYS A 70 ? 0.3152 0.4290 0.4100 0.1073  0.0188  0.0637  70   LYS A CA  
547 C C   . LYS A 70 ? 0.3606 0.3708 0.3725 0.1177  0.0111  0.0272  70   LYS A C   
548 O O   . LYS A 70 ? 0.6071 0.3416 0.4334 0.0675  0.1019  0.0071  70   LYS A O   
549 C CB  . LYS A 70 ? 0.4056 0.4864 0.4983 0.1353  -0.0825 0.0745  70   LYS A CB  
550 C CG  . LYS A 70 ? 0.3841 0.5409 0.6443 0.1290  -0.1417 -0.0306 70   LYS A CG  
551 C CD  . LYS A 70 ? 0.4749 0.6505 0.6752 0.1700  -0.2082 0.0714  70   LYS A CD  
552 C CE  . LYS A 70 ? 0.6260 0.7037 0.6914 -0.0097 -0.2776 -0.0054 70   LYS A CE  
553 N NZ  . LYS A 70 ? 0.6909 0.7191 0.8125 -0.0797 -0.3924 0.1922  70   LYS A NZ  
554 N N   . ALA A 71 ? 0.3367 0.3907 0.3443 0.0591  -0.0146 0.0335  71   ALA A N   
555 C CA  . ALA A 71 ? 0.4510 0.3687 0.3887 -0.0221 0.0067  0.0420  71   ALA A CA  
556 C C   . ALA A 71 ? 0.4659 0.3246 0.4012 0.0382  0.0245  0.0581  71   ALA A C   
557 O O   . ALA A 71 ? 0.4295 0.3974 0.3824 -0.0178 0.0418  0.0554  71   ALA A O   
558 C CB  . ALA A 71 ? 0.3591 0.5462 0.3191 -0.0781 -0.0563 0.0220  71   ALA A CB  
559 N N   . ILE A 72 ? 0.3457 0.3189 0.3768 0.0812  0.0342  0.0450  72   ILE A N   
560 C CA  . ILE A 72 ? 0.2945 0.3660 0.3891 0.0811  0.0155  0.0715  72   ILE A CA  
561 C C   . ILE A 72 ? 0.2926 0.2900 0.3567 0.0837  -0.0067 0.0114  72   ILE A C   
562 O O   . ILE A 72 ? 0.3398 0.3354 0.3842 0.0910  0.0029  -0.0396 72   ILE A O   
563 C CB  . ILE A 72 ? 0.4231 0.4777 0.4387 0.2024  -0.0210 0.1789  72   ILE A CB  
564 C CG1 . ILE A 72 ? 0.4302 0.5017 0.5452 0.2119  -0.0173 0.0756  72   ILE A CG1 
565 C CG2 . ILE A 72 ? 0.5556 0.5668 0.4456 0.3236  0.0268  0.2106  72   ILE A CG2 
566 C CD1 . ILE A 72 ? 0.4577 0.4899 0.9239 0.2236  -0.0254 -0.0072 72   ILE A CD1 
567 N N   . GLY A 73 ? 0.2688 0.2924 0.3199 0.0616  -0.0282 0.0280  73   GLY A N   
568 C CA  . GLY A 73 ? 0.2711 0.2839 0.3045 0.0453  -0.0252 0.0059  73   GLY A CA  
569 C C   . GLY A 73 ? 0.2638 0.2256 0.3087 0.0243  -0.0286 0.0007  73   GLY A C   
570 O O   . GLY A 73 ? 0.2644 0.3504 0.3156 0.0194  -0.0482 -0.0087 73   GLY A O   
571 N N   . THR A 74 ? 0.2664 0.2559 0.2545 0.0410  -0.0391 0.0005  74   THR A N   
572 C CA  . THR A 74 ? 0.2784 0.2560 0.2362 0.0276  -0.0260 0.0133  74   THR A CA  
573 C C   . THR A 74 ? 0.2501 0.2554 0.2320 0.0329  -0.0235 0.0108  74   THR A C   
574 O O   . THR A 74 ? 0.2962 0.2520 0.2239 0.0272  -0.0390 -0.0040 74   THR A O   
575 C CB  . THR A 74 ? 0.3029 0.2712 0.2970 -0.0005 0.0110  0.0039  74   THR A CB  
576 O OG1 . THR A 74 ? 0.3918 0.2670 0.3812 -0.0075 0.0202  0.0301  74   THR A OG1 
577 C CG2 . THR A 74 ? 0.3014 0.3397 0.2506 0.0244  0.0012  0.0240  74   THR A CG2 
578 N N   . VAL A 75 ? 0.2307 0.2532 0.2176 0.0355  -0.0357 0.0240  75   VAL A N   
579 C CA  . VAL A 75 ? 0.2493 0.2576 0.2257 0.0204  -0.0206 0.0046  75   VAL A CA  
580 C C   . VAL A 75 ? 0.2730 0.2689 0.1847 0.0290  -0.0297 0.0035  75   VAL A C   
581 O O   . VAL A 75 ? 0.3058 0.3082 0.2124 0.0587  -0.0195 0.0386  75   VAL A O   
582 C CB  . VAL A 75 ? 0.3065 0.3293 0.2988 -0.0568 0.0093  -0.0108 75   VAL A CB  
583 C CG1 . VAL A 75 ? 0.2925 0.3247 0.4096 -0.0520 -0.0011 -0.0080 75   VAL A CG1 
584 C CG2 . VAL A 75 ? 0.2564 0.4371 0.3484 -0.0098 0.0059  -0.0202 75   VAL A CG2 
585 N N   . LEU A 76 ? 0.2588 0.2506 0.2021 0.0199  -0.0176 0.0125  76   LEU A N   
586 C CA  . LEU A 76 ? 0.2704 0.2402 0.1614 0.0211  -0.0233 0.0282  76   LEU A CA  
587 C C   . LEU A 76 ? 0.3134 0.2393 0.1852 0.0275  -0.0583 0.0186  76   LEU A C   
588 O O   . LEU A 76 ? 0.4732 0.2712 0.2019 -0.0643 -0.0890 0.0327  76   LEU A O   
589 C CB  . LEU A 76 ? 0.2621 0.2478 0.1779 0.0257  -0.0157 0.0246  76   LEU A CB  
590 C CG  . LEU A 76 ? 0.2598 0.2542 0.2231 -0.0011 -0.0087 0.0274  76   LEU A CG  
591 C CD1 . LEU A 76 ? 0.2292 0.2978 0.2724 0.0046  -0.0097 0.0000  76   LEU A CD1 
592 C CD2 . LEU A 76 ? 0.3416 0.3159 0.2570 -0.0669 -0.0286 0.0751  76   LEU A CD2 
593 N N   . VAL A 77 ? 0.2741 0.2493 0.1916 0.0125  -0.0283 0.0081  77   VAL A N   
594 C CA  . VAL A 77 ? 0.2705 0.2605 0.2097 0.0057  -0.0308 -0.0063 77   VAL A CA  
595 C C   . VAL A 77 ? 0.3163 0.2678 0.1828 0.0243  -0.0257 -0.0029 77   VAL A C   
596 O O   . VAL A 77 ? 0.3492 0.2785 0.1924 0.0190  -0.0036 0.0040  77   VAL A O   
597 C CB  . VAL A 77 ? 0.3268 0.2619 0.2326 0.0265  -0.0779 0.0020  77   VAL A CB  
598 C CG1 . VAL A 77 ? 0.3667 0.3180 0.2506 0.0006  -0.1034 -0.0292 77   VAL A CG1 
599 C CG2 . VAL A 77 ? 0.2979 0.2744 0.3250 0.0318  -0.0598 0.0019  77   VAL A CG2 
600 N N   . GLY A 78 ? 0.3383 0.2469 0.1947 0.0052  0.0132  -0.0163 78   GLY A N   
601 C CA  . GLY A 78 ? 0.3313 0.2782 0.2284 0.0334  -0.0029 -0.0218 78   GLY A CA  
602 C C   . GLY A 78 ? 0.3643 0.2604 0.2101 0.0290  0.0104  -0.0370 78   GLY A C   
603 O O   . GLY A 78 ? 0.3928 0.2877 0.2573 0.0502  0.0488  -0.0205 78   GLY A O   
604 N N   . PRO A 79 ? 0.4067 0.2619 0.2326 0.0438  0.0403  -0.0281 79   PRO A N   
605 C CA  . PRO A 79 ? 0.4695 0.2527 0.2246 0.0458  0.0236  -0.0462 79   PRO A CA  
606 C C   . PRO A 79 ? 0.4216 0.3738 0.2531 0.0845  0.0474  0.0286  79   PRO A C   
607 O O   . PRO A 79 ? 0.5460 0.5229 0.3462 0.2354  0.0187  -0.0064 79   PRO A O   
608 C CB  . PRO A 79 ? 0.4450 0.2958 0.2874 0.0535  0.0515  -0.0714 79   PRO A CB  
609 C CG  . PRO A 79 ? 0.4416 0.2832 0.3084 0.0661  0.0550  -0.0577 79   PRO A CG  
610 C CD  . PRO A 79 ? 0.4520 0.3124 0.2468 0.0967  0.0710  0.0048  79   PRO A CD  
611 N N   . THR A 80 ? 0.3550 0.4908 0.2250 0.0340  0.0017  -0.0122 80   THR A N   
612 C CA  . THR A 80 ? 0.3698 0.3911 0.2337 0.0529  -0.0028 -0.0232 80   THR A CA  
613 C C   . THR A 80 ? 0.4871 0.3575 0.2239 0.0210  -0.0163 -0.0709 80   THR A C   
614 O O   . THR A 80 ? 0.4719 0.3589 0.2622 0.0085  0.0083  -0.0754 80   THR A O   
615 C CB  . THR A 80 ? 0.2837 0.3377 0.2409 0.0199  -0.0113 -0.0139 80   THR A CB  
616 O OG1 . THR A 80 ? 0.2606 0.3032 0.2414 0.0365  -0.0045 -0.0162 80   THR A OG1 
617 C CG2 . THR A 80 ? 0.2711 0.3936 0.1983 -0.0043 -0.0134 0.0086  80   THR A CG2 
618 N N   . PRO A 81 ? 0.4538 0.3204 0.2531 0.0868  0.0624  -0.0759 81   PRO A N   
619 C CA  . PRO A 81 ? 0.5349 0.3074 0.2809 0.0768  0.0837  -0.0923 81   PRO A CA  
620 C C   . PRO A 81 ? 0.4161 0.2784 0.2909 0.0144  0.0347  -0.1162 81   PRO A C   
621 O O   . PRO A 81 ? 0.5109 0.2735 0.3448 -0.0266 0.0264  -0.0887 81   PRO A O   
622 C CB  . PRO A 81 ? 0.5665 0.2998 0.4296 0.1641  0.1464  -0.0533 81   PRO A CB  
623 C CG  . PRO A 81 ? 0.4625 0.3251 0.5639 0.1827  0.0292  0.0459  81   PRO A CG  
624 C CD  . PRO A 81 ? 0.4141 0.3415 0.4526 0.1533  0.0777  0.0031  81   PRO A CD  
625 N N   . VAL A 82 ? 0.3697 0.2533 0.2139 0.0279  0.0245  -0.0700 82   VAL A N   
626 C CA  . VAL A 82 ? 0.2903 0.2556 0.2133 0.0477  0.0072  -0.0441 82   VAL A CA  
627 C C   . VAL A 82 ? 0.2504 0.2478 0.2202 0.0200  0.0327  -0.0061 82   VAL A C   
628 O O   . VAL A 82 ? 0.2245 0.2710 0.2721 0.0027  0.0197  -0.0463 82   VAL A O   
629 C CB  . VAL A 82 ? 0.3837 0.2717 0.2035 0.0684  -0.0015 -0.0225 82   VAL A CB  
630 C CG1 . VAL A 82 ? 0.3573 0.3271 0.1948 0.0449  -0.0229 -0.0355 82   VAL A CG1 
631 C CG2 . VAL A 82 ? 0.4415 0.3350 0.3261 0.1356  -0.0657 -0.0275 82   VAL A CG2 
632 N N   . ASN A 83 ? 0.2414 0.2120 0.2522 -0.0081 0.0205  -0.0231 83   ASN A N   
633 C CA  . ASN A 83 ? 0.2071 0.2048 0.2160 -0.0245 -0.0002 -0.0226 83   ASN A CA  
634 C C   . ASN A 83 ? 0.2102 0.1885 0.2075 -0.0140 -0.0115 0.0046  83   ASN A C   
635 O O   . ASN A 83 ? 0.2296 0.2198 0.2112 -0.0136 0.0110  0.0069  83   ASN A O   
636 C CB  . ASN A 83 ? 0.2053 0.2564 0.2283 -0.0274 0.0019  -0.0215 83   ASN A CB  
637 C CG  . ASN A 83 ? 0.2740 0.2969 0.2108 -0.0524 -0.0461 0.0099  83   ASN A CG  
638 O OD1 . ASN A 83 ? 0.4051 0.3453 0.2200 -0.1324 -0.0096 -0.0266 83   ASN A OD1 
639 N ND2 . ASN A 83 ? 0.2983 0.3251 0.2750 -0.0809 -0.0552 0.0069  83   ASN A ND2 
640 N N   . ILE A 84 ? 0.1985 0.1758 0.2025 0.0003  -0.0201 -0.0068 84   ILE A N   
641 C CA  . ILE A 84 ? 0.2147 0.1853 0.2000 0.0032  -0.0208 -0.0090 84   ILE A CA  
642 C C   . ILE A 84 ? 0.2143 0.1815 0.1785 -0.0061 -0.0126 -0.0018 84   ILE A C   
643 O O   . ILE A 84 ? 0.2515 0.1953 0.2082 0.0043  0.0305  0.0191  84   ILE A O   
644 C CB  . ILE A 84 ? 0.2111 0.2795 0.2140 0.0092  -0.0331 -0.0561 84   ILE A CB  
645 C CG1 . ILE A 84 ? 0.2163 0.3235 0.4068 0.0398  -0.0260 -0.1777 84   ILE A CG1 
646 C CG2 . ILE A 84 ? 0.2361 0.2833 0.2783 0.0141  -0.0589 -0.0873 84   ILE A CG2 
647 C CD1 . ILE A 84 ? 0.2794 0.4373 0.5979 0.0637  0.0874  -0.0686 84   ILE A CD1 
648 N N   . ILE A 85 ? 0.2085 0.1801 0.1865 0.0003  -0.0083 0.0126  85   ILE A N   
649 C CA  . ILE A 85 ? 0.1987 0.1806 0.1871 0.0091  -0.0073 0.0133  85   ILE A CA  
650 C C   . ILE A 85 ? 0.1889 0.1772 0.1886 0.0108  -0.0031 0.0110  85   ILE A C   
651 O O   . ILE A 85 ? 0.2305 0.1933 0.2105 0.0001  -0.0285 0.0302  85   ILE A O   
652 C CB  . ILE A 85 ? 0.1970 0.1876 0.2341 -0.0010 -0.0011 0.0121  85   ILE A CB  
653 C CG1 . ILE A 85 ? 0.2254 0.2270 0.2683 -0.0220 -0.0232 -0.0058 85   ILE A CG1 
654 C CG2 . ILE A 85 ? 0.2264 0.2271 0.2666 0.0368  -0.0141 -0.0444 85   ILE A CG2 
655 C CD1 . ILE A 85 ? 0.2773 0.2945 0.2689 -0.0117 -0.0452 0.0139  85   ILE A CD1 
656 N N   . GLY A 86 ? 0.2011 0.1805 0.1916 0.0026  0.0052  0.0069  86   GLY A N   
657 C CA  . GLY A 86 ? 0.2134 0.1734 0.2269 0.0075  -0.0097 -0.0046 86   GLY A CA  
658 C C   . GLY A 86 ? 0.1909 0.1639 0.1925 0.0077  -0.0223 0.0170  86   GLY A C   
659 O O   . GLY A 86 ? 0.1972 0.1863 0.2263 0.0185  -0.0188 0.0032  86   GLY A O   
660 N N   . ARG A 87 ? 0.2099 0.1913 0.1995 -0.0006 -0.0237 -0.0043 87   ARG A N   
661 C CA  . ARG A 87 ? 0.2624 0.1811 0.1965 0.0008  -0.0309 -0.0024 87   ARG A CA  
662 C C   . ARG A 87 ? 0.2222 0.1892 0.2332 -0.0007 0.0010  0.0308  87   ARG A C   
663 O O   . ARG A 87 ? 0.2537 0.2262 0.2328 0.0215  -0.0249 -0.0200 87   ARG A O   
664 C CB  . ARG A 87 ? 0.2406 0.1745 0.1884 0.0018  -0.0114 0.0045  87   ARG A CB  
665 C CG  . ARG A 87 ? 0.2710 0.1699 0.2168 0.0154  -0.0363 0.0118  87   ARG A CG  
666 C CD  . ARG A 87 ? 0.2593 0.2516 0.2037 0.0066  -0.0295 0.0070  87   ARG A CD  
667 N NE  . ARG A 87 ? 0.2599 0.2293 0.2409 0.0092  -0.0180 0.0023  87   ARG A NE  
668 C CZ  . ARG A 87 ? 0.2507 0.2298 0.2613 -0.0081 -0.0363 0.0065  87   ARG A CZ  
669 N NH1 . ARG A 87 ? 0.2983 0.2334 0.2881 0.0110  -0.0242 0.0167  87   ARG A NH1 
670 N NH2 . ARG A 87 ? 0.2804 0.2711 0.2942 -0.0321 -0.0085 -0.0082 87   ARG A NH2 
671 N N   . ASN A 88 ? 0.2523 0.1701 0.2318 0.0132  -0.0014 0.0264  88   ASN A N   
672 C CA  . ASN A 88 ? 0.2733 0.1884 0.2478 0.0016  -0.0259 0.0323  88   ASN A CA  
673 C C   . ASN A 88 ? 0.2659 0.1893 0.2509 0.0233  -0.0261 0.0074  88   ASN A C   
674 O O   . ASN A 88 ? 0.3058 0.1894 0.2906 0.0494  -0.0423 -0.0100 88   ASN A O   
675 C CB  . ASN A 88 ? 0.2631 0.2023 0.2301 0.0223  -0.0399 0.0312  88   ASN A CB  
676 C CG  . ASN A 88 ? 0.2462 0.2425 0.2994 0.0750  -0.0536 -0.0430 88   ASN A CG  
677 O OD1 . ASN A 88 ? 0.2885 0.3469 0.2610 -0.0127 -0.0546 0.0220  88   ASN A OD1 
678 N ND2 . ASN A 88 ? 0.1907 0.2525 0.2080 0.0183  -0.0145 -0.0479 88   ASN A ND2 
679 N N   . LEU A 89 ? 0.2312 0.1828 0.2593 0.0340  -0.0348 -0.0027 89   LEU A N   
680 C CA  . LEU A 89 ? 0.2378 0.1968 0.2459 0.0358  -0.0134 0.0101  89   LEU A CA  
681 C C   . LEU A 89 ? 0.2651 0.2083 0.2486 0.0507  -0.0067 0.0079  89   LEU A C   
682 O O   . LEU A 89 ? 0.2576 0.2420 0.2596 0.0489  0.0009  -0.0085 89   LEU A O   
683 C CB  . LEU A 89 ? 0.2157 0.2614 0.2639 0.0174  -0.0159 -0.0207 89   LEU A CB  
684 C CG  . LEU A 89 ? 0.2093 0.3034 0.2621 -0.0087 -0.0126 -0.0102 89   LEU A CG  
685 C CD1 . LEU A 89 ? 0.2316 0.3551 0.2957 0.0395  -0.0390 -0.0763 89   LEU A CD1 
686 C CD2 . LEU A 89 ? 0.4341 0.2909 0.3939 0.0247  -0.1351 0.0244  89   LEU A CD2 
687 N N   . LEU A 90 ? 0.2709 0.1794 0.2188 0.0373  -0.0173 -0.0232 90   LEU A N   
688 C CA  . LEU A 90 ? 0.2527 0.1853 0.2300 0.0360  -0.0100 -0.0101 90   LEU A CA  
689 C C   . LEU A 90 ? 0.2948 0.1844 0.2081 0.0487  0.0124  0.0039  90   LEU A C   
690 O O   . LEU A 90 ? 0.3141 0.2508 0.2237 0.0422  0.0340  -0.0082 90   LEU A O   
691 C CB  . LEU A 90 ? 0.2350 0.2027 0.2257 0.0432  0.0041  -0.0104 90   LEU A CB  
692 C CG  . LEU A 90 ? 0.2532 0.1821 0.2346 0.0392  0.0041  0.0066  90   LEU A CG  
693 C CD1 . LEU A 90 ? 0.2827 0.2047 0.2502 0.0544  -0.0170 0.0112  90   LEU A CD1 
694 C CD2 . LEU A 90 ? 0.2760 0.2128 0.2675 0.0179  0.0267  0.0000  90   LEU A CD2 
695 N N   . THR A 91 ? 0.2487 0.1905 0.2402 0.0479  -0.0063 -0.0251 91   THR A N   
696 C CA  . THR A 91 ? 0.2925 0.1923 0.2456 0.0586  -0.0254 -0.0421 91   THR A CA  
697 C C   . THR A 91 ? 0.3113 0.2172 0.2433 0.0836  -0.0081 -0.0303 91   THR A C   
698 O O   . THR A 91 ? 0.3277 0.3008 0.2947 0.1237  -0.0308 -0.0830 91   THR A O   
699 C CB  . THR A 91 ? 0.3242 0.1856 0.2466 0.0572  -0.0160 -0.0291 91   THR A CB  
700 O OG1 . THR A 91 ? 0.3496 0.2356 0.2405 0.0387  -0.0427 -0.0234 91   THR A OG1 
701 C CG2 . THR A 91 ? 0.3209 0.2025 0.2791 0.0190  -0.0568 -0.0309 91   THR A CG2 
702 N N   . GLN A 92 ? 0.2999 0.2589 0.2641 0.0808  -0.0356 -0.0407 92   GLN A N   
703 C CA  . GLN A 92 ? 0.3282 0.2677 0.3244 0.0955  -0.0524 -0.0173 92   GLN A CA  
704 C C   . GLN A 92 ? 0.2945 0.3491 0.3429 0.1055  -0.0500 0.0048  92   GLN A C   
705 O O   . GLN A 92 ? 0.3203 0.3905 0.3754 0.1419  -0.0606 -0.0355 92   GLN A O   
706 C CB  . GLN A 92 ? 0.2867 0.3010 0.3212 0.1072  -0.0632 -0.0213 92   GLN A CB  
707 C CG  . GLN A 92 ? 0.3528 0.2886 0.3277 0.0605  -0.0544 -0.0198 92   GLN A CG  
708 C CD  . GLN A 92 ? 0.3877 0.3019 0.3841 0.0536  -0.0915 -0.0590 92   GLN A CD  
709 O OE1 . GLN A 92 ? 0.5054 0.3163 0.3820 0.1219  -0.0984 0.0024  92   GLN A OE1 
710 N NE2 . GLN A 92 ? 0.4092 0.4442 0.3865 -0.0318 -0.0356 -0.1263 92   GLN A NE2 
711 N N   . ILE A 93 ? 0.2890 0.3285 0.2781 0.0893  -0.0187 -0.0210 93   ILE A N   
712 C CA  . ILE A 93 ? 0.2409 0.3692 0.3258 0.1066  -0.0181 -0.0083 93   ILE A CA  
713 C C   . ILE A 93 ? 0.2950 0.3424 0.3146 0.1002  0.0003  0.0256  93   ILE A C   
714 O O   . ILE A 93 ? 0.3485 0.3613 0.3829 0.1111  0.0541  0.0475  93   ILE A O   
715 C CB  . ILE A 93 ? 0.3007 0.3578 0.3151 0.0761  0.0057  0.0236  93   ILE A CB  
716 C CG1 . ILE A 93 ? 0.2557 0.3000 0.3063 0.0242  -0.0143 0.0084  93   ILE A CG1 
717 C CG2 . ILE A 93 ? 0.2565 0.3943 0.3526 0.0530  -0.0602 -0.0113 93   ILE A CG2 
718 C CD1 . ILE A 93 ? 0.3218 0.2880 0.4330 0.0099  -0.0564 0.0066  93   ILE A CD1 
719 N N   . GLY A 94 ? 0.3136 0.3407 0.2980 0.1151  0.0138  -0.0396 94   GLY A N   
720 C CA  . GLY A 94 ? 0.4223 0.3229 0.3035 0.1702  0.0018  -0.0470 94   GLY A CA  
721 C C   . GLY A 94 ? 0.3962 0.3197 0.2961 0.1536  0.0451  -0.0205 94   GLY A C   
722 O O   . GLY A 94 ? 0.4268 0.4418 0.2983 0.1962  0.0589  -0.0034 94   GLY A O   
723 N N   . ALA A 95 ? 0.3380 0.2712 0.2834 0.1031  0.0420  0.0011  95   ALA A N   
724 C CA  . ALA A 95 ? 0.3381 0.2839 0.2634 0.1100  0.0332  -0.0020 95   ALA A CA  
725 C C   . ALA A 95 ? 0.3166 0.3115 0.2712 0.1035  0.0494  0.0027  95   ALA A C   
726 O O   . ALA A 95 ? 0.3453 0.3619 0.3166 0.0649  0.0196  0.0464  95   ALA A O   
727 C CB  . ALA A 95 ? 0.3632 0.3346 0.2625 0.1598  0.0317  -0.0080 95   ALA A CB  
728 N N   . THR A 96 ? 0.3203 0.3211 0.2706 0.0809  0.0216  0.0098  96   THR A N   
729 C CA  . THR A 96 ? 0.3017 0.2767 0.2989 0.0710  0.0192  0.0017  96   THR A CA  
730 C C   . THR A 96 ? 0.2830 0.2626 0.2306 0.0376  0.0221  -0.0118 96   THR A C   
731 O O   . THR A 96 ? 0.2836 0.2814 0.3169 0.0317  0.0194  0.0097  96   THR A O   
732 C CB  . THR A 96 ? 0.3476 0.2842 0.3100 0.0771  0.0122  -0.0231 96   THR A CB  
733 O OG1 . THR A 96 ? 0.4033 0.3705 0.2989 0.0697  0.0596  -0.0010 96   THR A OG1 
734 C CG2 . THR A 96 ? 0.3773 0.2936 0.3882 0.1051  0.0247  -0.0182 96   THR A CG2 
735 N N   . LEU A 97 ? 0.2715 0.2859 0.2114 0.0440  0.0315  0.0191  97   LEU A N   
736 C CA  . LEU A 97 ? 0.3169 0.2710 0.2436 0.0480  0.0217  0.0186  97   LEU A CA  
737 C C   . LEU A 97 ? 0.4001 0.2770 0.2384 0.0668  -0.0172 0.0357  97   LEU A C   
738 O O   . LEU A 97 ? 0.5121 0.3337 0.2527 -0.0012 -0.0016 -0.0027 97   LEU A O   
739 C CB  . LEU A 97 ? 0.3117 0.2562 0.3880 0.0692  0.0222  0.0447  97   LEU A CB  
740 C CG  . LEU A 97 ? 0.2728 0.4222 0.5255 -0.0369 0.1136  -0.1121 97   LEU A CG  
741 C CD1 . LEU A 97 ? 0.2662 0.6517 0.5022 -0.0634 0.1008  -0.2121 97   LEU A CD1 
742 C CD2 . LEU A 97 ? 0.2939 0.3648 0.4082 0.0191  0.0750  -0.1185 97   LEU A CD2 
743 N N   . ASN A 98 ? 0.3321 0.3079 0.2565 0.0751  0.0778  0.0041  98   ASN A N   
744 C CA  . ASN A 98 ? 0.4033 0.3606 0.2600 0.0816  0.0771  -0.0222 98   ASN A CA  
745 C C   . ASN A 98 ? 0.4125 0.3840 0.2588 0.0728  0.0791  0.0095  98   ASN A C   
746 O O   . ASN A 98 ? 0.4131 0.3825 0.2713 0.0742  0.0272  0.0224  98   ASN A O   
747 C CB  . ASN A 98 ? 0.4074 0.5520 0.2038 0.1189  0.0958  0.0110  98   ASN A CB  
748 C CG  . ASN A 98 ? 0.4230 0.5943 0.3011 0.1708  0.0992  0.0313  98   ASN A CG  
749 O OD1 . ASN A 98 ? 0.6203 0.6478 0.4306 0.2655  0.0737  -0.0315 98   ASN A OD1 
750 N ND2 . ASN A 98 ? 0.4641 0.7469 0.3208 0.3252  0.1018  0.0982  98   ASN A ND2 
751 N N   . PHE A 99 ? 0.4843 0.3843 0.2889 0.0763  0.0426  0.0006  99   PHE A N   
752 C CA  . PHE A 99 ? 0.5012 0.4360 0.3247 0.0987  0.0135  0.0280  99   PHE A CA  
753 C C   . PHE A 99 ? 0.6320 0.5073 0.2737 0.1110  0.0886  0.0304  99   PHE A C   
754 O O   . PHE A 99 ? 0.6506 0.6030 0.2843 0.1116  0.1057  0.0655  99   PHE A O   
755 C CB  . PHE A 99 ? 0.4710 0.4068 0.2533 0.0629  -0.0116 0.0151  99   PHE A CB  
756 C CG  . PHE A 99 ? 0.4993 0.3933 0.3038 0.0429  0.0043  -0.0002 99   PHE A CG  
757 C CD1 . PHE A 99 ? 0.5591 0.4210 0.3098 0.0359  0.0493  0.0050  99   PHE A CD1 
758 C CD2 . PHE A 99 ? 0.4750 0.5077 0.3355 0.0306  0.0094  -0.0305 99   PHE A CD2 
759 C CE1 . PHE A 99 ? 0.5464 0.4704 0.3014 0.0298  0.0460  -0.0047 99   PHE A CE1 
760 C CE2 . PHE A 99 ? 0.4696 0.5350 0.3494 0.0394  0.0152  0.0176  99   PHE A CE2 
761 C CZ  . PHE A 99 ? 0.5914 0.4856 0.3879 0.0141  -0.0203 0.0505  99   PHE A CZ  
762 O OXT . PHE A 99 ? 0.8464 0.5129 0.3357 0.1587  0.0827  -0.0254 99   PHE A OXT 
763 O O   . HOH B .  ? 0.2687 0.2028 0.3058 -0.0355 -0.0068 0.0309  1001 HOH A O   
764 O O   . HOH B .  ? 0.2746 0.3179 0.2967 0.0483  -0.0065 0.1025  1002 HOH A O   
765 O O   . HOH B .  ? 0.3002 0.2913 0.4067 0.0150  -0.0584 -0.0022 1003 HOH A O   
766 O O   . HOH B .  ? 0.3902 0.2747 0.2745 0.0396  -0.0403 0.0161  1004 HOH A O   
767 O O   . HOH B .  ? 0.3448 0.3107 0.4366 -0.0556 -0.0045 0.0147  1005 HOH A O   
768 O O   . HOH B .  ? 0.3758 0.2976 0.3267 0.0359  -0.0359 0.0139  1006 HOH A O   
769 O O   . HOH B .  ? 0.5084 0.3287 0.3554 0.1132  -0.0368 0.0037  1007 HOH A O   
770 O O   . HOH B .  ? 0.4035 0.3569 0.4714 -0.0373 -0.0374 0.0598  1008 HOH A O   
771 O O   . HOH B .  ? 0.3915 0.3896 0.3653 0.0350  -0.0696 -0.0686 1009 HOH A O   
772 O O   . HOH B .  ? 0.5347 0.3653 0.4077 -0.1475 -0.1489 0.0898  1010 HOH A O   
773 O O   . HOH B .  ? 0.5188 0.6755 0.4832 -0.3044 -0.2142 0.1177  1011 HOH A O   
774 O O   . HOH B .  ? 0.4058 0.4646 0.3364 0.0762  -0.0553 0.0564  1012 HOH A O   
775 O O   . HOH B .  ? 0.4820 0.5425 0.6701 -0.0394 -0.0051 0.1275  1013 HOH A O   
776 O O   . HOH B .  ? 0.4481 0.3347 0.5488 0.0500  0.0437  0.1390  1014 HOH A O   
777 O O   . HOH B .  ? 0.5219 0.3666 0.5063 -0.0085 -0.1822 -0.0559 1015 HOH A O   
778 O O   . HOH B .  ? 0.5939 0.7033 0.5041 0.3497  0.1147  0.0840  1016 HOH A O   
779 O O   . HOH B .  ? 0.5887 0.6403 0.6309 0.1696  -0.2214 0.0552  1017 HOH A O   
780 O O   . HOH B .  ? 0.5439 0.3887 0.6744 -0.0237 -0.0463 -0.1073 1018 HOH A O   
781 O O   . HOH B .  ? 0.4772 0.2990 0.5975 -0.0405 -0.0558 -0.0711 1019 HOH A O   
782 O O   . HOH B .  ? 0.6900 0.7314 0.3242 0.2032  -0.0753 -0.0382 1020 HOH A O   
783 O O   . HOH B .  ? 0.4379 0.5294 0.5241 -0.1433 -0.0189 0.1725  1021 HOH A O   
784 O O   . HOH B .  ? 0.2867 0.7712 0.4902 -0.1182 0.1389  0.0242  1022 HOH A O   
785 O O   . HOH B .  ? 0.7986 0.5212 0.3780 0.0787  0.1252  0.0823  1023 HOH A O   
786 O O   . HOH B .  ? 0.3966 0.3779 0.6714 0.0097  0.1719  -0.0129 1024 HOH A O   
787 O O   . HOH B .  ? 0.4347 0.7717 0.5650 0.2635  0.0298  0.1885  1025 HOH A O   
788 O O   . HOH B .  ? 0.3514 0.5973 0.8746 0.0167  -0.1436 -0.2763 1026 HOH A O   
789 O O   . HOH B .  ? 0.4376 0.7329 0.7087 0.0955  0.1978  0.2212  1027 HOH A O   
790 O O   . HOH B .  ? 0.7541 0.4087 0.4558 -0.1008 0.0561  0.0631  1028 HOH A O   
791 O O   . HOH B .  ? 0.9541 1.0485 0.7027 0.3652  -0.2409 -0.5563 1029 HOH A O   
792 O O   . HOH B .  ? 0.5284 0.4120 0.3916 -0.0640 -0.0178 -0.0914 1030 HOH A O   
793 O O   . HOH B .  ? 0.4184 0.4598 0.4607 -0.0266 -0.1091 0.0406  1031 HOH A O   
794 O O   . HOH B .  ? 0.4670 0.5095 1.2283 -0.2465 -0.1281 -0.1725 1032 HOH A O   
795 O O   . HOH B .  ? 0.6233 0.2217 0.4265 -0.1205 -0.0592 0.0419  1033 HOH A O   
796 O O   . HOH B .  ? 1.2381 0.3487 0.6630 0.1001  0.2031  0.1905  1035 HOH A O   
797 O O   . HOH B .  ? 0.7697 1.1290 0.5626 -0.0882 -0.0596 -0.4754 1036 HOH A O   
798 O O   . HOH B .  ? 0.5367 0.4937 0.6558 -0.1476 -0.1652 0.0526  1037 HOH A O   
799 O O   . HOH B .  ? 0.4994 0.5563 0.5885 -0.0385 -0.0904 -0.0019 1038 HOH A O   
800 O O   . HOH B .  ? 0.5473 0.5078 0.3322 -0.0361 -0.0108 -0.0670 1039 HOH A O   
801 O O   . HOH B .  ? 0.7027 0.9393 0.4534 -0.1829 -0.0234 0.0429  1040 HOH A O   
802 O O   . HOH B .  ? 0.6942 0.4093 0.4216 0.0828  -0.1079 -0.0619 1041 HOH A O   
803 O O   . HOH B .  ? 0.6125 1.1053 0.5148 0.4852  0.1990  0.2997  1042 HOH A O   
804 O O   . HOH B .  ? 0.8438 0.4032 0.4371 0.3172  -0.1760 -0.0849 1043 HOH A O   
805 O O   . HOH B .  ? 0.4527 0.6227 0.5615 -0.0885 0.0719  -0.1173 1044 HOH A O   
806 O O   . HOH B .  ? 0.3680 0.8383 0.5140 -0.0121 -0.0306 -0.2448 1045 HOH A O   
807 O O   . HOH B .  ? 0.5064 1.0180 0.7017 -0.2382 0.0624  -0.1479 1046 HOH A O   
808 O O   . HOH B .  ? 0.3032 0.3992 0.7916 -0.0304 -0.1119 -0.0463 1047 HOH A O   
809 O O   . HOH B .  ? 1.0121 0.4313 0.4014 0.2818  0.2110  0.0550  1048 HOH A O   
810 O O   . HOH B .  ? 1.2274 0.8211 0.5703 0.7836  -0.4905 -0.3661 1049 HOH A O   
811 O O   . HOH B .  ? 0.3767 1.0218 0.4764 0.0058  -0.0261 -0.2467 1050 HOH A O   
812 O O   . HOH B .  ? 0.8452 0.8556 0.4602 -0.5887 -0.1579 0.3105  1052 HOH A O   
813 O O   . HOH B .  ? 0.5292 0.3156 0.9302 0.0952  0.1708  0.0117  1053 HOH A O   
814 O O   . HOH B .  ? 0.5277 1.1628 0.4876 0.2645  -0.0687 -0.0173 1054 HOH A O   
815 O O   . HOH B .  ? 0.3366 0.8864 1.2435 -0.1677 -0.2135 0.6568  1055 HOH A O   
816 O O   . HOH B .  ? 0.7567 0.5576 0.6452 0.1315  0.3093  0.1764  1056 HOH A O   
817 O O   . HOH B .  ? 0.9032 0.4437 0.5146 -0.1092 -0.1024 -0.0096 1057 HOH A O   
818 O O   . HOH B .  ? 0.8056 0.5273 0.4396 0.2035  -0.0642 0.0702  1059 HOH A O   
819 O O   . HOH B .  ? 0.5035 0.5986 0.6319 0.2266  0.2030  0.1316  1060 HOH A O   
820 O O   . HOH B .  ? 1.1182 0.5271 0.7205 0.2350  0.1769  0.1174  1061 HOH A O   
821 O O   . HOH B .  ? 0.8419 1.1225 0.8646 0.5326  -0.5774 -0.5734 1062 HOH A O   
822 O O   . HOH B .  ? 0.3039 0.7715 0.7230 0.0553  -0.0337 0.2605  1063 HOH A O   
823 O O   . HOH B .  ? 0.6707 0.7317 0.9198 -0.2057 -0.2433 0.1077  1064 HOH A O   
824 O O   . HOH B .  ? 0.6253 0.5856 0.3070 0.0636  0.0184  0.0000  1065 HOH A O   
825 O O   . HOH B .  ? 0.4187 0.5410 0.7212 0.0221  0.0056  0.0707  1066 HOH A O   
826 O O   . HOH B .  ? 0.5616 0.6939 1.3286 -0.2252 0.3768  -0.6308 1067 HOH A O   
827 O O   . HOH B .  ? 0.3446 0.3863 0.4325 -0.0579 -0.0694 0.0292  1068 HOH A O   
828 O O   . HOH B .  ? 0.6256 0.2184 1.3878 0.0143  0.0003  -0.2317 1069 HOH A O   
829 O O   . HOH B .  ? 0.5664 0.4580 0.4131 -0.1231 -0.0346 0.0973  1070 HOH A O   
830 O O   . HOH B .  ? 0.6874 0.5310 0.4335 0.0723  0.0032  0.0189  1072 HOH A O   
831 O O   . HOH B .  ? 0.7472 0.6646 0.4279 -0.2143 -0.1493 0.0552  1073 HOH A O   
832 O O   . HOH B .  ? 0.3597 0.8618 0.4767 -0.0657 -0.1019 -0.0662 1074 HOH A O   
833 O O   . HOH B .  ? 0.7723 0.5017 0.3189 0.0547  -0.1179 -0.0472 1076 HOH A O   
834 O O   . HOH B .  ? 0.3543 1.2234 0.5893 -0.0712 0.1440  0.4720  1077 HOH A O   
835 O O   . HOH B .  ? 0.4403 0.7762 1.0234 -0.0130 -0.0766 -0.2093 1078 HOH A O   
836 O O   . HOH B .  ? 1.1875 0.3520 0.6080 0.0834  0.1510  -0.0249 1079 HOH A O   
837 O O   . HOH B .  ? 0.8237 0.7892 0.6457 -0.1531 -0.0947 0.4750  1080 HOH A O   
838 O O   . HOH B .  ? 1.0505 0.9132 0.4140 -0.0163 -0.1482 0.0754  1081 HOH A O   
839 O O   . HOH B .  ? 0.4626 0.8327 1.5089 0.2642  -0.3901 -0.1124 1082 HOH A O   
840 O O   . HOH B .  ? 0.4193 0.5105 1.0323 -0.0999 -0.2135 0.2581  1083 HOH A O   
841 O O   . HOH B .  ? 0.5446 0.5594 0.7105 -0.0628 -0.1903 0.1256  1084 HOH A O   
842 O O   . HOH B .  ? 0.7131 0.3767 1.1745 -0.1493 -0.3595 0.1971  1085 HOH A O   
843 O O   . HOH B .  ? 0.5548 0.7543 0.4900 0.0609  -0.1910 -0.0148 1086 HOH A O   
844 O O   . HOH B .  ? 0.5956 0.6733 0.6634 -0.3279 0.2648  -0.3936 1087 HOH A O   
845 O O   . HOH B .  ? 0.8378 0.5800 0.4997 0.3320  0.1504  0.1383  1088 HOH A O   
846 O O   . HOH B .  ? 0.8319 1.5648 0.4179 -0.7389 -0.1961 0.4137  1089 HOH A O   
847 O O   . HOH B .  ? 0.5621 1.5963 0.7234 -0.1781 0.0392  0.7666  1090 HOH A O   
848 O O   . HOH B .  ? 0.7747 0.6419 0.4028 0.2101  -0.0172 0.2997  1091 HOH A O   
849 O O   . HOH B .  ? 0.4362 0.4748 1.5160 0.0172  0.0986  0.3075  1092 HOH A O   
850 O O   . HOH B .  ? 0.3274 0.6919 0.3802 -0.0352 -0.1171 0.0740  1093 HOH A O   
851 O O   . HOH B .  ? 0.7458 0.7364 0.6236 0.2981  -0.0472 0.0851  1094 HOH A O   
852 O O   . HOH B .  ? 0.7349 0.6992 0.3081 0.4311  -0.1056 -0.1262 1095 HOH A O   
853 O O   . HOH B .  ? 1.0278 0.2569 0.7100 -0.1602 -0.0098 0.0702  1097 HOH A O   
# 
